data_8POE
#
_entry.id   8POE
#
_cell.length_a   1.00
_cell.length_b   1.00
_cell.length_c   1.00
_cell.angle_alpha   90.00
_cell.angle_beta   90.00
_cell.angle_gamma   90.00
#
_symmetry.space_group_name_H-M   'P 1'
#
_entity_poly.entity_id   1
_entity_poly.type   'polypeptide(L)'
_entity_poly.pdbx_seq_one_letter_code
;DYKDDDDKDYKDDDDKDYKDDDDKHHHHHHENLYFQGVSRMGWGGRRRRLGRWGDLGPGSVPLLPMPLPPPPPPSCRGPG
GGRISIFSLSPAPHTRSSPSSFSPPTAGPPCSVLQGTGASQSCHSALPIPATPPTQAQPAMTPASASPSWGSHSTPPLAP
ATPTPSQQCPQDSPGLRVGPLIPEQDYERLEDCDPEGSQDSPIHGEEQQPLLHVPEGLRGSWHHIQNLDSFFTKIYSYHQ
RNGFACILLEDVFQLGQFIFIVTFTTFLLRCVDYNVLFANQPSNHTRPGPFHSKVTLSDAILPSAQCAERIRSSPLLVLL
LVLAAGFWLVQLLRSVCNLFSYWDIQVFYREALHIPPEELSSVPWAEVQSRLLALQRSGGLCVQPRPLTELDIHHRILRY
TNYQVALANKGLLPARCPLPWGGSAAFLSRGLALNVDLLLFRGPFSLFRGGWELPHAYKRSDQRGALAARWGRTVLLLAA
LNLALSPLVLAWQVLHVFYSHVELLRREPGALGARGWSRLARLQLRHFNELPHELRARLARAYRPAAAFLRTAAPPAPLR
TLLARQLVFFAGALFAALLVLTVYDEDVLAVEHVLTAMTALGVTATVARSFIPEEQCQGRAPQLLLQTALAHMHYLPEEP
GPGGRDRAYRQMAQLLQYRAVSLLEELLSPLLTPLFLLFWFRPRALEIIDFFHHFTVDVAGVGDICSFALMDVKRHGHPQ
WLSAGQTEASLSQRAEDGKTELSLMRFSLAHPLWRPPGHSSKFLGHLWGRVQQDAAAWGATSARGPSTPGVLSNCTSPLP
EAFLANLFVHPLLPPRDLSPTAPCPAAATASLLASISRIAQDPSSVSPGGTGGQKLAQLPELASAEMSLHVIYLHQLHQQ
QQQQEPWGEAAASILSRPCSSPSQPPSPDEEKPSWSSDGSSPASSPRQQWGTQKARNLFPGGFQVTTDTQKEPDRASCTD
;
_entity_poly.pdbx_strand_id   A,B,C
#
# COMPACT_ATOMS: atom_id res chain seq x y z
N ASN A 227 -45.32 -10.30 25.26
CA ASN A 227 -44.94 -10.97 24.03
C ASN A 227 -43.83 -12.00 24.30
N LEU A 228 -44.15 -13.27 24.07
CA LEU A 228 -43.19 -14.34 24.35
C LEU A 228 -41.95 -14.21 23.49
N ASP A 229 -42.12 -13.91 22.20
CA ASP A 229 -40.97 -13.75 21.31
C ASP A 229 -40.08 -12.59 21.73
N SER A 230 -40.69 -11.51 22.23
CA SER A 230 -39.93 -10.33 22.61
C SER A 230 -38.92 -10.64 23.71
N PHE A 231 -39.25 -11.54 24.62
CA PHE A 231 -38.33 -11.89 25.70
C PHE A 231 -37.03 -12.45 25.14
N PHE A 232 -37.13 -13.46 24.27
CA PHE A 232 -35.94 -14.04 23.68
C PHE A 232 -35.23 -13.05 22.77
N THR A 233 -35.98 -12.24 22.04
CA THR A 233 -35.36 -11.23 21.17
C THR A 233 -34.53 -10.26 21.99
N LYS A 234 -35.05 -9.82 23.14
CA LYS A 234 -34.32 -8.88 23.97
C LYS A 234 -33.13 -9.54 24.67
N ILE A 235 -33.27 -10.80 25.09
CA ILE A 235 -32.12 -11.48 25.69
C ILE A 235 -31.02 -11.68 24.66
N TYR A 236 -31.38 -11.81 23.38
CA TYR A 236 -30.38 -11.86 22.32
C TYR A 236 -29.75 -10.50 22.07
N SER A 237 -30.58 -9.45 22.00
CA SER A 237 -30.08 -8.13 21.67
C SER A 237 -29.18 -7.57 22.77
N TYR A 238 -29.47 -7.89 24.03
CA TYR A 238 -28.62 -7.42 25.12
C TYR A 238 -27.19 -7.94 24.96
N HIS A 239 -27.05 -9.24 24.68
CA HIS A 239 -25.72 -9.79 24.46
C HIS A 239 -25.09 -9.22 23.20
N GLN A 240 -25.88 -9.05 22.14
CA GLN A 240 -25.30 -8.60 20.88
C GLN A 240 -24.85 -7.15 20.94
N ARG A 241 -25.46 -6.35 21.80
CA ARG A 241 -25.00 -4.99 22.06
C ARG A 241 -23.99 -4.94 23.21
N ASN A 242 -23.62 -6.11 23.74
CA ASN A 242 -22.52 -6.30 24.69
C ASN A 242 -22.35 -5.14 25.67
N GLY A 243 -23.42 -4.88 26.42
CA GLY A 243 -23.39 -3.89 27.48
C GLY A 243 -24.64 -3.04 27.57
N PHE A 244 -25.23 -3.00 28.76
CA PHE A 244 -26.40 -2.14 29.00
C PHE A 244 -26.03 -0.67 28.86
N ALA A 245 -24.90 -0.27 29.45
CA ALA A 245 -24.43 1.10 29.30
C ALA A 245 -24.17 1.43 27.84
N CYS A 246 -23.73 0.45 27.05
CA CYS A 246 -23.54 0.67 25.63
C CYS A 246 -24.86 1.03 24.95
N ILE A 247 -25.93 0.31 25.28
CA ILE A 247 -27.24 0.61 24.70
C ILE A 247 -27.70 1.99 25.13
N LEU A 248 -27.56 2.30 26.42
CA LEU A 248 -28.02 3.60 26.92
C LEU A 248 -27.28 4.74 26.23
N LEU A 249 -25.95 4.64 26.14
CA LEU A 249 -25.16 5.67 25.48
C LEU A 249 -25.52 5.77 24.00
N GLU A 250 -25.67 4.63 23.33
CA GLU A 250 -26.02 4.67 21.91
C GLU A 250 -27.34 5.38 21.68
N ASP A 251 -28.34 5.08 22.50
CA ASP A 251 -29.64 5.72 22.34
C ASP A 251 -29.58 7.21 22.62
N VAL A 252 -28.98 7.59 23.77
CA VAL A 252 -28.98 9.00 24.14
C VAL A 252 -28.16 9.80 23.13
N PHE A 253 -27.08 9.23 22.60
CA PHE A 253 -26.27 9.93 21.63
C PHE A 253 -26.90 9.93 20.24
N GLN A 254 -27.78 8.96 19.93
CA GLN A 254 -28.54 9.06 18.69
C GLN A 254 -29.57 10.18 18.76
N LEU A 255 -30.22 10.33 19.91
CA LEU A 255 -31.14 11.45 20.10
C LEU A 255 -30.38 12.78 20.03
N GLY A 256 -29.21 12.86 20.68
CA GLY A 256 -28.37 14.03 20.54
C GLY A 256 -27.93 14.25 19.11
N GLN A 257 -27.66 13.17 18.38
CA GLN A 257 -27.40 13.24 16.94
C GLN A 257 -28.49 13.99 16.21
N PHE A 258 -29.73 13.51 16.35
CA PHE A 258 -30.82 14.10 15.56
C PHE A 258 -31.05 15.57 15.95
N ILE A 259 -30.99 15.87 17.25
CA ILE A 259 -31.19 17.25 17.67
C ILE A 259 -30.06 18.13 17.16
N PHE A 260 -28.83 17.61 17.14
CA PHE A 260 -27.71 18.39 16.63
C PHE A 260 -27.88 18.67 15.14
N ILE A 261 -28.29 17.67 14.36
CA ILE A 261 -28.46 17.90 12.92
C ILE A 261 -29.51 18.97 12.69
N VAL A 262 -30.65 18.87 13.36
CA VAL A 262 -31.72 19.85 13.10
C VAL A 262 -31.29 21.25 13.54
N THR A 263 -30.69 21.37 14.73
CA THR A 263 -30.34 22.70 15.22
C THR A 263 -29.21 23.32 14.40
N PHE A 264 -28.23 22.51 13.98
CA PHE A 264 -27.13 23.05 13.19
C PHE A 264 -27.61 23.46 11.81
N THR A 265 -28.48 22.67 11.19
CA THR A 265 -29.01 23.06 9.88
C THR A 265 -29.80 24.36 9.97
N THR A 266 -30.69 24.47 10.96
CA THR A 266 -31.48 25.69 11.06
C THR A 266 -30.62 26.88 11.47
N PHE A 267 -29.54 26.65 12.23
CA PHE A 267 -28.65 27.74 12.60
C PHE A 267 -27.89 28.25 11.37
N LEU A 268 -27.35 27.34 10.56
CA LEU A 268 -26.63 27.77 9.37
C LEU A 268 -27.57 28.44 8.38
N LEU A 269 -28.82 28.00 8.31
CA LEU A 269 -29.76 28.61 7.39
C LEU A 269 -30.30 29.95 7.89
N ARG A 270 -30.34 30.16 9.21
CA ARG A 270 -31.01 31.34 9.76
C ARG A 270 -30.15 32.20 10.67
N CYS A 271 -28.84 32.01 10.69
CA CYS A 271 -27.99 32.90 11.48
C CYS A 271 -26.76 33.35 10.70
N VAL A 272 -26.38 32.60 9.67
CA VAL A 272 -25.21 32.94 8.89
C VAL A 272 -25.53 34.13 7.98
N ASP A 273 -24.74 35.18 8.08
CA ASP A 273 -24.89 36.37 7.24
C ASP A 273 -23.79 36.35 6.19
N TYR A 274 -24.19 36.13 4.93
CA TYR A 274 -23.21 36.09 3.85
C TYR A 274 -22.65 37.47 3.53
N ASN A 275 -23.41 38.53 3.82
CA ASN A 275 -22.99 39.88 3.46
C ASN A 275 -21.70 40.27 4.17
N VAL A 276 -21.66 40.12 5.49
CA VAL A 276 -20.48 40.51 6.25
C VAL A 276 -19.33 39.54 5.99
N LEU A 277 -19.63 38.25 5.89
CA LEU A 277 -18.57 37.26 5.73
C LEU A 277 -17.88 37.39 4.38
N PHE A 278 -18.64 37.66 3.32
CA PHE A 278 -18.06 37.76 1.98
C PHE A 278 -17.24 39.03 1.78
N ALA A 279 -17.32 39.98 2.70
CA ALA A 279 -16.62 41.26 2.64
C ALA A 279 -16.97 42.07 1.39
N ASN A 280 -18.15 41.87 0.84
CA ASN A 280 -18.57 42.59 -0.36
C ASN A 280 -19.35 43.87 -0.01
N VAL A 295 -11.54 38.51 9.96
CA VAL A 295 -12.58 38.96 10.87
C VAL A 295 -13.05 37.81 11.75
N THR A 296 -13.12 38.06 13.06
CA THR A 296 -13.53 37.03 14.00
C THR A 296 -14.98 36.62 13.75
N LEU A 297 -15.24 35.31 13.82
CA LEU A 297 -16.58 34.79 13.58
C LEU A 297 -17.55 35.31 14.63
N SER A 298 -17.09 35.51 15.87
CA SER A 298 -17.97 36.04 16.91
C SER A 298 -18.49 37.42 16.54
N ASP A 299 -17.62 38.27 16.00
CA ASP A 299 -18.07 39.56 15.50
C ASP A 299 -19.05 39.40 14.34
N ALA A 300 -18.80 38.41 13.47
CA ALA A 300 -19.71 38.15 12.36
C ALA A 300 -21.06 37.63 12.83
N ILE A 301 -21.16 37.09 14.04
CA ILE A 301 -22.43 36.60 14.55
C ILE A 301 -23.34 37.78 14.81
N LEU A 302 -24.54 37.76 14.21
CA LEU A 302 -25.49 38.82 14.38
C LEU A 302 -26.15 38.72 15.76
N PRO A 303 -26.70 39.82 16.27
CA PRO A 303 -27.37 39.78 17.58
C PRO A 303 -28.55 38.82 17.57
N SER A 304 -28.82 38.25 18.75
CA SER A 304 -29.88 37.25 18.87
C SER A 304 -31.24 37.82 18.48
N ALA A 305 -31.47 39.10 18.73
CA ALA A 305 -32.75 39.70 18.35
C ALA A 305 -32.96 39.66 16.85
N GLN A 306 -31.93 40.00 16.08
CA GLN A 306 -32.03 39.95 14.63
C GLN A 306 -32.34 38.53 14.15
N CYS A 307 -31.71 37.54 14.78
CA CYS A 307 -32.06 36.14 14.50
C CYS A 307 -33.52 35.88 14.84
N ALA A 308 -34.05 36.55 15.87
CA ALA A 308 -35.46 36.35 16.21
C ALA A 308 -36.37 36.85 15.11
N GLU A 309 -36.16 38.09 14.62
CA GLU A 309 -37.01 38.53 13.51
C GLU A 309 -36.78 37.67 12.26
N ARG A 310 -35.54 37.25 12.00
CA ARG A 310 -35.27 36.47 10.80
C ARG A 310 -35.98 35.11 10.84
N ILE A 311 -36.00 34.46 12.01
CA ILE A 311 -36.72 33.19 12.12
C ILE A 311 -38.23 33.43 12.11
N ARG A 312 -38.66 34.61 12.57
CA ARG A 312 -40.08 34.96 12.46
C ARG A 312 -40.50 35.25 11.03
N SER A 313 -39.55 35.59 10.16
CA SER A 313 -39.89 36.07 8.82
C SER A 313 -40.68 35.04 8.02
N SER A 314 -40.42 33.75 8.21
CA SER A 314 -41.07 32.74 7.40
C SER A 314 -41.90 31.79 8.25
N PRO A 315 -43.11 31.43 7.79
CA PRO A 315 -43.95 30.50 8.57
C PRO A 315 -43.66 29.04 8.31
N LEU A 316 -43.11 28.73 7.13
CA LEU A 316 -42.83 27.34 6.78
C LEU A 316 -41.79 26.74 7.73
N LEU A 317 -40.76 27.53 8.08
CA LEU A 317 -39.75 27.06 9.01
C LEU A 317 -40.34 26.70 10.35
N VAL A 318 -41.36 27.43 10.80
CA VAL A 318 -42.00 27.12 12.07
C VAL A 318 -42.65 25.75 12.02
N LEU A 319 -43.36 25.45 10.93
CA LEU A 319 -43.98 24.13 10.79
C LEU A 319 -42.93 23.04 10.71
N LEU A 320 -41.85 23.28 9.97
CA LEU A 320 -40.78 22.28 9.90
C LEU A 320 -40.19 22.01 11.29
N LEU A 321 -39.93 23.07 12.05
CA LEU A 321 -39.34 22.91 13.37
C LEU A 321 -40.29 22.20 14.33
N VAL A 322 -41.58 22.53 14.29
CA VAL A 322 -42.51 21.88 15.22
C VAL A 322 -42.69 20.41 14.85
N LEU A 323 -42.69 20.08 13.55
CA LEU A 323 -42.75 18.68 13.15
C LEU A 323 -41.51 17.92 13.60
N ALA A 324 -40.33 18.55 13.45
CA ALA A 324 -39.10 17.91 13.91
C ALA A 324 -39.14 17.69 15.42
N ALA A 325 -39.63 18.68 16.17
CA ALA A 325 -39.72 18.53 17.62
C ALA A 325 -40.69 17.42 18.01
N GLY A 326 -41.82 17.32 17.30
CA GLY A 326 -42.74 16.23 17.56
C GLY A 326 -42.12 14.87 17.30
N PHE A 327 -41.41 14.73 16.18
CA PHE A 327 -40.73 13.47 15.90
C PHE A 327 -39.70 13.16 16.97
N TRP A 328 -38.94 14.18 17.39
CA TRP A 328 -37.92 13.98 18.40
C TRP A 328 -38.53 13.52 19.72
N LEU A 329 -39.65 14.12 20.13
CA LEU A 329 -40.26 13.74 21.41
C LEU A 329 -40.88 12.35 21.34
N VAL A 330 -41.49 12.00 20.20
CA VAL A 330 -42.04 10.65 20.06
C VAL A 330 -40.92 9.61 20.15
N GLN A 331 -39.82 9.85 19.44
CA GLN A 331 -38.71 8.91 19.52
C GLN A 331 -38.10 8.90 20.91
N LEU A 332 -38.09 10.05 21.59
CA LEU A 332 -37.62 10.09 22.98
C LEU A 332 -38.46 9.20 23.87
N LEU A 333 -39.78 9.30 23.75
CA LEU A 333 -40.66 8.47 24.58
C LEU A 333 -40.47 6.99 24.29
N ARG A 334 -40.38 6.64 22.99
CA ARG A 334 -40.16 5.24 22.64
C ARG A 334 -38.84 4.73 23.19
N SER A 335 -37.79 5.55 23.11
CA SER A 335 -36.48 5.14 23.60
C SER A 335 -36.47 4.99 25.11
N VAL A 336 -37.16 5.88 25.82
CA VAL A 336 -37.28 5.74 27.28
C VAL A 336 -37.98 4.43 27.62
N CYS A 337 -39.05 4.10 26.90
CA CYS A 337 -39.72 2.83 27.12
C CYS A 337 -38.77 1.66 26.89
N ASN A 338 -38.00 1.73 25.80
CA ASN A 338 -37.07 0.64 25.48
C ASN A 338 -36.03 0.46 26.57
N LEU A 339 -35.39 1.54 27.00
CA LEU A 339 -34.34 1.42 28.01
C LEU A 339 -34.91 1.02 29.36
N PHE A 340 -36.11 1.50 29.69
CA PHE A 340 -36.77 1.10 30.93
C PHE A 340 -37.03 -0.40 30.94
N SER A 341 -37.49 -0.94 29.81
CA SER A 341 -37.67 -2.38 29.72
C SER A 341 -36.32 -3.11 29.83
N TYR A 342 -35.30 -2.60 29.12
CA TYR A 342 -34.03 -3.31 29.05
C TYR A 342 -33.33 -3.35 30.40
N TRP A 343 -33.52 -2.33 31.24
CA TRP A 343 -32.88 -2.35 32.56
C TRP A 343 -33.42 -3.50 33.39
N ASP A 344 -34.74 -3.68 33.42
CA ASP A 344 -35.30 -4.81 34.17
C ASP A 344 -34.95 -6.13 33.51
N ILE A 345 -34.80 -6.15 32.18
CA ILE A 345 -34.33 -7.36 31.52
C ILE A 345 -32.95 -7.74 32.01
N GLN A 346 -32.05 -6.76 32.11
CA GLN A 346 -30.70 -7.04 32.60
C GLN A 346 -30.72 -7.44 34.07
N VAL A 347 -31.60 -6.83 34.86
CA VAL A 347 -31.71 -7.21 36.27
C VAL A 347 -32.16 -8.66 36.39
N PHE A 348 -33.16 -9.07 35.60
CA PHE A 348 -33.60 -10.46 35.60
C PHE A 348 -32.48 -11.38 35.13
N TYR A 349 -31.72 -10.95 34.12
CA TYR A 349 -30.58 -11.73 33.64
C TYR A 349 -29.58 -11.97 34.76
N ARG A 350 -29.24 -10.91 35.50
CA ARG A 350 -28.31 -11.03 36.61
C ARG A 350 -28.86 -11.94 37.69
N GLU A 351 -30.14 -11.79 38.04
CA GLU A 351 -30.72 -12.61 39.10
C GLU A 351 -30.74 -14.08 38.70
N ALA A 352 -31.07 -14.38 37.45
CA ALA A 352 -31.18 -15.76 37.01
C ALA A 352 -29.81 -16.43 36.84
N LEU A 353 -28.84 -15.72 36.25
CA LEU A 353 -27.59 -16.36 35.84
C LEU A 353 -26.34 -15.76 36.46
N HIS A 354 -26.36 -14.49 36.88
CA HIS A 354 -25.29 -13.86 37.65
C HIS A 354 -23.96 -13.86 36.87
N ILE A 355 -23.95 -13.12 35.77
CA ILE A 355 -22.74 -12.78 35.04
C ILE A 355 -22.52 -11.29 35.15
N PRO A 356 -21.38 -10.84 35.66
CA PRO A 356 -21.14 -9.40 35.80
C PRO A 356 -21.01 -8.73 34.45
N PRO A 357 -21.19 -7.40 34.38
CA PRO A 357 -21.14 -6.72 33.07
C PRO A 357 -19.79 -6.85 32.37
N GLU A 358 -18.70 -6.94 33.13
CA GLU A 358 -17.38 -7.05 32.51
C GLU A 358 -17.16 -8.43 31.90
N GLU A 359 -17.86 -9.45 32.38
CA GLU A 359 -17.70 -10.81 31.88
C GLU A 359 -18.58 -11.13 30.69
N LEU A 360 -19.50 -10.22 30.31
CA LEU A 360 -20.40 -10.51 29.19
C LEU A 360 -19.64 -10.65 27.88
N SER A 361 -18.64 -9.80 27.65
CA SER A 361 -17.90 -9.85 26.39
C SER A 361 -17.13 -11.15 26.24
N SER A 362 -16.68 -11.74 27.34
CA SER A 362 -15.91 -12.97 27.27
C SER A 362 -16.76 -14.19 26.92
N VAL A 363 -18.05 -14.15 27.19
CA VAL A 363 -18.91 -15.31 26.93
C VAL A 363 -19.17 -15.40 25.43
N PRO A 364 -18.98 -16.56 24.81
CA PRO A 364 -19.24 -16.72 23.37
C PRO A 364 -20.69 -16.98 23.00
N TRP A 365 -21.63 -16.71 23.92
CA TRP A 365 -23.07 -16.84 23.72
C TRP A 365 -23.52 -18.29 23.65
N ALA A 366 -22.58 -19.23 23.56
CA ALA A 366 -22.95 -20.63 23.68
C ALA A 366 -23.25 -21.00 25.12
N GLU A 367 -22.43 -20.48 26.05
CA GLU A 367 -22.70 -20.70 27.46
C GLU A 367 -24.00 -20.05 27.89
N VAL A 368 -24.42 -18.98 27.21
CA VAL A 368 -25.72 -18.38 27.50
C VAL A 368 -26.82 -19.38 27.21
N GLN A 369 -26.76 -20.04 26.06
CA GLN A 369 -27.73 -21.07 25.72
C GLN A 369 -27.66 -22.23 26.70
N SER A 370 -26.44 -22.64 27.09
CA SER A 370 -26.30 -23.74 28.04
C SER A 370 -26.92 -23.39 29.39
N ARG A 371 -26.69 -22.17 29.87
CA ARG A 371 -27.27 -21.73 31.13
C ARG A 371 -28.78 -21.66 31.06
N LEU A 372 -29.34 -21.17 29.94
CA LEU A 372 -30.78 -21.18 29.78
C LEU A 372 -31.33 -22.59 29.79
N LEU A 373 -30.65 -23.51 29.09
CA LEU A 373 -31.05 -24.92 29.13
C LEU A 373 -31.09 -25.43 30.56
N ALA A 374 -30.01 -25.21 31.31
CA ALA A 374 -29.97 -25.63 32.71
C ALA A 374 -31.09 -25.00 33.51
N LEU A 375 -31.49 -23.78 33.15
CA LEU A 375 -32.62 -23.15 33.83
C LEU A 375 -33.91 -23.90 33.55
N GLN A 376 -34.11 -24.36 32.31
CA GLN A 376 -35.28 -25.20 32.05
C GLN A 376 -35.18 -26.52 32.81
N ARG A 377 -34.00 -27.13 32.86
CA ARG A 377 -33.85 -28.37 33.62
C ARG A 377 -34.10 -28.14 35.10
N SER A 378 -33.69 -26.99 35.63
CA SER A 378 -33.93 -26.65 37.02
C SER A 378 -35.31 -26.04 37.26
N GLY A 379 -36.12 -25.88 36.21
CA GLY A 379 -37.45 -25.32 36.36
C GLY A 379 -37.48 -23.86 36.77
N GLY A 380 -36.65 -23.02 36.13
CA GLY A 380 -36.67 -21.60 36.43
C GLY A 380 -38.00 -20.96 36.13
N LEU A 381 -38.59 -21.30 34.98
CA LEU A 381 -39.91 -20.82 34.60
C LEU A 381 -40.70 -21.95 33.97
N CYS A 382 -42.03 -21.84 34.05
CA CYS A 382 -42.93 -22.85 33.49
C CYS A 382 -43.28 -22.50 32.04
N VAL A 383 -42.25 -22.50 31.20
CA VAL A 383 -42.43 -22.21 29.77
C VAL A 383 -42.70 -23.56 29.10
N GLN A 384 -43.97 -23.96 29.13
CA GLN A 384 -44.49 -25.23 28.61
C GLN A 384 -43.95 -26.41 29.41
N PRO A 385 -44.74 -27.49 29.55
CA PRO A 385 -44.24 -28.66 30.29
C PRO A 385 -43.00 -29.27 29.66
N ARG A 386 -42.89 -29.25 28.33
CA ARG A 386 -41.74 -29.83 27.64
C ARG A 386 -40.62 -28.80 27.56
N PRO A 387 -39.41 -29.13 28.02
CA PRO A 387 -38.34 -28.13 28.05
C PRO A 387 -37.98 -27.62 26.67
N LEU A 388 -37.66 -26.33 26.60
CA LEU A 388 -37.36 -25.70 25.32
C LEU A 388 -36.10 -26.27 24.70
N THR A 389 -36.16 -26.57 23.41
CA THR A 389 -35.04 -27.11 22.66
C THR A 389 -34.43 -26.02 21.78
N GLU A 390 -33.23 -26.31 21.26
CA GLU A 390 -32.48 -25.30 20.52
C GLU A 390 -33.25 -24.81 19.29
N LEU A 391 -33.87 -25.73 18.57
CA LEU A 391 -34.64 -25.36 17.39
C LEU A 391 -35.78 -24.42 17.75
N ASP A 392 -36.45 -24.67 18.87
CA ASP A 392 -37.55 -23.81 19.30
C ASP A 392 -37.04 -22.42 19.68
N ILE A 393 -35.91 -22.35 20.39
CA ILE A 393 -35.33 -21.07 20.75
C ILE A 393 -34.98 -20.27 19.50
N HIS A 394 -34.40 -20.93 18.49
CA HIS A 394 -34.10 -20.25 17.25
C HIS A 394 -35.36 -19.77 16.55
N HIS A 395 -36.38 -20.64 16.48
CA HIS A 395 -37.59 -20.31 15.73
C HIS A 395 -38.32 -19.12 16.34
N ARG A 396 -38.46 -19.11 17.67
CA ARG A 396 -39.23 -18.07 18.33
C ARG A 396 -38.61 -16.69 18.13
N ILE A 397 -37.35 -16.62 17.69
CA ILE A 397 -36.70 -15.34 17.45
C ILE A 397 -36.69 -15.07 15.95
N LEU A 398 -36.60 -16.13 15.15
CA LEU A 398 -36.28 -15.98 13.73
C LEU A 398 -37.43 -16.33 12.80
N ARG A 399 -38.66 -16.39 13.30
CA ARG A 399 -39.80 -16.71 12.42
C ARG A 399 -39.91 -15.71 11.27
N TYR A 400 -39.73 -14.42 11.54
CA TYR A 400 -39.89 -13.41 10.50
C TYR A 400 -38.78 -13.51 9.46
N THR A 401 -37.55 -13.78 9.90
CA THR A 401 -36.47 -13.99 8.95
C THR A 401 -36.72 -15.22 8.09
N ASN A 402 -37.26 -16.30 8.69
CA ASN A 402 -37.58 -17.48 7.89
C ASN A 402 -38.62 -17.16 6.83
N TYR A 403 -39.69 -16.45 7.21
CA TYR A 403 -40.70 -16.09 6.22
C TYR A 403 -40.12 -15.20 5.13
N GLN A 404 -39.28 -14.24 5.51
CA GLN A 404 -38.72 -13.33 4.50
C GLN A 404 -37.77 -14.06 3.57
N VAL A 405 -36.97 -14.99 4.10
CA VAL A 405 -36.06 -15.77 3.25
C VAL A 405 -36.85 -16.65 2.29
N ALA A 406 -37.91 -17.30 2.78
CA ALA A 406 -38.74 -18.11 1.88
C ALA A 406 -39.38 -17.25 0.80
N LEU A 407 -39.89 -16.09 1.18
CA LEU A 407 -40.56 -15.21 0.21
C LEU A 407 -39.56 -14.67 -0.80
N ALA A 408 -38.31 -14.45 -0.40
CA ALA A 408 -37.30 -13.96 -1.33
C ALA A 408 -36.86 -15.07 -2.28
N ASN A 409 -36.65 -16.29 -1.76
CA ASN A 409 -36.27 -17.39 -2.63
C ASN A 409 -37.40 -17.82 -3.54
N LYS A 410 -38.65 -17.48 -3.21
CA LYS A 410 -39.72 -17.68 -4.17
C LYS A 410 -39.56 -16.76 -5.38
N GLY A 411 -39.01 -15.57 -5.18
CA GLY A 411 -38.74 -14.64 -6.26
C GLY A 411 -39.64 -13.43 -6.30
N LEU A 412 -40.31 -13.10 -5.20
CA LEU A 412 -41.30 -12.01 -5.22
C LEU A 412 -40.73 -10.73 -4.64
N LEU A 413 -39.99 -10.81 -3.54
CA LEU A 413 -39.51 -9.64 -2.83
C LEU A 413 -38.61 -8.72 -3.65
N PRO A 414 -37.51 -9.20 -4.25
CA PRO A 414 -36.61 -8.27 -4.94
C PRO A 414 -37.27 -7.74 -6.21
N ALA A 415 -37.59 -6.44 -6.19
CA ALA A 415 -38.21 -5.80 -7.34
C ALA A 415 -37.31 -5.93 -8.57
N ARG A 416 -37.92 -6.31 -9.69
CA ARG A 416 -37.19 -6.68 -10.90
C ARG A 416 -37.79 -6.01 -12.13
N CYS A 417 -37.92 -4.69 -12.07
CA CYS A 417 -38.45 -3.94 -13.20
C CYS A 417 -37.57 -4.17 -14.43
N PRO A 418 -38.15 -4.51 -15.58
CA PRO A 418 -37.33 -4.81 -16.76
C PRO A 418 -36.69 -3.55 -17.33
N LEU A 419 -35.44 -3.68 -17.74
CA LEU A 419 -34.76 -2.57 -18.39
C LEU A 419 -35.30 -2.40 -19.81
N PRO A 420 -35.27 -1.18 -20.36
CA PRO A 420 -35.74 -1.00 -21.74
C PRO A 420 -34.91 -1.74 -22.76
N TRP A 421 -33.58 -1.61 -22.70
CA TRP A 421 -32.73 -2.34 -23.63
C TRP A 421 -32.66 -3.82 -23.27
N GLY A 422 -32.69 -4.13 -21.99
CA GLY A 422 -32.64 -5.51 -21.53
C GLY A 422 -31.89 -5.60 -20.21
N GLY A 423 -32.19 -6.66 -19.48
CA GLY A 423 -31.57 -6.92 -18.19
C GLY A 423 -32.56 -6.76 -17.04
N SER A 424 -32.10 -7.16 -15.86
CA SER A 424 -32.90 -7.11 -14.65
C SER A 424 -32.26 -6.14 -13.66
N ALA A 425 -33.10 -5.38 -12.97
CA ALA A 425 -32.66 -4.41 -11.96
C ALA A 425 -33.15 -4.87 -10.61
N ALA A 426 -32.36 -4.59 -9.57
CA ALA A 426 -32.69 -4.94 -8.20
C ALA A 426 -32.77 -3.69 -7.35
N PHE A 427 -33.83 -3.58 -6.54
CA PHE A 427 -34.05 -2.41 -5.69
C PHE A 427 -34.52 -2.88 -4.32
N LEU A 428 -33.62 -2.84 -3.34
CA LEU A 428 -33.91 -3.29 -1.98
C LEU A 428 -33.39 -2.27 -0.97
N SER A 429 -33.74 -1.01 -1.17
CA SER A 429 -33.38 0.02 -0.22
C SER A 429 -34.11 -0.20 1.10
N ARG A 430 -33.65 0.50 2.14
CA ARG A 430 -34.22 0.31 3.47
C ARG A 430 -35.69 0.73 3.50
N GLY A 431 -36.07 1.70 2.68
CA GLY A 431 -37.45 2.15 2.67
C GLY A 431 -38.42 1.05 2.24
N LEU A 432 -38.08 0.33 1.17
CA LEU A 432 -38.94 -0.75 0.71
C LEU A 432 -39.02 -1.87 1.73
N ALA A 433 -37.89 -2.20 2.37
CA ALA A 433 -37.88 -3.23 3.41
C ALA A 433 -38.77 -2.83 4.58
N LEU A 434 -38.67 -1.56 5.00
CA LEU A 434 -39.53 -1.08 6.08
C LEU A 434 -40.99 -1.13 5.68
N ASN A 435 -41.30 -0.78 4.44
CA ASN A 435 -42.68 -0.85 3.97
C ASN A 435 -43.19 -2.29 4.00
N VAL A 436 -42.38 -3.23 3.53
CA VAL A 436 -42.80 -4.64 3.55
C VAL A 436 -43.01 -5.12 4.99
N ASP A 437 -42.11 -4.73 5.89
CA ASP A 437 -42.23 -5.13 7.29
C ASP A 437 -43.50 -4.56 7.90
N LEU A 438 -43.79 -3.29 7.63
CA LEU A 438 -44.99 -2.67 8.19
C LEU A 438 -46.25 -3.26 7.58
N LEU A 439 -46.16 -3.73 6.34
CA LEU A 439 -47.32 -4.33 5.68
C LEU A 439 -47.61 -5.75 6.15
N LEU A 440 -46.56 -6.57 6.33
CA LEU A 440 -46.72 -8.01 6.50
C LEU A 440 -46.62 -8.47 7.94
N PHE A 441 -45.68 -7.94 8.72
CA PHE A 441 -45.32 -8.53 10.01
C PHE A 441 -45.68 -7.64 11.19
N ARG A 442 -45.18 -6.41 11.23
CA ARG A 442 -45.32 -5.55 12.40
C ARG A 442 -46.22 -4.36 12.08
N GLY A 443 -47.14 -4.05 12.98
CA GLY A 443 -48.00 -2.90 12.83
C GLY A 443 -49.46 -3.23 13.05
N PRO A 444 -50.31 -2.22 13.07
CA PRO A 444 -51.75 -2.48 13.23
C PRO A 444 -52.41 -2.98 11.96
N PHE A 445 -51.94 -2.57 10.79
CA PHE A 445 -52.47 -3.04 9.52
C PHE A 445 -51.80 -4.30 9.02
N SER A 446 -50.89 -4.87 9.80
CA SER A 446 -50.18 -6.07 9.41
C SER A 446 -51.12 -7.27 9.31
N LEU A 447 -50.76 -8.22 8.45
CA LEU A 447 -51.44 -9.51 8.45
C LEU A 447 -51.20 -10.23 9.77
N PHE A 448 -49.98 -10.16 10.28
CA PHE A 448 -49.62 -10.73 11.58
C PHE A 448 -49.78 -9.65 12.64
N ARG A 449 -51.01 -9.49 13.12
CA ARG A 449 -51.27 -8.54 14.20
C ARG A 449 -50.66 -9.10 15.48
N GLY A 450 -49.47 -8.61 15.82
CA GLY A 450 -48.72 -9.11 16.96
C GLY A 450 -47.76 -10.22 16.67
N GLY A 451 -47.90 -10.89 15.52
CA GLY A 451 -46.97 -11.93 15.13
C GLY A 451 -47.02 -13.20 15.94
N TRP A 452 -48.14 -13.48 16.61
CA TRP A 452 -48.24 -14.70 17.39
C TRP A 452 -48.73 -15.87 16.53
N GLU A 453 -49.82 -15.68 15.80
CA GLU A 453 -50.40 -16.74 14.99
C GLU A 453 -51.04 -16.14 13.74
N LEU A 454 -51.15 -16.99 12.72
CA LEU A 454 -51.88 -16.61 11.52
C LEU A 454 -53.37 -16.64 11.79
N PRO A 455 -54.11 -15.57 11.50
CA PRO A 455 -55.56 -15.59 11.70
C PRO A 455 -56.23 -16.68 10.88
N HIS A 456 -57.27 -17.26 11.46
CA HIS A 456 -57.97 -18.37 10.81
C HIS A 456 -58.69 -17.94 9.54
N ALA A 457 -58.90 -16.64 9.33
CA ALA A 457 -59.63 -16.18 8.16
C ALA A 457 -58.91 -16.53 6.87
N TYR A 458 -57.57 -16.47 6.88
CA TYR A 458 -56.82 -16.72 5.66
C TYR A 458 -56.71 -18.20 5.34
N LYS A 459 -57.07 -19.08 6.28
CA LYS A 459 -57.05 -20.51 6.00
C LYS A 459 -58.15 -20.90 5.02
N ARG A 460 -59.30 -20.23 5.10
CA ARG A 460 -60.43 -20.56 4.23
C ARG A 460 -60.09 -20.29 2.77
N SER A 461 -60.40 -21.26 1.92
CA SER A 461 -60.07 -21.15 0.50
C SER A 461 -61.02 -20.22 -0.25
N ASP A 462 -62.30 -20.15 0.16
CA ASP A 462 -63.29 -19.42 -0.61
C ASP A 462 -63.17 -17.91 -0.43
N GLN A 463 -62.57 -17.44 0.67
CA GLN A 463 -62.50 -16.01 0.97
C GLN A 463 -61.28 -15.33 0.38
N ARG A 464 -60.47 -16.05 -0.41
CA ARG A 464 -59.20 -15.51 -0.87
C ARG A 464 -59.38 -14.28 -1.74
N GLY A 465 -60.40 -14.26 -2.59
CA GLY A 465 -60.63 -13.10 -3.44
C GLY A 465 -60.97 -11.86 -2.63
N ALA A 466 -61.87 -11.98 -1.66
CA ALA A 466 -62.22 -10.86 -0.81
C ALA A 466 -61.00 -10.38 -0.01
N LEU A 467 -60.20 -11.31 0.50
CA LEU A 467 -59.02 -10.92 1.25
C LEU A 467 -58.00 -10.23 0.35
N ALA A 468 -57.88 -10.68 -0.90
CA ALA A 468 -57.00 -10.01 -1.84
C ALA A 468 -57.48 -8.59 -2.15
N ALA A 469 -58.80 -8.41 -2.28
CA ALA A 469 -59.33 -7.06 -2.49
C ALA A 469 -59.04 -6.17 -1.30
N ARG A 470 -59.21 -6.70 -0.08
CA ARG A 470 -58.88 -5.94 1.11
C ARG A 470 -57.40 -5.57 1.13
N TRP A 471 -56.53 -6.51 0.76
CA TRP A 471 -55.10 -6.22 0.73
C TRP A 471 -54.79 -5.16 -0.33
N GLY A 472 -55.49 -5.19 -1.46
CA GLY A 472 -55.30 -4.15 -2.45
C GLY A 472 -55.67 -2.78 -1.94
N ARG A 473 -56.79 -2.69 -1.22
CA ARG A 473 -57.16 -1.42 -0.60
C ARG A 473 -56.09 -0.96 0.39
N THR A 474 -55.58 -1.89 1.21
CA THR A 474 -54.56 -1.54 2.19
C THR A 474 -53.28 -1.05 1.51
N VAL A 475 -52.85 -1.72 0.45
CA VAL A 475 -51.63 -1.29 -0.22
C VAL A 475 -51.83 0.05 -0.91
N LEU A 476 -53.03 0.31 -1.45
CA LEU A 476 -53.30 1.61 -2.04
C LEU A 476 -53.20 2.72 -0.99
N LEU A 477 -53.81 2.51 0.17
CA LEU A 477 -53.75 3.55 1.20
C LEU A 477 -52.34 3.71 1.76
N LEU A 478 -51.59 2.61 1.87
CA LEU A 478 -50.21 2.69 2.32
C LEU A 478 -49.35 3.46 1.32
N ALA A 479 -49.55 3.21 0.03
CA ALA A 479 -48.83 3.96 -1.00
C ALA A 479 -49.19 5.43 -0.94
N ALA A 480 -50.47 5.75 -0.70
CA ALA A 480 -50.86 7.15 -0.56
C ALA A 480 -50.16 7.80 0.62
N LEU A 481 -50.10 7.11 1.76
CA LEU A 481 -49.43 7.66 2.94
C LEU A 481 -47.95 7.88 2.68
N ASN A 482 -47.28 6.92 2.06
CA ASN A 482 -45.85 7.06 1.80
C ASN A 482 -45.59 8.17 0.79
N LEU A 483 -46.45 8.30 -0.23
CA LEU A 483 -46.31 9.41 -1.17
C LEU A 483 -46.48 10.75 -0.47
N ALA A 484 -47.42 10.82 0.47
CA ALA A 484 -47.61 12.05 1.24
C ALA A 484 -46.37 12.38 2.06
N LEU A 485 -45.75 11.36 2.67
CA LEU A 485 -44.62 11.60 3.56
C LEU A 485 -43.27 11.64 2.84
N SER A 486 -43.23 11.39 1.54
CA SER A 486 -41.96 11.29 0.81
C SER A 486 -41.06 12.53 0.92
N PRO A 487 -41.55 13.77 0.73
CA PRO A 487 -40.59 14.89 0.62
C PRO A 487 -39.75 15.11 1.87
N LEU A 488 -40.33 14.95 3.06
CA LEU A 488 -39.60 15.25 4.28
C LEU A 488 -38.48 14.24 4.52
N VAL A 489 -38.80 12.94 4.38
CA VAL A 489 -37.75 11.94 4.52
C VAL A 489 -36.73 12.07 3.40
N LEU A 490 -37.16 12.52 2.22
CA LEU A 490 -36.20 12.78 1.14
C LEU A 490 -35.20 13.85 1.56
N ALA A 491 -35.69 14.96 2.12
CA ALA A 491 -34.79 16.03 2.55
C ALA A 491 -33.86 15.56 3.66
N TRP A 492 -34.40 14.78 4.61
CA TRP A 492 -33.58 14.26 5.69
C TRP A 492 -32.46 13.36 5.14
N GLN A 493 -32.80 12.47 4.20
CA GLN A 493 -31.81 11.60 3.60
C GLN A 493 -30.78 12.41 2.83
N VAL A 494 -31.22 13.48 2.15
CA VAL A 494 -30.27 14.34 1.43
C VAL A 494 -29.26 14.94 2.39
N LEU A 495 -29.74 15.48 3.51
CA LEU A 495 -28.82 16.08 4.48
C LEU A 495 -27.84 15.05 5.03
N HIS A 496 -28.35 13.87 5.39
CA HIS A 496 -27.50 12.84 5.99
C HIS A 496 -26.45 12.36 5.00
N VAL A 497 -26.86 12.09 3.74
CA VAL A 497 -25.90 11.60 2.76
C VAL A 497 -24.92 12.71 2.39
N PHE A 498 -25.35 13.97 2.42
CA PHE A 498 -24.43 15.07 2.19
C PHE A 498 -23.32 15.06 3.22
N TYR A 499 -23.68 14.97 4.50
CA TYR A 499 -22.67 14.94 5.55
C TYR A 499 -21.75 13.72 5.38
N SER A 500 -22.33 12.54 5.14
CA SER A 500 -21.54 11.33 5.01
C SER A 500 -20.57 11.40 3.83
N HIS A 501 -21.04 11.89 2.69
CA HIS A 501 -20.20 11.97 1.50
C HIS A 501 -19.10 12.99 1.66
N VAL A 502 -19.45 14.19 2.16
CA VAL A 502 -18.43 15.23 2.30
C VAL A 502 -17.42 14.88 3.39
N GLU A 503 -17.77 13.98 4.30
CA GLU A 503 -16.77 13.51 5.26
C GLU A 503 -15.61 12.80 4.55
N LEU A 504 -15.92 11.95 3.57
CA LEU A 504 -14.91 11.21 2.84
C LEU A 504 -14.41 11.95 1.60
N LEU A 505 -15.05 13.05 1.21
CA LEU A 505 -14.66 13.74 -0.01
C LEU A 505 -13.21 14.24 0.05
N ARG A 506 -12.81 14.81 1.19
CA ARG A 506 -11.45 15.33 1.31
C ARG A 506 -10.46 14.18 1.30
N ARG A 507 -10.81 13.06 1.91
CA ARG A 507 -9.95 11.89 1.93
C ARG A 507 -9.86 11.25 0.54
N GLU A 508 -8.88 10.37 0.38
CA GLU A 508 -8.65 9.75 -0.91
C GLU A 508 -9.85 8.87 -1.30
N PRO A 509 -10.14 8.76 -2.60
CA PRO A 509 -11.31 7.98 -3.02
C PRO A 509 -11.10 6.48 -2.92
N GLY A 510 -9.97 6.05 -2.34
CA GLY A 510 -9.76 4.63 -2.12
C GLY A 510 -10.82 4.02 -1.24
N ALA A 511 -11.15 4.70 -0.13
CA ALA A 511 -12.29 4.27 0.68
C ALA A 511 -13.60 4.44 -0.08
N LEU A 512 -13.72 5.53 -0.84
CA LEU A 512 -14.90 5.72 -1.68
C LEU A 512 -14.99 4.67 -2.77
N GLY A 513 -13.85 4.18 -3.24
CA GLY A 513 -13.83 3.11 -4.22
C GLY A 513 -13.97 1.72 -3.66
N ALA A 514 -14.07 1.60 -2.34
CA ALA A 514 -14.18 0.29 -1.71
C ALA A 514 -15.54 -0.33 -1.99
N ARG A 515 -15.59 -1.66 -1.92
CA ARG A 515 -16.80 -2.44 -2.20
C ARG A 515 -17.29 -3.10 -0.92
N GLY A 516 -18.57 -2.91 -0.60
CA GLY A 516 -19.19 -3.52 0.55
C GLY A 516 -20.40 -4.35 0.15
N TRP A 517 -20.94 -5.07 1.13
CA TRP A 517 -22.08 -5.93 0.88
C TRP A 517 -23.34 -5.11 0.66
N SER A 518 -24.30 -5.73 -0.04
CA SER A 518 -25.61 -5.13 -0.28
C SER A 518 -26.69 -5.96 0.39
N ARG A 519 -27.83 -5.31 0.64
CA ARG A 519 -28.92 -5.97 1.37
C ARG A 519 -29.46 -7.18 0.60
N LEU A 520 -29.40 -7.14 -0.73
CA LEU A 520 -29.85 -8.29 -1.52
C LEU A 520 -29.01 -9.51 -1.20
N ALA A 521 -27.70 -9.33 -1.01
CA ALA A 521 -26.85 -10.43 -0.59
C ALA A 521 -27.23 -10.92 0.81
N ARG A 522 -27.53 -9.98 1.71
CA ARG A 522 -27.91 -10.35 3.07
C ARG A 522 -29.28 -11.01 3.12
N LEU A 523 -30.05 -10.95 2.03
CA LEU A 523 -31.34 -11.63 2.01
C LEU A 523 -31.29 -12.97 1.28
N GLN A 524 -30.70 -13.00 0.08
CA GLN A 524 -30.70 -14.24 -0.70
C GLN A 524 -29.74 -15.28 -0.14
N LEU A 525 -28.63 -14.84 0.46
CA LEU A 525 -27.57 -15.75 0.90
C LEU A 525 -27.65 -16.07 2.39
N ARG A 526 -28.87 -16.20 2.92
CA ARG A 526 -29.07 -16.46 4.33
C ARG A 526 -29.81 -17.79 4.49
N HIS A 527 -29.23 -18.69 5.29
CA HIS A 527 -29.82 -20.01 5.49
C HIS A 527 -31.04 -19.93 6.39
N PHE A 528 -31.65 -21.09 6.61
CA PHE A 528 -32.78 -21.18 7.52
C PHE A 528 -32.27 -21.33 8.96
N ASN A 529 -33.03 -20.78 9.90
CA ASN A 529 -32.67 -20.77 11.32
C ASN A 529 -31.27 -20.19 11.52
N GLU A 530 -31.04 -19.02 10.93
CA GLU A 530 -29.72 -18.40 10.91
C GLU A 530 -29.73 -17.11 11.74
N LEU A 531 -28.80 -17.02 12.68
CA LEU A 531 -28.66 -15.84 13.50
C LEU A 531 -27.84 -14.78 12.79
N PRO A 532 -28.07 -13.50 13.09
CA PRO A 532 -27.31 -12.44 12.40
C PRO A 532 -25.81 -12.53 12.60
N HIS A 533 -25.34 -12.93 13.78
CA HIS A 533 -23.90 -12.91 14.04
C HIS A 533 -23.16 -13.94 13.19
N GLU A 534 -23.72 -15.14 13.04
CA GLU A 534 -23.05 -16.16 12.24
C GLU A 534 -23.02 -15.76 10.77
N LEU A 535 -24.11 -15.17 10.28
CA LEU A 535 -24.13 -14.66 8.91
C LEU A 535 -23.07 -13.58 8.71
N ARG A 536 -22.96 -12.66 9.67
CA ARG A 536 -21.96 -11.61 9.58
C ARG A 536 -20.55 -12.19 9.57
N ALA A 537 -20.29 -13.17 10.43
CA ALA A 537 -18.97 -13.79 10.46
C ALA A 537 -18.66 -14.51 9.15
N ARG A 538 -19.65 -15.22 8.59
CA ARG A 538 -19.42 -15.93 7.35
C ARG A 538 -19.12 -14.97 6.21
N LEU A 539 -19.87 -13.87 6.12
CA LEU A 539 -19.59 -12.89 5.07
C LEU A 539 -18.25 -12.20 5.28
N ALA A 540 -17.88 -11.95 6.54
CA ALA A 540 -16.57 -11.37 6.82
C ALA A 540 -15.46 -12.30 6.35
N ARG A 541 -15.62 -13.61 6.57
CA ARG A 541 -14.62 -14.56 6.11
C ARG A 541 -14.60 -14.66 4.59
N ALA A 542 -15.76 -14.57 3.93
CA ALA A 542 -15.84 -14.73 2.49
C ALA A 542 -15.59 -13.43 1.71
N TYR A 543 -15.39 -12.31 2.41
CA TYR A 543 -15.22 -11.03 1.72
C TYR A 543 -14.05 -11.05 0.74
N ARG A 544 -12.87 -11.48 1.20
CA ARG A 544 -11.66 -11.26 0.41
C ARG A 544 -11.58 -12.14 -0.83
N PRO A 545 -11.84 -13.46 -0.77
CA PRO A 545 -11.84 -14.24 -2.01
C PRO A 545 -12.81 -13.72 -3.05
N ALA A 546 -13.96 -13.18 -2.62
CA ALA A 546 -14.91 -12.61 -3.57
C ALA A 546 -14.30 -11.42 -4.30
N ALA A 547 -13.59 -10.55 -3.58
CA ALA A 547 -12.94 -9.42 -4.23
C ALA A 547 -11.84 -9.88 -5.18
N ALA A 548 -11.08 -10.90 -4.77
CA ALA A 548 -10.02 -11.41 -5.64
C ALA A 548 -10.61 -11.98 -6.93
N PHE A 549 -11.70 -12.75 -6.83
CA PHE A 549 -12.36 -13.29 -8.01
C PHE A 549 -12.96 -12.19 -8.87
N LEU A 550 -13.49 -11.15 -8.24
CA LEU A 550 -14.06 -10.04 -9.00
C LEU A 550 -12.99 -9.31 -9.79
N ARG A 551 -11.80 -9.15 -9.22
CA ARG A 551 -10.77 -8.37 -9.90
C ARG A 551 -9.95 -9.19 -10.90
N THR A 552 -9.78 -10.48 -10.64
CA THR A 552 -8.88 -11.27 -11.48
C THR A 552 -9.48 -11.56 -12.85
N ALA A 553 -10.74 -11.97 -12.90
CA ALA A 553 -11.36 -12.51 -14.11
C ALA A 553 -12.35 -11.53 -14.75
N ALA A 554 -12.01 -10.25 -14.74
CA ALA A 554 -12.87 -9.25 -15.37
C ALA A 554 -12.90 -9.49 -16.88
N PRO A 555 -14.05 -9.30 -17.54
CA PRO A 555 -14.11 -9.50 -18.99
C PRO A 555 -13.29 -8.46 -19.70
N PRO A 556 -12.69 -8.80 -20.84
CA PRO A 556 -11.89 -7.82 -21.59
C PRO A 556 -12.75 -6.76 -22.25
N ALA A 557 -12.14 -5.62 -22.50
CA ALA A 557 -12.82 -4.51 -23.18
C ALA A 557 -11.78 -3.71 -23.96
N PRO A 558 -11.60 -4.02 -25.25
CA PRO A 558 -10.56 -3.34 -26.03
C PRO A 558 -10.86 -1.88 -26.32
N LEU A 559 -12.09 -1.61 -26.76
CA LEU A 559 -12.47 -0.25 -27.13
C LEU A 559 -12.39 0.68 -25.93
N ARG A 560 -12.86 0.21 -24.77
CA ARG A 560 -12.81 1.03 -23.55
C ARG A 560 -11.39 1.42 -23.21
N THR A 561 -10.48 0.46 -23.16
CA THR A 561 -9.11 0.77 -22.78
C THR A 561 -8.39 1.61 -23.84
N LEU A 562 -8.72 1.43 -25.12
CA LEU A 562 -8.07 2.24 -26.14
C LEU A 562 -8.52 3.69 -26.08
N LEU A 563 -9.84 3.91 -25.90
CA LEU A 563 -10.31 5.27 -25.69
C LEU A 563 -9.73 5.87 -24.41
N ALA A 564 -9.59 5.05 -23.37
CA ALA A 564 -8.96 5.53 -22.14
C ALA A 564 -7.52 5.98 -22.39
N ARG A 565 -6.78 5.21 -23.21
CA ARG A 565 -5.42 5.60 -23.55
C ARG A 565 -5.39 6.93 -24.29
N GLN A 566 -6.32 7.12 -25.23
CA GLN A 566 -6.36 8.40 -25.95
C GLN A 566 -6.65 9.56 -25.01
N LEU A 567 -7.67 9.40 -24.15
CA LEU A 567 -8.00 10.48 -23.22
C LEU A 567 -6.85 10.77 -22.27
N VAL A 568 -6.17 9.74 -21.76
CA VAL A 568 -5.09 10.00 -20.82
C VAL A 568 -3.93 10.68 -21.53
N PHE A 569 -3.63 10.31 -22.78
CA PHE A 569 -2.57 11.01 -23.48
C PHE A 569 -2.92 12.47 -23.73
N PHE A 570 -4.16 12.74 -24.16
CA PHE A 570 -4.52 14.13 -24.44
C PHE A 570 -4.49 14.97 -23.16
N ALA A 571 -5.00 14.42 -22.06
CA ALA A 571 -4.92 15.12 -20.79
C ALA A 571 -3.48 15.36 -20.38
N GLY A 572 -2.62 14.35 -20.58
CA GLY A 572 -1.21 14.52 -20.23
C GLY A 572 -0.51 15.58 -21.05
N ALA A 573 -0.82 15.65 -22.35
CA ALA A 573 -0.21 16.67 -23.20
C ALA A 573 -0.68 18.07 -22.80
N LEU A 574 -1.98 18.22 -22.52
CA LEU A 574 -2.47 19.51 -22.05
C LEU A 574 -1.83 19.89 -20.73
N PHE A 575 -1.68 18.92 -19.83
CA PHE A 575 -1.03 19.17 -18.55
C PHE A 575 0.43 19.56 -18.76
N ALA A 576 1.09 18.93 -19.72
CA ALA A 576 2.47 19.28 -20.05
C ALA A 576 2.57 20.75 -20.43
N ALA A 577 1.75 21.16 -21.40
CA ALA A 577 1.80 22.56 -21.85
C ALA A 577 1.46 23.51 -20.71
N LEU A 578 0.42 23.19 -19.94
CA LEU A 578 -0.04 24.10 -18.90
C LEU A 578 1.00 24.24 -17.78
N LEU A 579 1.60 23.12 -17.36
CA LEU A 579 2.62 23.18 -16.32
C LEU A 579 3.87 23.88 -16.81
N VAL A 580 4.28 23.65 -18.06
CA VAL A 580 5.46 24.33 -18.59
C VAL A 580 5.21 25.83 -18.63
N LEU A 581 4.00 26.24 -19.00
CA LEU A 581 3.65 27.66 -18.94
C LEU A 581 3.66 28.18 -17.50
N THR A 582 3.19 27.36 -16.56
CA THR A 582 3.00 27.84 -15.19
C THR A 582 4.32 28.02 -14.44
N VAL A 583 5.25 27.07 -14.63
CA VAL A 583 6.48 27.09 -13.82
C VAL A 583 7.26 28.38 -14.04
N TYR A 584 7.39 28.80 -15.30
CA TYR A 584 8.03 30.07 -15.59
C TYR A 584 7.28 30.81 -16.69
N VAL A 588 5.05 33.35 -13.36
CA VAL A 588 4.31 34.37 -12.63
C VAL A 588 3.04 33.76 -12.03
N LEU A 589 2.74 34.17 -10.80
CA LEU A 589 1.58 33.66 -10.08
C LEU A 589 0.32 34.48 -10.32
N ALA A 590 0.39 35.51 -11.18
CA ALA A 590 -0.73 36.40 -11.43
C ALA A 590 -1.45 36.08 -12.73
N VAL A 591 -1.35 34.84 -13.22
CA VAL A 591 -2.03 34.46 -14.45
C VAL A 591 -3.55 34.52 -14.27
N GLU A 592 -4.04 34.04 -13.13
CA GLU A 592 -5.43 34.13 -12.68
C GLU A 592 -6.41 33.37 -13.57
N HIS A 593 -5.94 32.66 -14.60
CA HIS A 593 -6.83 31.88 -15.44
C HIS A 593 -6.31 30.47 -15.62
N VAL A 594 -4.99 30.31 -15.51
CA VAL A 594 -4.37 28.98 -15.57
C VAL A 594 -4.81 28.12 -14.39
N LEU A 595 -4.82 28.71 -13.19
CA LEU A 595 -5.19 27.95 -11.99
C LEU A 595 -6.62 27.45 -12.07
N THR A 596 -7.47 28.10 -12.86
CA THR A 596 -8.83 27.63 -13.06
C THR A 596 -8.85 26.28 -13.77
N ALA A 597 -8.07 26.15 -14.84
CA ALA A 597 -8.01 24.89 -15.56
C ALA A 597 -7.12 23.86 -14.87
N MET A 598 -6.28 24.30 -13.95
CA MET A 598 -5.37 23.40 -13.23
C MET A 598 -6.13 22.22 -12.62
N THR A 599 -7.11 22.54 -11.76
CA THR A 599 -7.82 21.51 -11.02
C THR A 599 -8.64 20.61 -11.94
N ALA A 600 -9.32 21.18 -12.93
CA ALA A 600 -10.14 20.38 -13.83
C ALA A 600 -9.28 19.41 -14.63
N LEU A 601 -8.19 19.90 -15.22
CA LEU A 601 -7.32 19.04 -15.99
C LEU A 601 -6.66 17.97 -15.12
N GLY A 602 -6.30 18.32 -13.88
CA GLY A 602 -5.78 17.31 -12.96
C GLY A 602 -6.80 16.24 -12.64
N VAL A 603 -8.06 16.63 -12.42
CA VAL A 603 -9.11 15.65 -12.15
C VAL A 603 -9.28 14.72 -13.35
N THR A 604 -9.27 15.29 -14.56
CA THR A 604 -9.36 14.46 -15.76
C THR A 604 -8.22 13.47 -15.85
N ALA A 605 -7.00 13.92 -15.56
CA ALA A 605 -5.85 13.02 -15.59
C ALA A 605 -6.00 11.91 -14.54
N THR A 606 -6.45 12.26 -13.34
CA THR A 606 -6.57 11.27 -12.28
C THR A 606 -7.65 10.24 -12.60
N VAL A 607 -8.78 10.66 -13.17
CA VAL A 607 -9.80 9.67 -13.51
C VAL A 607 -9.34 8.81 -14.68
N ALA A 608 -8.65 9.41 -15.66
CA ALA A 608 -8.18 8.63 -16.80
C ALA A 608 -7.16 7.58 -16.38
N ARG A 609 -6.22 7.94 -15.50
CA ARG A 609 -5.18 7.00 -15.11
C ARG A 609 -5.75 5.82 -14.33
N SER A 610 -6.74 6.06 -13.49
CA SER A 610 -7.34 4.99 -12.71
C SER A 610 -8.35 4.17 -13.52
N PHE A 611 -8.93 4.75 -14.58
CA PHE A 611 -9.94 4.04 -15.35
C PHE A 611 -9.32 2.99 -16.27
N ILE A 612 -8.09 3.19 -16.72
CA ILE A 612 -7.46 2.27 -17.67
C ILE A 612 -7.12 0.97 -16.97
N PRO A 613 -7.28 -0.18 -17.62
CA PRO A 613 -6.81 -1.44 -17.02
C PRO A 613 -5.30 -1.57 -17.11
N GLU A 614 -4.77 -2.49 -16.31
CA GLU A 614 -3.33 -2.75 -16.26
C GLU A 614 -3.10 -4.24 -16.10
N GLU A 615 -1.84 -4.64 -16.25
CA GLU A 615 -1.45 -6.03 -16.10
C GLU A 615 -1.68 -6.52 -14.67
N ALA A 621 -5.57 -17.67 -10.67
CA ALA A 621 -6.47 -18.62 -11.30
C ALA A 621 -7.92 -18.33 -10.91
N PRO A 622 -8.74 -17.94 -11.88
CA PRO A 622 -10.15 -17.66 -11.58
C PRO A 622 -10.90 -18.84 -11.01
N GLN A 623 -10.59 -20.06 -11.46
CA GLN A 623 -11.32 -21.23 -10.97
C GLN A 623 -11.08 -21.46 -9.48
N LEU A 624 -9.84 -21.31 -9.02
CA LEU A 624 -9.55 -21.50 -7.60
C LEU A 624 -10.25 -20.43 -6.76
N LEU A 625 -10.24 -19.19 -7.22
CA LEU A 625 -10.93 -18.13 -6.49
C LEU A 625 -12.43 -18.39 -6.43
N LEU A 626 -13.02 -18.83 -7.54
CA LEU A 626 -14.44 -19.14 -7.53
C LEU A 626 -14.75 -20.29 -6.57
N GLN A 627 -13.91 -21.33 -6.58
CA GLN A 627 -14.13 -22.46 -5.68
C GLN A 627 -14.04 -22.04 -4.22
N THR A 628 -13.01 -21.26 -3.86
CA THR A 628 -12.85 -20.86 -2.47
C THR A 628 -13.90 -19.84 -2.04
N ALA A 629 -14.46 -19.07 -2.98
CA ALA A 629 -15.58 -18.20 -2.65
C ALA A 629 -16.85 -19.00 -2.43
N LEU A 630 -17.13 -19.95 -3.32
CA LEU A 630 -18.34 -20.76 -3.20
C LEU A 630 -18.28 -21.71 -2.01
N ALA A 631 -17.09 -22.04 -1.52
CA ALA A 631 -17.00 -22.86 -0.32
C ALA A 631 -17.58 -22.15 0.90
N HIS A 632 -17.56 -20.82 0.90
CA HIS A 632 -18.13 -20.04 1.98
C HIS A 632 -19.52 -19.49 1.64
N MET A 633 -19.79 -19.19 0.37
CA MET A 633 -21.09 -18.66 -0.01
C MET A 633 -22.20 -19.69 0.14
N HIS A 634 -21.87 -20.98 0.15
CA HIS A 634 -22.80 -22.08 0.37
C HIS A 634 -23.88 -22.13 -0.71
N TYR A 635 -24.76 -21.13 -0.75
CA TYR A 635 -25.77 -21.02 -1.79
C TYR A 635 -25.29 -20.11 -2.91
N LEU A 636 -26.08 -20.07 -3.97
CA LEU A 636 -25.81 -19.22 -5.13
C LEU A 636 -27.14 -19.00 -5.84
N PRO A 637 -27.43 -17.76 -6.28
CA PRO A 637 -28.66 -17.45 -7.01
C PRO A 637 -28.76 -18.17 -8.35
N GLY A 643 -22.33 -17.28 -22.42
CA GLY A 643 -21.05 -17.47 -21.75
C GLY A 643 -21.19 -17.66 -20.26
N GLY A 644 -20.69 -18.79 -19.75
CA GLY A 644 -20.79 -19.06 -18.32
C GLY A 644 -20.01 -18.07 -17.48
N ARG A 645 -18.81 -17.70 -17.94
CA ARG A 645 -18.01 -16.73 -17.20
C ARG A 645 -18.69 -15.38 -17.12
N ASP A 646 -19.31 -14.95 -18.21
CA ASP A 646 -20.03 -13.67 -18.19
C ASP A 646 -21.17 -13.69 -17.19
N ARG A 647 -21.96 -14.78 -17.18
CA ARG A 647 -23.07 -14.89 -16.24
C ARG A 647 -22.57 -14.91 -14.80
N ALA A 648 -21.51 -15.68 -14.54
CA ALA A 648 -20.97 -15.76 -13.18
C ALA A 648 -20.46 -14.42 -12.71
N TYR A 649 -19.72 -13.70 -13.57
CA TYR A 649 -19.20 -12.40 -13.17
C TYR A 649 -20.33 -11.40 -12.95
N ARG A 650 -21.35 -11.42 -13.81
CA ARG A 650 -22.48 -10.50 -13.62
C ARG A 650 -23.20 -10.78 -12.31
N GLN A 651 -23.38 -12.05 -11.97
CA GLN A 651 -24.02 -12.39 -10.70
C GLN A 651 -23.16 -11.95 -9.52
N MET A 652 -21.84 -12.16 -9.60
CA MET A 652 -20.96 -11.74 -8.51
C MET A 652 -20.95 -10.22 -8.36
N ALA A 653 -21.07 -9.50 -9.47
CA ALA A 653 -21.16 -8.05 -9.38
C ALA A 653 -22.48 -7.61 -8.78
N GLN A 654 -23.57 -8.31 -9.12
CA GLN A 654 -24.87 -7.95 -8.58
C GLN A 654 -24.95 -8.21 -7.08
N LEU A 655 -24.44 -9.36 -6.62
CA LEU A 655 -24.51 -9.68 -5.20
C LEU A 655 -23.57 -8.84 -4.35
N LEU A 656 -22.67 -8.08 -4.96
CA LEU A 656 -21.71 -7.26 -4.25
C LEU A 656 -21.63 -5.90 -4.95
N GLN A 657 -22.41 -4.94 -4.46
CA GLN A 657 -22.54 -3.65 -5.10
C GLN A 657 -21.40 -2.71 -4.71
N TYR A 658 -21.37 -1.55 -5.38
CA TYR A 658 -20.41 -0.51 -5.09
C TYR A 658 -20.99 0.45 -4.06
N ARG A 659 -20.09 1.09 -3.28
CA ARG A 659 -20.54 1.90 -2.16
C ARG A 659 -21.40 3.08 -2.63
N ALA A 660 -20.89 3.87 -3.57
CA ALA A 660 -21.64 5.02 -4.04
C ALA A 660 -22.93 4.60 -4.72
N VAL A 661 -22.94 3.43 -5.37
CA VAL A 661 -24.17 2.93 -5.97
C VAL A 661 -25.22 2.67 -4.89
N SER A 662 -24.81 2.04 -3.79
CA SER A 662 -25.75 1.77 -2.70
C SER A 662 -26.25 3.06 -2.07
N LEU A 663 -25.36 4.04 -1.89
CA LEU A 663 -25.79 5.33 -1.33
C LEU A 663 -26.75 6.04 -2.28
N LEU A 664 -26.50 5.97 -3.59
CA LEU A 664 -27.44 6.54 -4.55
C LEU A 664 -28.79 5.85 -4.50
N GLU A 665 -28.78 4.53 -4.33
CA GLU A 665 -30.03 3.79 -4.16
C GLU A 665 -30.79 4.26 -2.92
N GLU A 666 -30.07 4.44 -1.81
CA GLU A 666 -30.68 4.93 -0.58
C GLU A 666 -31.27 6.33 -0.80
N LEU A 667 -30.55 7.19 -1.50
CA LEU A 667 -31.02 8.54 -1.79
C LEU A 667 -32.23 8.56 -2.71
N LEU A 668 -32.30 7.64 -3.67
CA LEU A 668 -33.42 7.58 -4.59
C LEU A 668 -34.62 6.83 -4.02
N SER A 669 -34.44 6.13 -2.90
CA SER A 669 -35.56 5.41 -2.29
C SER A 669 -36.81 6.22 -2.03
N PRO A 670 -36.76 7.46 -1.50
CA PRO A 670 -38.03 8.16 -1.21
C PRO A 670 -38.90 8.38 -2.43
N LEU A 671 -38.32 8.74 -3.58
CA LEU A 671 -39.12 8.98 -4.77
C LEU A 671 -39.67 7.67 -5.32
N LEU A 672 -38.91 6.59 -5.21
CA LEU A 672 -39.31 5.28 -5.71
C LEU A 672 -40.18 4.52 -4.73
N THR A 673 -40.46 5.09 -3.55
CA THR A 673 -41.17 4.36 -2.52
C THR A 673 -42.58 3.92 -2.94
N PRO A 674 -43.46 4.79 -3.45
CA PRO A 674 -44.82 4.33 -3.77
C PRO A 674 -44.93 3.68 -5.14
N LEU A 675 -44.01 4.02 -6.05
CA LEU A 675 -44.10 3.54 -7.42
C LEU A 675 -44.00 2.03 -7.49
N PHE A 676 -42.96 1.46 -6.86
CA PHE A 676 -42.79 0.01 -6.86
C PHE A 676 -43.93 -0.68 -6.10
N LEU A 677 -44.38 -0.09 -4.99
CA LEU A 677 -45.47 -0.69 -4.25
C LEU A 677 -46.73 -0.79 -5.11
N LEU A 678 -47.00 0.24 -5.92
CA LEU A 678 -48.18 0.20 -6.78
C LEU A 678 -47.98 -0.73 -7.97
N PHE A 679 -46.82 -0.69 -8.61
CA PHE A 679 -46.63 -1.34 -9.90
C PHE A 679 -46.15 -2.78 -9.81
N TRP A 680 -45.66 -3.22 -8.64
CA TRP A 680 -45.02 -4.52 -8.52
C TRP A 680 -45.76 -5.48 -7.61
N PHE A 681 -46.45 -4.99 -6.58
CA PHE A 681 -47.13 -5.84 -5.61
C PHE A 681 -48.62 -5.99 -5.87
N ARG A 682 -49.29 -4.90 -6.25
CA ARG A 682 -50.74 -4.92 -6.34
C ARG A 682 -51.27 -5.94 -7.34
N PRO A 683 -50.80 -6.00 -8.60
CA PRO A 683 -51.40 -6.97 -9.54
C PRO A 683 -51.24 -8.41 -9.09
N ARG A 684 -50.09 -8.79 -8.56
CA ARG A 684 -49.85 -10.17 -8.11
C ARG A 684 -50.07 -10.29 -6.60
N ALA A 685 -51.31 -10.09 -6.18
CA ALA A 685 -51.66 -10.24 -4.78
C ALA A 685 -52.17 -11.65 -4.48
N LEU A 686 -52.89 -12.24 -5.44
CA LEU A 686 -53.49 -13.55 -5.21
C LEU A 686 -52.43 -14.62 -4.98
N GLU A 687 -51.33 -14.56 -5.73
CA GLU A 687 -50.29 -15.56 -5.58
C GLU A 687 -49.52 -15.40 -4.29
N ILE A 688 -49.36 -14.18 -3.79
CA ILE A 688 -48.77 -13.98 -2.46
C ILE A 688 -49.70 -14.54 -1.38
N ILE A 689 -51.00 -14.28 -1.51
CA ILE A 689 -51.95 -14.84 -0.55
C ILE A 689 -51.90 -16.36 -0.57
N ASP A 690 -51.82 -16.94 -1.76
CA ASP A 690 -51.71 -18.40 -1.87
C ASP A 690 -50.41 -18.90 -1.25
N PHE A 691 -49.32 -18.13 -1.40
CA PHE A 691 -48.05 -18.55 -0.81
C PHE A 691 -48.14 -18.60 0.70
N PHE A 692 -48.75 -17.59 1.33
CA PHE A 692 -49.03 -17.70 2.76
C PHE A 692 -49.98 -18.84 3.08
N HIS A 693 -50.94 -19.12 2.20
CA HIS A 693 -51.93 -20.14 2.50
C HIS A 693 -51.31 -21.53 2.54
N HIS A 694 -50.47 -21.86 1.56
CA HIS A 694 -50.02 -23.23 1.36
C HIS A 694 -48.63 -23.52 1.88
N PHE A 695 -47.98 -22.56 2.54
CA PHE A 695 -46.60 -22.76 3.00
C PHE A 695 -46.46 -22.52 4.50
N THR A 696 -47.54 -22.69 5.25
CA THR A 696 -47.50 -22.54 6.70
C THR A 696 -47.85 -23.87 7.36
N VAL A 697 -47.02 -24.28 8.32
CA VAL A 697 -47.23 -25.53 9.05
C VAL A 697 -47.37 -25.17 10.52
N ASP A 698 -48.42 -25.70 11.16
CA ASP A 698 -48.72 -25.42 12.55
C ASP A 698 -48.22 -26.56 13.42
N VAL A 699 -47.52 -26.21 14.51
CA VAL A 699 -46.99 -27.19 15.44
C VAL A 699 -47.39 -26.79 16.85
N ALA A 700 -47.37 -27.76 17.75
CA ALA A 700 -47.72 -27.50 19.15
C ALA A 700 -46.65 -26.65 19.83
N GLY A 701 -47.10 -25.71 20.65
CA GLY A 701 -46.19 -24.87 21.40
C GLY A 701 -45.67 -23.69 20.61
N VAL A 702 -44.80 -23.95 19.63
CA VAL A 702 -44.20 -22.88 18.85
C VAL A 702 -45.26 -22.17 18.01
N GLY A 703 -46.09 -22.94 17.32
CA GLY A 703 -47.17 -22.36 16.54
C GLY A 703 -46.96 -22.38 15.04
N ASP A 704 -46.89 -21.20 14.43
CA ASP A 704 -46.84 -21.07 12.97
C ASP A 704 -45.40 -21.07 12.49
N ILE A 705 -45.08 -22.01 11.59
CA ILE A 705 -43.75 -22.15 11.03
C ILE A 705 -43.88 -22.44 9.54
N CYS A 706 -43.04 -21.78 8.73
CA CYS A 706 -43.05 -22.03 7.30
C CYS A 706 -42.57 -23.43 7.00
N SER A 707 -43.14 -24.05 5.96
CA SER A 707 -42.73 -25.39 5.56
C SER A 707 -41.28 -25.43 5.10
N PHE A 708 -40.73 -24.30 4.66
CA PHE A 708 -39.34 -24.25 4.22
C PHE A 708 -38.35 -24.21 5.37
N ALA A 709 -38.82 -23.98 6.60
CA ALA A 709 -37.91 -24.00 7.74
C ALA A 709 -37.48 -25.43 8.08
N LEU A 710 -38.42 -26.36 8.07
CA LEU A 710 -38.12 -27.75 8.40
C LEU A 710 -37.33 -28.41 7.27
N ASN B 227 44.51 -7.77 27.37
CA ASN B 227 43.29 -8.47 27.74
C ASN B 227 42.96 -9.58 26.75
N LEU B 228 42.93 -10.82 27.25
CA LEU B 228 42.70 -11.96 26.37
C LEU B 228 41.31 -11.90 25.74
N ASP B 229 40.29 -11.53 26.51
CA ASP B 229 38.95 -11.43 25.95
C ASP B 229 38.85 -10.34 24.90
N SER B 230 39.56 -9.24 25.09
CA SER B 230 39.49 -8.12 24.15
C SER B 230 39.96 -8.53 22.76
N PHE B 231 40.93 -9.44 22.67
CA PHE B 231 41.41 -9.89 21.36
C PHE B 231 40.30 -10.54 20.56
N PHE B 232 39.60 -11.50 21.16
CA PHE B 232 38.51 -12.16 20.47
C PHE B 232 37.35 -11.20 20.22
N THR B 233 37.08 -10.30 21.17
CA THR B 233 36.01 -9.34 20.97
C THR B 233 36.29 -8.46 19.76
N LYS B 234 37.53 -8.00 19.61
CA LYS B 234 37.89 -7.17 18.47
C LYS B 234 37.90 -7.95 17.17
N ILE B 235 38.36 -9.22 17.20
CA ILE B 235 38.33 -10.01 15.98
C ILE B 235 36.90 -10.27 15.54
N TYR B 236 35.95 -10.34 16.48
CA TYR B 236 34.55 -10.44 16.11
C TYR B 236 34.02 -9.11 15.57
N SER B 237 34.34 -8.01 16.26
CA SER B 237 33.78 -6.72 15.88
C SER B 237 34.29 -6.26 14.53
N TYR B 238 35.52 -6.62 14.16
CA TYR B 238 36.03 -6.27 12.84
C TYR B 238 35.16 -6.86 11.74
N HIS B 239 34.88 -8.16 11.83
CA HIS B 239 34.02 -8.79 10.83
C HIS B 239 32.60 -8.25 10.91
N GLN B 240 32.08 -8.03 12.12
CA GLN B 240 30.70 -7.58 12.24
C GLN B 240 30.51 -6.17 11.73
N ARG B 241 31.56 -5.35 11.73
CA ARG B 241 31.53 -4.03 11.13
C ARG B 241 31.97 -4.05 9.67
N ASN B 242 32.23 -5.23 9.12
CA ASN B 242 32.46 -5.51 7.71
C ASN B 242 33.24 -4.37 7.01
N GLY B 243 34.43 -4.09 7.54
CA GLY B 243 35.32 -3.14 6.92
C GLY B 243 36.06 -2.25 7.90
N PHE B 244 37.39 -2.23 7.78
CA PHE B 244 38.22 -1.34 8.60
C PHE B 244 37.97 0.12 8.22
N ALA B 245 37.92 0.41 6.92
CA ALA B 245 37.56 1.75 6.48
C ALA B 245 36.16 2.12 6.93
N CYS B 246 35.26 1.14 7.01
CA CYS B 246 33.92 1.41 7.54
C CYS B 246 33.99 1.88 8.98
N ILE B 247 34.81 1.24 9.80
CA ILE B 247 34.97 1.67 11.19
C ILE B 247 35.57 3.07 11.26
N LEU B 248 36.59 3.32 10.44
CA LEU B 248 37.24 4.64 10.45
C LEU B 248 36.24 5.73 10.08
N LEU B 249 35.44 5.50 9.03
CA LEU B 249 34.44 6.48 8.63
C LEU B 249 33.38 6.64 9.70
N GLU B 250 32.92 5.53 10.29
CA GLU B 250 31.97 5.60 11.40
C GLU B 250 32.47 6.52 12.49
N ASP B 251 33.71 6.31 12.94
CA ASP B 251 34.26 7.12 14.02
C ASP B 251 34.40 8.58 13.64
N VAL B 252 35.03 8.85 12.49
CA VAL B 252 35.30 10.25 12.13
C VAL B 252 33.99 11.00 11.92
N PHE B 253 32.99 10.35 11.33
CA PHE B 253 31.72 11.02 11.11
C PHE B 253 30.87 11.09 12.37
N GLN B 254 31.09 10.20 13.35
CA GLN B 254 30.45 10.39 14.65
C GLN B 254 30.99 11.63 15.36
N LEU B 255 32.32 11.81 15.35
CA LEU B 255 32.90 13.01 15.95
C LEU B 255 32.45 14.26 15.21
N GLY B 256 32.45 14.20 13.86
CA GLY B 256 31.93 15.31 13.08
C GLY B 256 30.46 15.58 13.36
N GLN B 257 29.68 14.53 13.56
CA GLN B 257 28.30 14.71 14.01
C GLN B 257 28.24 15.54 15.28
N PHE B 258 28.85 15.04 16.36
CA PHE B 258 28.75 15.72 17.65
C PHE B 258 29.18 17.18 17.54
N ILE B 259 30.28 17.45 16.84
CA ILE B 259 30.70 18.83 16.69
C ILE B 259 29.68 19.61 15.88
N PHE B 260 29.02 18.97 14.91
CA PHE B 260 28.01 19.67 14.12
C PHE B 260 26.83 20.08 14.99
N ILE B 261 26.32 19.16 15.82
CA ILE B 261 25.20 19.56 16.69
C ILE B 261 25.62 20.70 17.61
N VAL B 262 26.79 20.59 18.25
CA VAL B 262 27.14 21.63 19.22
C VAL B 262 27.29 22.99 18.52
N THR B 263 27.98 23.02 17.38
CA THR B 263 28.20 24.30 16.70
C THR B 263 26.91 24.85 16.10
N PHE B 264 26.04 23.98 15.58
CA PHE B 264 24.81 24.46 14.95
C PHE B 264 23.85 25.01 16.00
N THR B 265 23.72 24.32 17.14
CA THR B 265 22.87 24.83 18.21
C THR B 265 23.40 26.15 18.75
N THR B 266 24.71 26.24 19.00
CA THR B 266 25.22 27.50 19.53
C THR B 266 25.14 28.62 18.49
N PHE B 267 25.21 28.29 17.20
CA PHE B 267 25.08 29.30 16.16
C PHE B 267 23.65 29.80 16.08
N LEU B 268 22.67 28.89 16.09
CA LEU B 268 21.28 29.30 16.01
C LEU B 268 20.87 30.09 17.24
N LEU B 269 21.39 29.73 18.42
CA LEU B 269 21.03 30.44 19.63
C LEU B 269 21.91 31.65 19.90
N ARG B 270 22.97 31.87 19.11
CA ARG B 270 23.92 32.92 19.43
C ARG B 270 24.23 33.82 18.24
N CYS B 271 23.68 33.55 17.06
CA CYS B 271 23.98 34.37 15.90
C CYS B 271 22.72 34.82 15.17
N VAL B 272 21.65 34.02 15.25
CA VAL B 272 20.42 34.35 14.55
C VAL B 272 19.75 35.53 15.24
N ASP B 273 19.42 36.55 14.46
CA ASP B 273 18.72 37.75 14.95
C ASP B 273 17.28 37.69 14.46
N TYR B 274 16.34 37.50 15.38
CA TYR B 274 14.93 37.44 15.02
C TYR B 274 14.39 38.81 14.61
N ASN B 275 15.02 39.89 15.05
CA ASN B 275 14.48 41.23 14.79
C ASN B 275 14.42 41.52 13.29
N VAL B 276 15.54 41.33 12.59
CA VAL B 276 15.57 41.63 11.16
C VAL B 276 14.78 40.59 10.37
N LEU B 277 14.81 39.33 10.81
CA LEU B 277 14.13 38.27 10.08
C LEU B 277 12.62 38.43 10.14
N PHE B 278 12.09 38.81 11.30
CA PHE B 278 10.64 38.91 11.47
C PHE B 278 10.05 40.14 10.81
N ALA B 279 10.87 41.08 10.35
CA ALA B 279 10.45 42.31 9.69
C ALA B 279 9.51 43.15 10.56
N ASN B 280 9.61 43.04 11.87
CA ASN B 280 8.76 43.81 12.77
C ASN B 280 9.34 45.19 13.09
N VAL B 295 14.22 38.81 1.91
CA VAL B 295 15.53 39.32 2.29
C VAL B 295 16.53 38.18 2.34
N THR B 296 17.70 38.39 1.73
CA THR B 296 18.73 37.37 1.70
C THR B 296 19.25 37.09 3.11
N LEU B 297 19.44 35.80 3.40
CA LEU B 297 19.91 35.40 4.72
C LEU B 297 21.30 35.95 5.01
N SER B 298 22.14 36.11 3.98
CA SER B 298 23.47 36.66 4.19
C SER B 298 23.40 38.09 4.72
N ASP B 299 22.48 38.90 4.18
CA ASP B 299 22.26 40.23 4.72
C ASP B 299 21.74 40.15 6.16
N ALA B 300 20.85 39.18 6.42
CA ALA B 300 20.33 39.00 7.78
C ALA B 300 21.40 38.54 8.75
N ILE B 301 22.49 37.96 8.27
CA ILE B 301 23.56 37.50 9.16
C ILE B 301 24.26 38.72 9.76
N LEU B 302 24.32 38.76 11.09
CA LEU B 302 24.96 39.87 11.77
C LEU B 302 26.47 39.78 11.60
N PRO B 303 27.17 40.92 11.69
CA PRO B 303 28.63 40.89 11.57
C PRO B 303 29.27 40.07 12.67
N SER B 304 30.47 39.55 12.37
CA SER B 304 31.15 38.67 13.32
C SER B 304 31.45 39.38 14.63
N ALA B 305 31.76 40.67 14.58
CA ALA B 305 32.05 41.41 15.81
C ALA B 305 30.83 41.44 16.73
N GLN B 306 29.66 41.70 16.16
CA GLN B 306 28.43 41.71 16.96
C GLN B 306 28.21 40.36 17.61
N CYS B 307 28.49 39.28 16.87
CA CYS B 307 28.44 37.95 17.46
C CYS B 307 29.45 37.83 18.61
N ALA B 308 30.60 38.49 18.48
CA ALA B 308 31.61 38.42 19.54
C ALA B 308 31.08 39.04 20.83
N GLU B 309 30.57 40.29 20.77
CA GLU B 309 30.02 40.84 22.00
C GLU B 309 28.80 40.07 22.49
N ARG B 310 27.95 39.58 21.58
CA ARG B 310 26.74 38.88 22.02
C ARG B 310 27.06 37.57 22.71
N ILE B 311 28.11 36.87 22.28
CA ILE B 311 28.53 35.66 22.98
C ILE B 311 29.28 36.02 24.26
N ARG B 312 29.90 37.21 24.29
CA ARG B 312 30.48 37.70 25.53
C ARG B 312 29.41 38.04 26.57
N SER B 313 28.19 38.32 26.13
CA SER B 313 27.15 38.80 27.03
C SER B 313 26.88 37.83 28.20
N SER B 314 26.95 36.53 27.93
CA SER B 314 26.61 35.55 28.96
C SER B 314 27.79 34.65 29.27
N PRO B 315 28.06 34.39 30.55
CA PRO B 315 29.20 33.54 30.92
C PRO B 315 28.87 32.06 30.99
N LEU B 316 27.61 31.71 31.20
CA LEU B 316 27.23 30.31 31.32
C LEU B 316 27.48 29.54 30.04
N LEU B 317 27.18 30.16 28.90
CA LEU B 317 27.43 29.51 27.62
C LEU B 317 28.90 29.20 27.43
N VAL B 318 29.79 30.00 28.00
CA VAL B 318 31.22 29.73 27.91
C VAL B 318 31.55 28.42 28.63
N LEU B 319 31.00 28.24 29.83
CA LEU B 319 31.22 27.00 30.56
C LEU B 319 30.63 25.80 29.82
N LEU B 320 29.43 25.97 29.25
CA LEU B 320 28.84 24.89 28.47
C LEU B 320 29.73 24.52 27.29
N LEU B 321 30.26 25.52 26.58
CA LEU B 321 31.10 25.27 25.43
C LEU B 321 32.41 24.59 25.82
N VAL B 322 33.03 25.02 26.93
CA VAL B 322 34.29 24.41 27.32
C VAL B 322 34.07 22.97 27.79
N LEU B 323 32.95 22.71 28.48
CA LEU B 323 32.65 21.33 28.85
C LEU B 323 32.43 20.47 27.62
N ALA B 324 31.70 20.99 26.62
CA ALA B 324 31.50 20.24 25.38
C ALA B 324 32.82 19.99 24.67
N ALA B 325 33.72 20.99 24.67
CA ALA B 325 35.02 20.82 24.06
C ALA B 325 35.83 19.73 24.76
N GLY B 326 35.79 19.72 26.09
CA GLY B 326 36.47 18.66 26.82
C GLY B 326 35.93 17.28 26.52
N PHE B 327 34.60 17.17 26.44
CA PHE B 327 33.99 15.88 26.09
C PHE B 327 34.41 15.46 24.69
N TRP B 328 34.42 16.39 23.74
CA TRP B 328 34.86 16.08 22.39
C TRP B 328 36.30 15.64 22.37
N LEU B 329 37.15 16.30 23.16
CA LEU B 329 38.58 15.95 23.21
C LEU B 329 38.78 14.55 23.77
N VAL B 330 38.08 14.21 24.85
CA VAL B 330 38.29 12.90 25.46
C VAL B 330 37.76 11.80 24.54
N GLN B 331 36.61 12.02 23.90
CA GLN B 331 36.14 11.03 22.93
C GLN B 331 37.08 10.93 21.73
N LEU B 332 37.65 12.05 21.30
CA LEU B 332 38.62 12.00 20.21
C LEU B 332 39.83 11.15 20.59
N LEU B 333 40.35 11.34 21.81
CA LEU B 333 41.51 10.55 22.24
C LEU B 333 41.18 9.07 22.32
N ARG B 334 40.03 8.73 22.93
CA ARG B 334 39.63 7.33 23.01
C ARG B 334 39.47 6.72 21.62
N SER B 335 38.86 7.47 20.71
CA SER B 335 38.62 6.96 19.36
C SER B 335 39.92 6.78 18.60
N VAL B 336 40.88 7.70 18.77
CA VAL B 336 42.19 7.55 18.15
C VAL B 336 42.86 6.28 18.66
N CYS B 337 42.80 6.04 19.98
CA CYS B 337 43.36 4.81 20.51
C CYS B 337 42.67 3.59 19.92
N ASN B 338 41.34 3.64 19.80
CA ASN B 338 40.60 2.49 19.27
C ASN B 338 41.00 2.19 17.84
N LEU B 339 41.05 3.20 16.98
CA LEU B 339 41.40 2.97 15.59
C LEU B 339 42.85 2.57 15.43
N PHE B 340 43.74 3.12 16.27
CA PHE B 340 45.14 2.70 16.25
C PHE B 340 45.27 1.23 16.59
N SER B 341 44.52 0.76 17.58
CA SER B 341 44.52 -0.67 17.89
C SER B 341 43.93 -1.48 16.74
N TYR B 342 42.82 -1.03 16.17
CA TYR B 342 42.11 -1.83 15.16
C TYR B 342 42.91 -1.97 13.88
N TRP B 343 43.69 -0.95 13.49
CA TRP B 343 44.50 -1.09 12.30
C TRP B 343 45.54 -2.20 12.47
N ASP B 344 46.19 -2.25 13.63
CA ASP B 344 47.15 -3.32 13.90
C ASP B 344 46.45 -4.67 13.98
N ILE B 345 45.22 -4.70 14.51
CA ILE B 345 44.46 -5.94 14.54
C ILE B 345 44.19 -6.44 13.12
N GLN B 346 43.81 -5.53 12.22
CA GLN B 346 43.56 -5.93 10.84
C GLN B 346 44.85 -6.38 10.16
N VAL B 347 45.97 -5.72 10.49
CA VAL B 347 47.25 -6.14 9.93
C VAL B 347 47.60 -7.56 10.38
N PHE B 348 47.40 -7.85 11.66
CA PHE B 348 47.63 -9.21 12.16
C PHE B 348 46.68 -10.20 11.50
N TYR B 349 45.42 -9.81 11.29
CA TYR B 349 44.45 -10.66 10.61
C TYR B 349 44.93 -11.02 9.21
N ARG B 350 45.39 -10.00 8.47
CA ARG B 350 45.90 -10.21 7.11
C ARG B 350 47.11 -11.12 7.12
N GLU B 351 48.05 -10.88 8.05
CA GLU B 351 49.26 -11.69 8.09
C GLU B 351 48.95 -13.13 8.43
N ALA B 352 48.02 -13.36 9.37
CA ALA B 352 47.74 -14.71 9.83
C ALA B 352 46.94 -15.51 8.80
N LEU B 353 45.92 -14.89 8.20
CA LEU B 353 44.98 -15.64 7.38
C LEU B 353 44.87 -15.16 5.94
N HIS B 354 45.19 -13.91 5.64
CA HIS B 354 45.27 -13.40 4.27
C HIS B 354 43.94 -13.53 3.53
N ILE B 355 42.95 -12.80 4.03
CA ILE B 355 41.69 -12.58 3.31
C ILE B 355 41.66 -11.12 2.88
N PRO B 356 41.57 -10.83 1.59
CA PRO B 356 41.59 -9.44 1.12
C PRO B 356 40.39 -8.67 1.63
N PRO B 357 40.50 -7.34 1.76
CA PRO B 357 39.40 -6.56 2.33
C PRO B 357 38.10 -6.67 1.56
N GLU B 358 38.17 -6.83 0.23
CA GLU B 358 36.95 -6.93 -0.56
C GLU B 358 36.26 -8.27 -0.37
N GLU B 359 36.99 -9.29 0.06
CA GLU B 359 36.44 -10.63 0.25
C GLU B 359 35.86 -10.85 1.64
N LEU B 360 36.00 -9.88 2.55
CA LEU B 360 35.51 -10.06 3.91
C LEU B 360 33.99 -10.20 3.96
N SER B 361 33.28 -9.40 3.15
CA SER B 361 31.83 -9.46 3.16
C SER B 361 31.31 -10.80 2.65
N SER B 362 32.06 -11.46 1.77
CA SER B 362 31.62 -12.74 1.23
C SER B 362 31.77 -13.87 2.25
N VAL B 363 32.67 -13.73 3.21
CA VAL B 363 32.89 -14.79 4.20
C VAL B 363 31.71 -14.85 5.16
N PRO B 364 31.12 -16.02 5.40
CA PRO B 364 29.99 -16.12 6.33
C PRO B 364 30.36 -16.25 7.80
N TRP B 365 31.61 -15.94 8.16
CA TRP B 365 32.12 -15.92 9.53
C TRP B 365 32.27 -17.34 10.10
N ALA B 366 31.73 -18.34 9.40
CA ALA B 366 32.01 -19.72 9.78
C ALA B 366 33.41 -20.13 9.32
N GLU B 367 33.79 -19.70 8.11
CA GLU B 367 35.15 -19.95 7.65
C GLU B 367 36.17 -19.22 8.51
N VAL B 368 35.78 -18.11 9.14
CA VAL B 368 36.68 -17.45 10.09
C VAL B 368 36.98 -18.39 11.26
N GLN B 369 35.94 -19.02 11.79
CA GLN B 369 36.14 -20.00 12.86
C GLN B 369 36.99 -21.17 12.38
N SER B 370 36.73 -21.65 11.17
CA SER B 370 37.51 -22.78 10.64
C SER B 370 38.97 -22.41 10.49
N ARG B 371 39.26 -21.21 9.97
CA ARG B 371 40.63 -20.77 9.80
C ARG B 371 41.32 -20.60 11.15
N LEU B 372 40.62 -20.06 12.14
CA LEU B 372 41.21 -19.94 13.47
C LEU B 372 41.50 -21.31 14.06
N LEU B 373 40.59 -22.26 13.89
CA LEU B 373 40.83 -23.63 14.34
C LEU B 373 42.09 -24.19 13.69
N ALA B 374 42.20 -24.06 12.37
CA ALA B 374 43.39 -24.53 11.66
C ALA B 374 44.64 -23.82 12.18
N LEU B 375 44.51 -22.56 12.59
CA LEU B 375 45.64 -21.85 13.17
C LEU B 375 46.08 -22.49 14.48
N GLN B 376 45.12 -22.88 15.33
CA GLN B 376 45.52 -23.62 16.54
C GLN B 376 46.13 -24.97 16.18
N ARG B 377 45.60 -25.66 15.16
CA ARG B 377 46.17 -26.94 14.77
C ARG B 377 47.61 -26.77 14.30
N SER B 378 47.91 -25.68 13.61
CA SER B 378 49.26 -25.40 13.14
C SER B 378 50.12 -24.75 14.22
N GLY B 379 49.57 -24.46 15.40
CA GLY B 379 50.33 -23.87 16.48
C GLY B 379 50.82 -22.46 16.21
N GLY B 380 49.96 -21.61 15.66
CA GLY B 380 50.36 -20.22 15.43
C GLY B 380 50.69 -19.47 16.71
N LEU B 381 49.87 -19.68 17.74
CA LEU B 381 50.10 -19.07 19.05
C LEU B 381 49.94 -20.12 20.13
N CYS B 382 50.63 -19.91 21.24
CA CYS B 382 50.58 -20.82 22.39
C CYS B 382 49.49 -20.40 23.37
N VAL B 383 48.26 -20.42 22.88
CA VAL B 383 47.09 -20.07 23.71
C VAL B 383 46.65 -21.37 24.37
N GLN B 384 47.29 -21.69 25.50
CA GLN B 384 47.10 -22.90 26.29
C GLN B 384 47.52 -24.14 25.52
N PRO B 385 48.04 -25.16 26.20
CA PRO B 385 48.43 -26.39 25.49
C PRO B 385 47.29 -27.07 24.77
N ARG B 386 46.08 -27.01 25.33
CA ARG B 386 44.91 -27.65 24.71
C ARG B 386 44.30 -26.68 23.70
N PRO B 387 44.12 -27.10 22.44
CA PRO B 387 43.63 -26.15 21.42
C PRO B 387 42.24 -25.64 21.74
N LEU B 388 42.02 -24.37 21.39
CA LEU B 388 40.74 -23.73 21.67
C LEU B 388 39.63 -24.35 20.83
N THR B 389 38.47 -24.54 21.44
CA THR B 389 37.30 -25.09 20.78
C THR B 389 36.15 -24.08 20.84
N GLU B 390 35.05 -24.43 20.16
CA GLU B 390 33.98 -23.47 19.90
C GLU B 390 33.40 -22.92 21.20
N LEU B 391 33.17 -23.80 22.18
CA LEU B 391 32.57 -23.37 23.43
C LEU B 391 33.44 -22.33 24.13
N ASP B 392 34.75 -22.56 24.16
CA ASP B 392 35.66 -21.62 24.81
C ASP B 392 35.70 -20.28 24.07
N ILE B 393 35.71 -20.32 22.73
CA ILE B 393 35.70 -19.08 21.96
C ILE B 393 34.42 -18.29 22.25
N HIS B 394 33.29 -18.97 22.31
CA HIS B 394 32.04 -18.28 22.62
C HIS B 394 32.06 -17.70 24.03
N HIS B 395 32.55 -18.48 25.00
CA HIS B 395 32.54 -18.03 26.39
C HIS B 395 33.42 -16.80 26.59
N ARG B 396 34.64 -16.83 26.05
CA ARG B 396 35.59 -15.74 26.27
C ARG B 396 35.08 -14.42 25.72
N ILE B 397 34.11 -14.45 24.82
CA ILE B 397 33.50 -13.23 24.33
C ILE B 397 32.18 -12.92 25.04
N LEU B 398 31.43 -13.93 25.48
CA LEU B 398 30.06 -13.74 25.92
C LEU B 398 29.85 -13.97 27.42
N ARG B 399 30.92 -13.96 28.22
CA ARG B 399 30.75 -14.17 29.67
C ARG B 399 29.81 -13.13 30.28
N TYR B 400 29.97 -11.85 29.91
CA TYR B 400 29.14 -10.81 30.51
C TYR B 400 27.69 -10.95 30.08
N THR B 401 27.47 -11.30 28.81
CA THR B 401 26.11 -11.54 28.36
C THR B 401 25.49 -12.72 29.08
N ASN B 402 26.26 -13.78 29.34
CA ASN B 402 25.73 -14.90 30.10
C ASN B 402 25.32 -14.48 31.51
N TYR B 403 26.17 -13.71 32.19
CA TYR B 403 25.80 -13.23 33.52
C TYR B 403 24.55 -12.36 33.46
N GLN B 404 24.46 -11.47 32.48
CA GLN B 404 23.31 -10.58 32.41
C GLN B 404 22.03 -11.35 32.10
N VAL B 405 22.12 -12.34 31.21
CA VAL B 405 20.94 -13.16 30.90
C VAL B 405 20.50 -13.95 32.13
N ALA B 406 21.44 -14.54 32.86
CA ALA B 406 21.07 -15.27 34.07
C ALA B 406 20.43 -14.35 35.11
N LEU B 407 21.02 -13.15 35.29
CA LEU B 407 20.48 -12.21 36.26
C LEU B 407 19.11 -11.69 35.87
N ALA B 408 18.84 -11.57 34.56
CA ALA B 408 17.52 -11.17 34.12
C ALA B 408 16.52 -12.31 34.23
N ASN B 409 16.98 -13.55 34.03
CA ASN B 409 16.11 -14.71 34.23
C ASN B 409 15.70 -14.82 35.69
N LYS B 410 16.62 -14.54 36.60
CA LYS B 410 16.25 -14.51 38.02
C LYS B 410 15.20 -13.44 38.30
N GLY B 411 15.15 -12.40 37.47
CA GLY B 411 14.12 -11.38 37.58
C GLY B 411 14.52 -10.11 38.29
N LEU B 412 15.81 -9.93 38.59
CA LEU B 412 16.22 -8.77 39.36
C LEU B 412 16.45 -7.55 38.49
N LEU B 413 16.99 -7.74 37.28
CA LEU B 413 17.37 -6.63 36.41
C LEU B 413 16.19 -5.78 35.96
N PRO B 414 15.15 -6.34 35.31
CA PRO B 414 14.08 -5.47 34.80
C PRO B 414 13.37 -4.73 35.93
N ALA B 415 13.33 -3.40 35.86
CA ALA B 415 12.64 -2.61 36.86
C ALA B 415 11.16 -2.94 36.87
N ARG B 416 10.61 -3.17 38.05
CA ARG B 416 9.23 -3.61 38.23
C ARG B 416 8.53 -2.76 39.28
N CYS B 417 8.62 -1.45 39.13
CA CYS B 417 7.96 -0.55 40.07
C CYS B 417 6.45 -0.80 40.06
N PRO B 418 5.81 -0.91 41.22
CA PRO B 418 4.38 -1.27 41.25
C PRO B 418 3.51 -0.10 40.80
N LEU B 419 2.71 -0.35 39.77
CA LEU B 419 1.76 0.65 39.32
C LEU B 419 0.65 0.82 40.36
N PRO B 420 0.22 2.06 40.63
CA PRO B 420 -0.75 2.29 41.72
C PRO B 420 -2.05 1.53 41.56
N TRP B 421 -2.74 1.71 40.43
CA TRP B 421 -4.03 1.07 40.25
C TRP B 421 -3.91 -0.42 39.96
N GLY B 422 -2.73 -0.88 39.57
CA GLY B 422 -2.50 -2.29 39.28
C GLY B 422 -1.78 -2.46 37.96
N GLY B 423 -0.85 -3.40 37.93
CA GLY B 423 -0.07 -3.69 36.74
C GLY B 423 1.42 -3.61 37.01
N SER B 424 2.18 -4.09 36.02
CA SER B 424 3.63 -4.11 36.08
C SER B 424 4.21 -3.20 35.02
N ALA B 425 5.26 -2.47 35.39
CA ALA B 425 5.94 -1.55 34.49
C ALA B 425 7.36 -2.06 34.23
N ALA B 426 7.92 -1.69 33.08
CA ALA B 426 9.27 -2.07 32.70
C ALA B 426 10.05 -0.83 32.32
N PHE B 427 11.30 -0.75 32.76
CA PHE B 427 12.17 0.39 32.48
C PHE B 427 13.58 -0.13 32.20
N LEU B 428 13.95 -0.17 30.92
CA LEU B 428 15.26 -0.64 30.49
C LEU B 428 15.86 0.29 29.47
N SER B 429 15.86 1.59 29.78
CA SER B 429 16.52 2.56 28.92
C SER B 429 18.03 2.35 28.94
N ARG B 430 18.71 2.95 27.96
CA ARG B 430 20.16 2.80 27.85
C ARG B 430 20.87 3.33 29.08
N GLY B 431 20.31 4.33 29.75
CA GLY B 431 20.95 4.87 30.94
C GLY B 431 21.08 3.86 32.05
N LEU B 432 19.98 3.14 32.34
CA LEU B 432 20.02 2.13 33.40
C LEU B 432 20.95 0.98 33.03
N ALA B 433 20.94 0.55 31.77
CA ALA B 433 21.84 -0.52 31.35
C ALA B 433 23.29 -0.09 31.46
N LEU B 434 23.60 1.15 31.07
CA LEU B 434 24.96 1.65 31.21
C LEU B 434 25.37 1.74 32.67
N ASN B 435 24.46 2.17 33.54
CA ASN B 435 24.77 2.21 34.97
C ASN B 435 25.05 0.82 35.51
N VAL B 436 24.24 -0.16 35.12
CA VAL B 436 24.47 -1.53 35.58
C VAL B 436 25.81 -2.05 35.08
N ASP B 437 26.13 -1.77 33.82
CA ASP B 437 27.41 -2.22 33.27
C ASP B 437 28.58 -1.58 33.98
N LEU B 438 28.49 -0.28 34.27
CA LEU B 438 29.57 0.42 34.95
C LEU B 438 29.70 -0.03 36.40
N LEU B 439 28.59 -0.48 36.99
CA LEU B 439 28.58 -0.94 38.36
C LEU B 439 29.05 -2.38 38.53
N LEU B 440 28.78 -3.25 37.56
CA LEU B 440 28.95 -4.69 37.74
C LEU B 440 30.14 -5.27 36.99
N PHE B 441 30.38 -4.83 35.74
CA PHE B 441 31.33 -5.50 34.87
C PHE B 441 32.53 -4.63 34.51
N ARG B 442 32.31 -3.44 33.95
CA ARG B 442 33.38 -2.62 33.42
C ARG B 442 33.54 -1.35 34.26
N GLY B 443 34.79 -1.02 34.58
CA GLY B 443 35.09 0.19 35.31
C GLY B 443 36.02 -0.04 36.47
N PRO B 444 36.47 1.04 37.11
CA PRO B 444 37.33 0.88 38.30
C PRO B 444 36.57 0.46 39.55
N PHE B 445 35.32 0.88 39.70
CA PHE B 445 34.49 0.51 40.83
C PHE B 445 33.72 -0.78 40.59
N SER B 446 33.91 -1.42 39.44
CA SER B 446 33.22 -2.66 39.13
C SER B 446 33.62 -3.77 40.08
N LEU B 447 32.68 -4.70 40.31
CA LEU B 447 33.03 -5.92 41.03
C LEU B 447 34.03 -6.75 40.23
N PHE B 448 33.83 -6.81 38.92
CA PHE B 448 34.76 -7.50 38.02
C PHE B 448 35.77 -6.49 37.49
N ARG B 449 36.78 -6.21 38.31
CA ARG B 449 37.84 -5.29 37.91
C ARG B 449 38.64 -5.94 36.79
N GLY B 450 38.36 -5.54 35.56
CA GLY B 450 38.97 -6.14 34.39
C GLY B 450 38.22 -7.32 33.83
N GLY B 451 37.34 -7.94 34.62
CA GLY B 451 36.51 -9.03 34.13
C GLY B 451 37.23 -10.34 33.89
N TRP B 452 38.49 -10.47 34.33
CA TRP B 452 39.21 -11.72 34.10
C TRP B 452 38.70 -12.82 35.01
N GLU B 453 38.50 -12.51 36.30
CA GLU B 453 38.08 -13.53 37.26
C GLU B 453 37.46 -12.85 38.47
N LEU B 454 36.61 -13.60 39.15
CA LEU B 454 35.98 -13.11 40.38
C LEU B 454 37.00 -13.13 41.52
N PRO B 455 37.19 -12.03 42.23
CA PRO B 455 38.16 -12.04 43.33
C PRO B 455 37.71 -12.94 44.47
N HIS B 456 38.70 -13.46 45.20
CA HIS B 456 38.45 -14.44 46.25
C HIS B 456 37.67 -13.85 47.42
N ALA B 457 37.62 -12.53 47.55
CA ALA B 457 36.97 -11.91 48.69
C ALA B 457 35.49 -12.26 48.75
N TYR B 458 34.84 -12.38 47.58
CA TYR B 458 33.40 -12.63 47.58
C TYR B 458 33.06 -14.10 47.75
N LYS B 459 34.07 -14.99 47.71
CA LYS B 459 33.79 -16.40 47.94
C LYS B 459 33.52 -16.70 49.41
N ARG B 460 34.11 -15.92 50.31
CA ARG B 460 33.91 -16.13 51.74
C ARG B 460 32.46 -15.82 52.12
N SER B 461 31.85 -16.72 52.87
CA SER B 461 30.45 -16.55 53.26
C SER B 461 30.26 -15.54 54.38
N ASP B 462 31.25 -15.39 55.27
CA ASP B 462 31.06 -14.57 56.46
C ASP B 462 31.13 -13.08 56.15
N GLN B 463 31.98 -12.68 55.20
CA GLN B 463 32.16 -11.27 54.86
C GLN B 463 31.03 -10.70 54.00
N ARG B 464 29.95 -11.45 53.81
CA ARG B 464 28.92 -11.04 52.86
C ARG B 464 28.23 -9.75 53.33
N GLY B 465 28.00 -9.61 54.63
CA GLY B 465 27.37 -8.39 55.12
C GLY B 465 28.22 -7.16 54.91
N ALA B 466 29.52 -7.26 55.21
CA ALA B 466 30.43 -6.14 54.97
C ALA B 466 30.50 -5.79 53.49
N LEU B 467 30.56 -6.81 52.63
CA LEU B 467 30.62 -6.54 51.20
C LEU B 467 29.32 -5.92 50.71
N ALA B 468 28.18 -6.32 51.27
CA ALA B 468 26.91 -5.70 50.92
C ALA B 468 26.88 -4.24 51.35
N ALA B 469 27.41 -3.94 52.54
CA ALA B 469 27.49 -2.55 52.97
C ALA B 469 28.38 -1.72 52.06
N ARG B 470 29.51 -2.29 51.64
CA ARG B 470 30.39 -1.60 50.69
C ARG B 470 29.65 -1.34 49.37
N TRP B 471 28.90 -2.34 48.89
CA TRP B 471 28.12 -2.13 47.68
C TRP B 471 27.05 -1.07 47.87
N GLY B 472 26.48 -0.99 49.09
CA GLY B 472 25.48 0.02 49.35
C GLY B 472 26.06 1.43 49.29
N ARG B 473 27.21 1.65 49.91
CA ARG B 473 27.82 2.98 49.78
C ARG B 473 28.25 3.25 48.34
N THR B 474 28.69 2.21 47.62
CA THR B 474 29.07 2.40 46.22
C THR B 474 27.87 2.83 45.38
N VAL B 475 26.72 2.18 45.57
CA VAL B 475 25.55 2.55 44.78
C VAL B 475 25.04 3.92 45.19
N LEU B 476 25.17 4.29 46.47
CA LEU B 476 24.77 5.62 46.89
C LEU B 476 25.62 6.69 46.20
N LEU B 477 26.94 6.48 46.16
CA LEU B 477 27.80 7.48 45.52
C LEU B 477 27.58 7.51 44.01
N LEU B 478 27.34 6.34 43.40
CA LEU B 478 27.03 6.32 41.97
C LEU B 478 25.73 7.06 41.67
N ALA B 479 24.71 6.88 42.51
CA ALA B 479 23.46 7.60 42.34
C ALA B 479 23.68 9.10 42.49
N ALA B 480 24.52 9.50 43.45
CA ALA B 480 24.83 10.92 43.60
C ALA B 480 25.50 11.48 42.35
N LEU B 481 26.46 10.75 41.79
CA LEU B 481 27.13 11.20 40.57
C LEU B 481 26.14 11.32 39.41
N ASN B 482 25.28 10.32 39.25
CA ASN B 482 24.31 10.35 38.16
C ASN B 482 23.32 11.50 38.32
N LEU B 483 22.87 11.75 39.55
CA LEU B 483 21.98 12.87 39.80
C LEU B 483 22.67 14.19 39.49
N ALA B 484 23.96 14.30 39.83
CA ALA B 484 24.71 15.51 39.50
C ALA B 484 24.80 15.71 38.00
N LEU B 485 25.02 14.64 37.24
CA LEU B 485 25.22 14.76 35.80
C LEU B 485 23.92 14.73 34.99
N SER B 486 22.78 14.50 35.64
CA SER B 486 21.53 14.34 34.90
C SER B 486 21.15 15.50 33.98
N PRO B 487 21.19 16.78 34.40
CA PRO B 487 20.60 17.82 33.53
C PRO B 487 21.27 17.96 32.17
N LEU B 488 22.59 17.80 32.10
CA LEU B 488 23.29 18.00 30.84
C LEU B 488 22.94 16.91 29.83
N VAL B 489 22.97 15.64 30.27
CA VAL B 489 22.58 14.57 29.37
C VAL B 489 21.09 14.66 29.04
N LEU B 490 20.28 15.20 29.95
CA LEU B 490 18.87 15.43 29.63
C LEU B 490 18.73 16.41 28.48
N ALA B 491 19.47 17.52 28.54
CA ALA B 491 19.41 18.51 27.46
C ALA B 491 19.92 17.92 26.15
N TRP B 492 21.01 17.14 26.21
CA TRP B 492 21.55 16.52 25.01
C TRP B 492 20.53 15.57 24.37
N GLN B 493 19.90 14.73 25.20
CA GLN B 493 18.89 13.82 24.69
C GLN B 493 17.70 14.59 24.12
N VAL B 494 17.34 15.71 24.76
CA VAL B 494 16.24 16.53 24.25
C VAL B 494 16.56 17.03 22.85
N LEU B 495 17.76 17.56 22.65
CA LEU B 495 18.13 18.06 21.32
C LEU B 495 18.13 16.93 20.29
N HIS B 496 18.71 15.79 20.65
CA HIS B 496 18.81 14.69 19.70
C HIS B 496 17.44 14.16 19.31
N VAL B 497 16.56 13.97 20.30
CA VAL B 497 15.23 13.46 20.01
C VAL B 497 14.41 14.50 19.25
N PHE B 498 14.65 15.79 19.52
CA PHE B 498 13.99 16.84 18.74
C PHE B 498 14.33 16.71 17.26
N TYR B 499 15.62 16.58 16.95
CA TYR B 499 16.02 16.42 15.55
C TYR B 499 15.41 15.16 14.96
N SER B 500 15.51 14.04 15.68
CA SER B 500 15.02 12.76 15.14
C SER B 500 13.51 12.80 14.89
N HIS B 501 12.75 13.38 15.82
CA HIS B 501 11.29 13.42 15.68
C HIS B 501 10.87 14.37 14.58
N VAL B 502 11.46 15.57 14.54
CA VAL B 502 11.07 16.53 13.52
C VAL B 502 11.51 16.08 12.13
N GLU B 503 12.49 15.18 12.03
CA GLU B 503 12.80 14.60 10.73
C GLU B 503 11.62 13.83 10.16
N LEU B 504 10.94 13.04 11.00
CA LEU B 504 9.79 12.24 10.57
C LEU B 504 8.47 12.99 10.67
N LEU B 505 8.44 14.16 11.33
CA LEU B 505 7.18 14.85 11.53
C LEU B 505 6.52 15.23 10.20
N ARG B 506 7.31 15.73 9.25
CA ARG B 506 6.73 16.09 7.96
C ARG B 506 6.21 14.86 7.24
N ARG B 507 6.91 13.74 7.35
CA ARG B 507 6.49 12.51 6.71
C ARG B 507 5.24 11.95 7.36
N GLU B 508 4.59 11.03 6.67
CA GLU B 508 3.36 10.43 7.18
C GLU B 508 3.64 9.64 8.45
N PRO B 509 2.67 9.59 9.37
CA PRO B 509 2.90 8.89 10.64
C PRO B 509 2.89 7.37 10.50
N GLY B 510 2.86 6.88 9.26
CA GLY B 510 2.94 5.44 9.05
C GLY B 510 4.23 4.85 9.58
N ALA B 511 5.35 5.50 9.27
CA ALA B 511 6.62 5.12 9.89
C ALA B 511 6.59 5.38 11.40
N LEU B 512 6.00 6.50 11.81
CA LEU B 512 5.84 6.79 13.23
C LEU B 512 4.91 5.78 13.90
N GLY B 513 3.93 5.25 13.15
CA GLY B 513 3.05 4.24 13.68
C GLY B 513 3.61 2.83 13.70
N ALA B 514 4.77 2.63 13.07
CA ALA B 514 5.40 1.31 13.09
C ALA B 514 5.90 0.97 14.49
N ARG B 515 6.13 -0.32 14.72
CA ARG B 515 6.58 -0.80 16.01
C ARG B 515 7.78 -1.72 15.83
N GLY B 516 8.88 -1.39 16.50
CA GLY B 516 10.08 -2.21 16.49
C GLY B 516 10.27 -2.92 17.82
N TRP B 517 11.39 -3.63 17.91
CA TRP B 517 11.70 -4.38 19.12
C TRP B 517 12.16 -3.45 20.23
N SER B 518 12.17 -3.97 21.46
CA SER B 518 12.61 -3.24 22.63
C SER B 518 13.71 -4.02 23.35
N ARG B 519 14.50 -3.30 24.14
CA ARG B 519 15.65 -3.90 24.81
C ARG B 519 15.26 -5.01 25.78
N LEU B 520 14.07 -4.93 26.37
CA LEU B 520 13.61 -6.02 27.23
C LEU B 520 13.49 -7.32 26.43
N ALA B 521 12.98 -7.23 25.20
CA ALA B 521 12.95 -8.40 24.34
C ALA B 521 14.36 -8.87 24.00
N ARG B 522 15.27 -7.94 23.73
CA ARG B 522 16.64 -8.33 23.41
C ARG B 522 17.38 -8.89 24.61
N LEU B 523 16.82 -8.75 25.81
CA LEU B 523 17.46 -9.31 27.00
C LEU B 523 16.84 -10.65 27.39
N GLN B 524 15.51 -10.75 27.42
CA GLN B 524 14.87 -11.97 27.88
C GLN B 524 14.87 -13.07 26.83
N LEU B 525 15.15 -12.74 25.56
CA LEU B 525 15.06 -13.68 24.45
C LEU B 525 16.43 -14.09 23.92
N ARG B 526 17.47 -14.03 24.73
CA ARG B 526 18.81 -14.35 24.28
C ARG B 526 19.25 -15.67 24.91
N HIS B 527 19.44 -16.67 24.07
CA HIS B 527 19.86 -17.99 24.54
C HIS B 527 21.29 -17.94 25.06
N PHE B 528 21.65 -18.95 25.83
CA PHE B 528 23.00 -19.02 26.37
C PHE B 528 24.01 -19.26 25.24
N ASN B 529 25.13 -18.54 25.30
CA ASN B 529 26.20 -18.64 24.30
C ASN B 529 25.67 -18.32 22.90
N GLU B 530 25.11 -17.12 22.76
CA GLU B 530 24.53 -16.67 21.51
C GLU B 530 25.14 -15.34 21.10
N LEU B 531 25.63 -15.26 19.86
CA LEU B 531 26.19 -14.03 19.34
C LEU B 531 25.08 -13.05 18.95
N PRO B 532 25.39 -11.76 18.90
CA PRO B 532 24.36 -10.77 18.51
C PRO B 532 23.77 -11.00 17.14
N HIS B 533 24.57 -11.46 16.17
CA HIS B 533 24.08 -11.58 14.81
C HIS B 533 22.99 -12.64 14.68
N GLU B 534 23.13 -13.77 15.39
CA GLU B 534 22.09 -14.79 15.35
C GLU B 534 20.81 -14.30 16.00
N LEU B 535 20.93 -13.56 17.11
CA LEU B 535 19.76 -12.96 17.72
C LEU B 535 19.06 -12.01 16.75
N ARG B 536 19.84 -11.19 16.05
CA ARG B 536 19.26 -10.27 15.07
C ARG B 536 18.55 -11.03 13.97
N ALA B 537 19.14 -12.13 13.49
CA ALA B 537 18.49 -12.93 12.45
C ALA B 537 17.18 -13.53 12.95
N ARG B 538 17.19 -14.05 14.19
CA ARG B 538 15.97 -14.66 14.74
C ARG B 538 14.85 -13.64 14.83
N LEU B 539 15.14 -12.44 15.36
CA LEU B 539 14.08 -11.44 15.46
C LEU B 539 13.67 -10.91 14.09
N ALA B 540 14.61 -10.83 13.15
CA ALA B 540 14.26 -10.41 11.79
C ALA B 540 13.29 -11.39 11.15
N ARG B 541 13.52 -12.69 11.35
CA ARG B 541 12.61 -13.68 10.79
C ARG B 541 11.31 -13.80 11.57
N ALA B 542 11.29 -13.42 12.85
CA ALA B 542 10.08 -13.51 13.66
C ALA B 542 9.27 -12.22 13.69
N TYR B 543 9.75 -11.15 13.04
CA TYR B 543 9.03 -9.87 13.10
C TYR B 543 7.61 -9.98 12.56
N ARG B 544 7.44 -10.52 11.35
CA ARG B 544 6.13 -10.48 10.70
C ARG B 544 5.06 -11.29 11.42
N PRO B 545 5.25 -12.58 11.74
CA PRO B 545 4.18 -13.33 12.40
C PRO B 545 3.77 -12.74 13.74
N ALA B 546 4.73 -12.19 14.50
CA ALA B 546 4.39 -11.54 15.75
C ALA B 546 3.45 -10.37 15.54
N ALA B 547 3.75 -9.54 14.52
CA ALA B 547 2.87 -8.41 14.21
C ALA B 547 1.49 -8.89 13.78
N ALA B 548 1.44 -9.93 12.95
CA ALA B 548 0.15 -10.45 12.50
C ALA B 548 -0.69 -10.95 13.69
N PHE B 549 -0.05 -11.72 14.58
CA PHE B 549 -0.76 -12.20 15.76
C PHE B 549 -1.18 -11.05 16.66
N LEU B 550 -0.40 -9.97 16.70
CA LEU B 550 -0.76 -8.80 17.49
C LEU B 550 -2.01 -8.13 16.94
N ARG B 551 -2.10 -7.97 15.62
CA ARG B 551 -3.23 -7.23 15.06
C ARG B 551 -4.42 -8.11 14.71
N THR B 552 -4.31 -9.43 14.85
CA THR B 552 -5.43 -10.29 14.47
C THR B 552 -6.37 -10.53 15.65
N ALA B 553 -5.81 -10.82 16.83
CA ALA B 553 -6.59 -11.24 17.99
C ALA B 553 -6.62 -10.15 19.07
N ALA B 554 -6.74 -8.90 18.67
CA ALA B 554 -6.86 -7.82 19.64
C ALA B 554 -8.18 -7.94 20.41
N PRO B 555 -8.16 -7.71 21.71
CA PRO B 555 -9.41 -7.81 22.51
C PRO B 555 -10.42 -6.77 22.07
N PRO B 556 -11.70 -7.13 22.06
CA PRO B 556 -12.73 -6.16 21.66
C PRO B 556 -12.94 -5.09 22.72
N ALA B 557 -13.44 -3.94 22.27
CA ALA B 557 -13.75 -2.83 23.17
C ALA B 557 -14.92 -2.03 22.61
N PRO B 558 -16.13 -2.21 23.15
CA PRO B 558 -17.29 -1.53 22.54
C PRO B 558 -17.35 -0.04 22.83
N LEU B 559 -17.05 0.36 24.07
CA LEU B 559 -17.18 1.76 24.45
C LEU B 559 -16.24 2.63 23.64
N ARG B 560 -15.00 2.17 23.44
CA ARG B 560 -14.04 2.92 22.64
C ARG B 560 -14.54 3.10 21.20
N THR B 561 -15.10 2.04 20.62
CA THR B 561 -15.62 2.15 19.25
C THR B 561 -16.78 3.13 19.18
N LEU B 562 -17.70 3.09 20.14
CA LEU B 562 -18.84 4.00 20.12
C LEU B 562 -18.38 5.45 20.26
N LEU B 563 -17.47 5.71 21.20
CA LEU B 563 -16.97 7.06 21.37
C LEU B 563 -16.23 7.54 20.13
N ALA B 564 -15.42 6.67 19.53
CA ALA B 564 -14.72 7.04 18.30
C ALA B 564 -15.70 7.38 17.19
N ARG B 565 -16.77 6.59 17.06
CA ARG B 565 -17.77 6.86 16.03
C ARG B 565 -18.42 8.23 16.24
N GLN B 566 -18.79 8.54 17.48
CA GLN B 566 -19.45 9.82 17.72
C GLN B 566 -18.51 11.00 17.48
N LEU B 567 -17.27 10.88 17.96
CA LEU B 567 -16.29 11.95 17.71
C LEU B 567 -16.00 12.13 16.23
N VAL B 568 -15.86 11.02 15.48
CA VAL B 568 -15.54 11.16 14.06
C VAL B 568 -16.72 11.77 13.32
N PHE B 569 -17.95 11.42 13.70
CA PHE B 569 -19.09 12.06 13.02
C PHE B 569 -19.14 13.55 13.33
N PHE B 570 -18.96 13.94 14.59
CA PHE B 570 -19.03 15.37 14.91
C PHE B 570 -17.93 16.14 14.20
N ALA B 571 -16.72 15.58 14.15
CA ALA B 571 -15.65 16.20 13.39
C ALA B 571 -16.01 16.32 11.92
N GLY B 572 -16.62 15.27 11.35
CA GLY B 572 -17.01 15.32 9.96
C GLY B 572 -18.07 16.37 9.68
N ALA B 573 -19.04 16.50 10.58
CA ALA B 573 -20.08 17.52 10.39
C ALA B 573 -19.49 18.93 10.47
N LEU B 574 -18.61 19.17 11.45
CA LEU B 574 -17.98 20.48 11.55
C LEU B 574 -17.14 20.75 10.30
N PHE B 575 -16.42 19.74 9.81
CA PHE B 575 -15.63 19.90 8.60
C PHE B 575 -16.52 20.19 7.40
N ALA B 576 -17.69 19.54 7.35
CA ALA B 576 -18.64 19.79 6.28
C ALA B 576 -19.05 21.25 6.25
N ALA B 577 -19.51 21.76 7.39
CA ALA B 577 -19.95 23.15 7.44
C ALA B 577 -18.79 24.09 7.11
N LEU B 578 -17.62 23.82 7.66
CA LEU B 578 -16.48 24.73 7.50
C LEU B 578 -16.02 24.76 6.06
N LEU B 579 -15.92 23.60 5.41
CA LEU B 579 -15.49 23.55 4.01
C LEU B 579 -16.54 24.15 3.09
N VAL B 580 -17.83 23.92 3.36
CA VAL B 580 -18.87 24.52 2.52
C VAL B 580 -18.80 26.03 2.62
N LEU B 581 -18.55 26.56 3.82
CA LEU B 581 -18.33 27.99 3.96
C LEU B 581 -17.08 28.44 3.21
N THR B 582 -16.01 27.64 3.26
CA THR B 582 -14.73 28.07 2.70
C THR B 582 -14.76 28.12 1.18
N VAL B 583 -15.40 27.14 0.53
CA VAL B 583 -15.33 27.05 -0.92
C VAL B 583 -15.91 28.30 -1.57
N TYR B 584 -17.06 28.76 -1.10
CA TYR B 584 -17.65 29.98 -1.61
C TYR B 584 -18.25 30.82 -0.49
N VAL B 588 -14.15 33.38 -0.49
CA VAL B 588 -13.17 34.44 -0.28
C VAL B 588 -12.00 33.90 0.52
N LEU B 589 -10.79 34.31 0.15
CA LEU B 589 -9.57 33.87 0.80
C LEU B 589 -9.14 34.78 1.95
N ALA B 590 -9.91 35.82 2.26
CA ALA B 590 -9.56 36.79 3.28
C ALA B 590 -10.34 36.58 4.57
N VAL B 591 -10.74 35.34 4.85
CA VAL B 591 -11.50 35.06 6.07
C VAL B 591 -10.62 35.25 7.29
N GLU B 592 -9.40 34.71 7.27
CA GLU B 592 -8.35 34.87 8.27
C GLU B 592 -8.68 34.20 9.60
N HIS B 593 -9.83 33.55 9.74
CA HIS B 593 -10.16 32.88 11.00
C HIS B 593 -10.58 31.43 10.75
N VAL B 594 -11.23 31.17 9.62
CA VAL B 594 -11.59 29.81 9.24
C VAL B 594 -10.35 28.94 9.07
N LEU B 595 -9.34 29.46 8.36
CA LEU B 595 -8.14 28.67 8.10
C LEU B 595 -7.41 28.31 9.38
N THR B 596 -7.63 29.07 10.46
CA THR B 596 -7.03 28.74 11.75
C THR B 596 -7.58 27.42 12.28
N ALA B 597 -8.91 27.28 12.30
CA ALA B 597 -9.53 26.07 12.82
C ALA B 597 -9.55 24.93 11.81
N MET B 598 -9.32 25.21 10.53
CA MET B 598 -9.34 24.17 9.52
C MET B 598 -8.31 23.08 9.83
N THR B 599 -7.08 23.49 10.14
CA THR B 599 -6.02 22.51 10.40
C THR B 599 -6.32 21.67 11.62
N ALA B 600 -6.79 22.31 12.70
CA ALA B 600 -7.09 21.57 13.92
C ALA B 600 -8.22 20.58 13.70
N LEU B 601 -9.28 21.02 13.01
CA LEU B 601 -10.40 20.12 12.76
C LEU B 601 -9.98 18.96 11.86
N GLY B 602 -9.13 19.23 10.86
CA GLY B 602 -8.61 18.15 10.04
C GLY B 602 -7.76 17.18 10.82
N VAL B 603 -6.96 17.69 11.75
CA VAL B 603 -6.15 16.81 12.59
C VAL B 603 -7.03 15.92 13.44
N THR B 604 -8.10 16.48 14.02
CA THR B 604 -9.04 15.68 14.78
C THR B 604 -9.69 14.62 13.91
N ALA B 605 -10.08 14.98 12.69
CA ALA B 605 -10.67 13.99 11.78
C ALA B 605 -9.69 12.88 11.45
N THR B 606 -8.43 13.22 11.19
CA THR B 606 -7.45 12.21 10.82
C THR B 606 -7.11 11.29 11.99
N VAL B 607 -7.05 11.83 13.21
CA VAL B 607 -6.80 10.94 14.35
C VAL B 607 -8.03 10.05 14.61
N ALA B 608 -9.22 10.59 14.44
CA ALA B 608 -10.44 9.81 14.66
C ALA B 608 -10.56 8.68 13.66
N ARG B 609 -10.27 8.94 12.38
CA ARG B 609 -10.44 7.92 11.36
C ARG B 609 -9.50 6.74 11.58
N SER B 610 -8.26 7.01 11.99
CA SER B 610 -7.31 5.94 12.25
C SER B 610 -7.51 5.30 13.61
N PHE B 611 -8.18 5.98 14.54
CA PHE B 611 -8.39 5.41 15.86
C PHE B 611 -9.47 4.33 15.86
N ILE B 612 -10.50 4.48 15.04
CA ILE B 612 -11.61 3.53 15.04
C ILE B 612 -11.14 2.18 14.47
N PRO B 613 -11.59 1.05 15.01
CA PRO B 613 -11.29 -0.24 14.39
C PRO B 613 -12.16 -0.49 13.17
N GLU B 614 -11.74 -1.47 12.37
CA GLU B 614 -12.45 -1.85 11.16
C GLU B 614 -12.43 -3.36 11.03
N GLU B 615 -13.15 -3.86 10.03
CA GLU B 615 -13.21 -5.30 9.77
C GLU B 615 -11.85 -5.82 9.30
N ALA B 621 -6.59 -16.72 11.69
CA ALA B 621 -6.58 -17.67 12.79
C ALA B 621 -5.50 -17.31 13.81
N PRO B 622 -5.94 -16.84 14.99
CA PRO B 622 -4.96 -16.46 16.03
C PRO B 622 -4.07 -17.60 16.47
N GLN B 623 -4.58 -18.83 16.52
CA GLN B 623 -3.78 -19.95 17.00
C GLN B 623 -2.62 -20.24 16.07
N LEU B 624 -2.86 -20.22 14.75
CA LEU B 624 -1.80 -20.49 13.79
C LEU B 624 -0.72 -19.42 13.86
N LEU B 625 -1.14 -18.14 13.96
CA LEU B 625 -0.16 -17.07 14.09
C LEU B 625 0.65 -17.20 15.37
N LEU B 626 -0.01 -17.54 16.48
CA LEU B 626 0.72 -17.74 17.73
C LEU B 626 1.72 -18.87 17.61
N GLN B 627 1.33 -19.98 16.97
CA GLN B 627 2.24 -21.11 16.82
C GLN B 627 3.44 -20.75 15.95
N THR B 628 3.20 -20.09 14.81
CA THR B 628 4.31 -19.76 13.93
C THR B 628 5.19 -18.66 14.54
N ALA B 629 4.63 -17.82 15.41
CA ALA B 629 5.46 -16.86 16.12
C ALA B 629 6.30 -17.53 17.19
N LEU B 630 5.70 -18.46 17.94
CA LEU B 630 6.43 -19.18 18.97
C LEU B 630 7.46 -20.14 18.41
N ALA B 631 7.34 -20.50 17.12
CA ALA B 631 8.36 -21.32 16.50
C ALA B 631 9.72 -20.62 16.50
N HIS B 632 9.72 -19.29 16.46
CA HIS B 632 10.94 -18.51 16.55
C HIS B 632 11.11 -17.83 17.90
N MET B 633 10.01 -17.68 18.64
CA MET B 633 10.04 -17.08 19.98
C MET B 633 10.88 -17.91 20.94
N HIS B 634 10.83 -19.24 20.79
CA HIS B 634 11.65 -20.19 21.55
C HIS B 634 11.36 -20.15 23.04
N TYR B 635 11.78 -19.08 23.71
CA TYR B 635 11.46 -18.85 25.11
C TYR B 635 10.27 -17.90 25.22
N LEU B 636 9.58 -17.98 26.35
CA LEU B 636 8.47 -17.09 26.63
C LEU B 636 8.62 -16.63 28.08
N PRO B 637 8.33 -15.37 28.39
CA PRO B 637 8.44 -14.85 29.76
C PRO B 637 7.44 -15.52 30.71
N GLY B 643 -8.17 -14.71 31.94
CA GLY B 643 -8.24 -15.03 30.52
C GLY B 643 -6.88 -15.25 29.90
N GLY B 644 -6.68 -16.43 29.31
CA GLY B 644 -5.40 -16.74 28.69
C GLY B 644 -5.09 -15.85 27.51
N ARG B 645 -6.10 -15.54 26.70
CA ARG B 645 -5.89 -14.67 25.54
C ARG B 645 -5.46 -13.27 25.98
N ASP B 646 -6.09 -12.76 27.03
CA ASP B 646 -5.72 -11.43 27.54
C ASP B 646 -4.27 -11.42 28.00
N ARG B 647 -3.86 -12.44 28.75
CA ARG B 647 -2.48 -12.50 29.22
C ARG B 647 -1.50 -12.61 28.07
N ALA B 648 -1.82 -13.46 27.07
CA ALA B 648 -0.93 -13.63 25.94
C ALA B 648 -0.79 -12.35 25.15
N TYR B 649 -1.90 -11.66 24.88
CA TYR B 649 -1.83 -10.40 24.15
C TYR B 649 -1.07 -9.34 24.93
N ARG B 650 -1.29 -9.25 26.25
CA ARG B 650 -0.57 -8.27 27.05
C ARG B 650 0.93 -8.54 27.03
N GLN B 651 1.32 -9.82 27.16
CA GLN B 651 2.75 -10.15 27.11
C GLN B 651 3.34 -9.83 25.74
N MET B 652 2.63 -10.17 24.66
CA MET B 652 3.15 -9.90 23.32
C MET B 652 3.27 -8.40 23.07
N ALA B 653 2.35 -7.62 23.64
CA ALA B 653 2.47 -6.17 23.54
C ALA B 653 3.65 -5.64 24.34
N GLN B 654 3.88 -6.22 25.53
CA GLN B 654 5.00 -5.77 26.36
C GLN B 654 6.34 -6.07 25.70
N LEU B 655 6.51 -7.27 25.13
CA LEU B 655 7.78 -7.62 24.51
C LEU B 655 8.06 -6.78 23.26
N LEU B 656 7.03 -6.23 22.63
CA LEU B 656 7.18 -5.46 21.40
C LEU B 656 6.53 -4.09 21.61
N GLN B 657 7.32 -3.11 22.02
CA GLN B 657 6.81 -1.78 22.35
C GLN B 657 6.57 -0.96 21.08
N TYR B 658 6.07 0.26 21.30
CA TYR B 658 5.82 1.21 20.23
C TYR B 658 6.99 2.19 20.15
N ARG B 659 7.25 2.68 18.94
CA ARG B 659 8.44 3.49 18.70
C ARG B 659 8.44 4.76 19.56
N ALA B 660 7.35 5.52 19.49
CA ALA B 660 7.28 6.76 20.27
C ALA B 660 7.34 6.48 21.77
N VAL B 661 6.79 5.34 22.19
CA VAL B 661 6.89 4.96 23.61
C VAL B 661 8.34 4.76 24.01
N SER B 662 9.12 4.07 23.17
CA SER B 662 10.53 3.85 23.48
C SER B 662 11.30 5.16 23.47
N LEU B 663 11.00 6.05 22.52
CA LEU B 663 11.67 7.35 22.51
C LEU B 663 11.33 8.17 23.74
N LEU B 664 10.08 8.12 24.18
CA LEU B 664 9.70 8.81 25.42
C LEU B 664 10.41 8.20 26.62
N GLU B 665 10.57 6.88 26.63
CA GLU B 665 11.36 6.22 27.67
C GLU B 665 12.78 6.74 27.70
N GLU B 666 13.40 6.84 26.51
CA GLU B 666 14.75 7.38 26.43
C GLU B 666 14.80 8.82 26.92
N LEU B 667 13.79 9.62 26.57
CA LEU B 667 13.75 11.01 27.00
C LEU B 667 13.62 11.13 28.51
N LEU B 668 12.82 10.26 29.13
CA LEU B 668 12.62 10.29 30.57
C LEU B 668 13.73 9.60 31.35
N SER B 669 14.61 8.86 30.68
CA SER B 669 15.69 8.17 31.38
C SER B 669 16.56 9.05 32.27
N PRO B 670 16.99 10.26 31.87
CA PRO B 670 17.87 11.03 32.76
C PRO B 670 17.24 11.37 34.10
N LEU B 671 15.96 11.70 34.13
CA LEU B 671 15.31 12.04 35.40
C LEU B 671 15.14 10.81 36.29
N LEU B 672 14.86 9.66 35.68
CA LEU B 672 14.66 8.42 36.43
C LEU B 672 15.96 7.68 36.70
N THR B 673 17.09 8.22 36.26
CA THR B 673 18.37 7.51 36.42
C THR B 673 18.72 7.21 37.87
N PRO B 674 18.71 8.18 38.81
CA PRO B 674 19.12 7.85 40.18
C PRO B 674 18.00 7.25 41.02
N LEU B 675 16.75 7.54 40.64
CA LEU B 675 15.62 7.12 41.46
C LEU B 675 15.52 5.60 41.53
N PHE B 676 15.57 4.94 40.36
CA PHE B 676 15.47 3.48 40.35
C PHE B 676 16.68 2.85 41.02
N LEU B 677 17.87 3.42 40.82
CA LEU B 677 19.06 2.88 41.46
C LEU B 677 18.94 2.94 42.97
N LEU B 678 18.37 4.03 43.50
CA LEU B 678 18.23 4.15 44.94
C LEU B 678 17.13 3.26 45.49
N PHE B 679 16.00 3.17 44.78
CA PHE B 679 14.81 2.54 45.34
C PHE B 679 14.71 1.05 45.06
N TRP B 680 15.26 0.57 43.94
CA TRP B 680 15.04 -0.80 43.49
C TRP B 680 16.21 -1.73 43.74
N PHE B 681 17.43 -1.19 43.81
CA PHE B 681 18.61 -2.04 43.98
C PHE B 681 19.09 -2.08 45.43
N ARG B 682 19.13 -0.92 46.10
CA ARG B 682 19.72 -0.86 47.44
C ARG B 682 19.01 -1.75 48.45
N PRO B 683 17.67 -1.73 48.60
CA PRO B 683 17.06 -2.59 49.63
C PRO B 683 17.35 -4.07 49.43
N ARG B 684 17.35 -4.55 48.19
CA ARG B 684 17.66 -5.94 47.89
C ARG B 684 19.13 -6.07 47.47
N ALA B 685 20.01 -5.90 48.46
CA ALA B 685 21.44 -5.94 48.18
C ALA B 685 22.04 -7.31 48.46
N LEU B 686 21.62 -7.96 49.55
CA LEU B 686 22.23 -9.21 49.98
C LEU B 686 21.99 -10.33 48.97
N GLU B 687 20.79 -10.38 48.40
CA GLU B 687 20.44 -11.53 47.56
C GLU B 687 21.18 -11.51 46.22
N ILE B 688 21.52 -10.33 45.71
CA ILE B 688 22.32 -10.27 44.48
C ILE B 688 23.72 -10.80 44.72
N ILE B 689 24.34 -10.43 45.85
CA ILE B 689 25.64 -10.96 46.20
C ILE B 689 25.56 -12.47 46.39
N ASP B 690 24.48 -12.94 47.02
CA ASP B 690 24.28 -14.38 47.16
C ASP B 690 24.17 -15.06 45.80
N PHE B 691 23.50 -14.41 44.84
CA PHE B 691 23.35 -14.98 43.51
C PHE B 691 24.71 -15.11 42.81
N PHE B 692 25.54 -14.07 42.87
CA PHE B 692 26.91 -14.23 42.37
C PHE B 692 27.66 -15.32 43.11
N HIS B 693 27.47 -15.44 44.43
CA HIS B 693 28.24 -16.41 45.19
C HIS B 693 27.89 -17.84 44.81
N HIS B 694 26.60 -18.15 44.69
CA HIS B 694 26.16 -19.53 44.54
C HIS B 694 25.90 -19.95 43.10
N PHE B 695 26.07 -19.05 42.12
CA PHE B 695 25.79 -19.38 40.73
C PHE B 695 27.02 -19.18 39.86
N THR B 696 28.22 -19.24 40.43
CA THR B 696 29.45 -19.11 39.68
C THR B 696 30.21 -20.44 39.72
N VAL B 697 30.77 -20.82 38.57
CA VAL B 697 31.52 -22.07 38.42
C VAL B 697 32.89 -21.73 37.85
N ASP B 698 33.94 -22.26 38.47
CA ASP B 698 35.31 -22.05 38.02
C ASP B 698 35.77 -23.25 37.20
N VAL B 699 36.35 -22.97 36.03
CA VAL B 699 36.86 -24.00 35.14
C VAL B 699 38.28 -23.65 34.74
N ALA B 700 39.03 -24.69 34.37
CA ALA B 700 40.42 -24.49 33.96
C ALA B 700 40.49 -23.77 32.62
N GLY B 701 41.43 -22.84 32.51
CA GLY B 701 41.63 -22.10 31.27
C GLY B 701 40.73 -20.90 31.12
N VAL B 702 39.44 -21.13 30.88
CA VAL B 702 38.51 -20.02 30.67
C VAL B 702 38.34 -19.22 31.95
N GLY B 703 38.12 -19.90 33.07
CA GLY B 703 37.99 -19.23 34.35
C GLY B 703 36.61 -19.27 34.96
N ASP B 704 35.96 -18.12 35.04
CA ASP B 704 34.68 -17.97 35.73
C ASP B 704 33.52 -18.01 34.74
N ILE B 705 32.59 -18.94 34.97
CA ILE B 705 31.42 -19.13 34.12
C ILE B 705 30.21 -19.39 35.01
N CYS B 706 29.08 -18.79 34.66
CA CYS B 706 27.85 -19.03 35.41
C CYS B 706 27.38 -20.47 35.24
N SER B 707 26.79 -21.01 36.30
CA SER B 707 26.25 -22.36 36.24
C SER B 707 25.12 -22.49 35.23
N PHE B 708 24.46 -21.39 34.88
CA PHE B 708 23.37 -21.42 33.92
C PHE B 708 23.86 -21.51 32.48
N ALA B 709 25.15 -21.27 32.23
CA ALA B 709 25.66 -21.39 30.86
C ALA B 709 25.78 -22.85 30.44
N LEU B 710 26.27 -23.70 31.33
CA LEU B 710 26.43 -25.12 31.03
C LEU B 710 25.09 -25.82 30.90
N ASN C 227 1.48 -12.15 -51.48
CA ASN C 227 2.41 -12.71 -50.48
C ASN C 227 1.70 -13.76 -49.63
N LEU C 228 2.16 -15.01 -49.74
CA LEU C 228 1.54 -16.10 -49.00
C LEU C 228 1.68 -15.90 -47.49
N ASP C 229 2.85 -15.46 -47.04
CA ASP C 229 3.06 -15.25 -45.61
C ASP C 229 2.18 -14.13 -45.08
N SER C 230 1.99 -13.07 -45.86
CA SER C 230 1.21 -11.93 -45.41
C SER C 230 -0.23 -12.32 -45.09
N PHE C 231 -0.77 -13.31 -45.81
CA PHE C 231 -2.14 -13.75 -45.54
C PHE C 231 -2.28 -14.27 -44.12
N PHE C 232 -1.40 -15.21 -43.74
CA PHE C 232 -1.45 -15.74 -42.38
C PHE C 232 -1.09 -14.67 -41.35
N THR C 233 -0.15 -13.79 -41.69
CA THR C 233 0.21 -12.73 -40.75
C THR C 233 -0.98 -11.83 -40.45
N LYS C 234 -1.74 -11.46 -41.48
CA LYS C 234 -2.91 -10.61 -41.28
C LYS C 234 -4.04 -11.37 -40.60
N ILE C 235 -4.22 -12.65 -40.90
CA ILE C 235 -5.28 -13.40 -40.21
C ILE C 235 -4.94 -13.55 -38.73
N TYR C 236 -3.66 -13.58 -38.38
CA TYR C 236 -3.29 -13.55 -36.97
C TYR C 236 -3.50 -12.17 -36.36
N SER C 237 -3.07 -11.13 -37.06
CA SER C 237 -3.14 -9.79 -36.51
C SER C 237 -4.57 -9.33 -36.29
N TYR C 238 -5.50 -9.77 -37.14
CA TYR C 238 -6.90 -9.41 -36.96
C TYR C 238 -7.42 -9.91 -35.61
N HIS C 239 -7.18 -11.18 -35.32
CA HIS C 239 -7.62 -11.72 -34.02
C HIS C 239 -6.85 -11.07 -32.88
N GLN C 240 -5.55 -10.85 -33.05
CA GLN C 240 -4.75 -10.29 -31.96
C GLN C 240 -5.12 -8.85 -31.65
N ARG C 241 -5.68 -8.12 -32.61
CA ARG C 241 -6.16 -6.77 -32.41
C ARG C 241 -7.65 -6.75 -32.07
N ASN C 242 -8.27 -7.92 -31.92
CA ASN C 242 -9.64 -8.13 -31.44
C ASN C 242 -10.61 -7.04 -31.90
N GLY C 243 -10.72 -6.92 -33.22
CA GLY C 243 -11.73 -6.06 -33.82
C GLY C 243 -11.25 -5.24 -35.01
N PHE C 244 -11.99 -5.34 -36.12
CA PHE C 244 -11.69 -4.51 -37.29
C PHE C 244 -11.90 -3.03 -37.00
N ALA C 245 -13.03 -2.70 -36.38
CA ALA C 245 -13.28 -1.31 -35.99
C ALA C 245 -12.18 -0.79 -35.08
N CYS C 246 -11.65 -1.66 -34.21
CA CYS C 246 -10.56 -1.27 -33.33
C CYS C 246 -9.33 -0.85 -34.15
N ILE C 247 -8.96 -1.65 -35.15
CA ILE C 247 -7.80 -1.32 -35.98
C ILE C 247 -8.03 -0.02 -36.72
N LEU C 248 -9.22 0.14 -37.32
CA LEU C 248 -9.50 1.33 -38.10
C LEU C 248 -9.40 2.59 -37.23
N LEU C 249 -10.05 2.58 -36.06
CA LEU C 249 -10.00 3.75 -35.19
C LEU C 249 -8.61 3.96 -34.64
N GLU C 250 -7.89 2.88 -34.32
CA GLU C 250 -6.53 3.04 -33.79
C GLU C 250 -5.64 3.74 -34.80
N ASP C 251 -5.77 3.37 -36.07
CA ASP C 251 -4.96 4.00 -37.10
C ASP C 251 -5.35 5.46 -37.30
N VAL C 252 -6.65 5.75 -37.40
CA VAL C 252 -7.05 7.13 -37.66
C VAL C 252 -6.68 8.02 -36.48
N PHE C 253 -6.79 7.50 -35.25
CA PHE C 253 -6.31 8.25 -34.08
C PHE C 253 -4.80 8.33 -33.99
N GLN C 254 -4.03 7.40 -34.57
CA GLN C 254 -2.59 7.60 -34.62
C GLN C 254 -2.24 8.75 -35.56
N LEU C 255 -2.94 8.83 -36.70
CA LEU C 255 -2.73 9.95 -37.60
C LEU C 255 -3.09 11.28 -36.93
N GLY C 256 -4.25 11.33 -36.28
CA GLY C 256 -4.64 12.51 -35.52
C GLY C 256 -3.68 12.81 -34.38
N GLN C 257 -3.16 11.77 -33.73
CA GLN C 257 -2.08 11.91 -32.77
C GLN C 257 -0.94 12.73 -33.34
N PHE C 258 -0.30 12.23 -34.40
CA PHE C 258 0.87 12.90 -34.93
C PHE C 258 0.56 14.32 -35.39
N ILE C 259 -0.61 14.52 -36.01
CA ILE C 259 -0.97 15.86 -36.44
C ILE C 259 -1.16 16.77 -35.22
N PHE C 260 -1.65 16.21 -34.11
CA PHE C 260 -1.84 17.02 -32.91
C PHE C 260 -0.51 17.45 -32.32
N ILE C 261 0.46 16.52 -32.21
CA ILE C 261 1.76 16.94 -31.69
C ILE C 261 2.37 18.02 -32.57
N VAL C 262 2.34 17.84 -33.90
CA VAL C 262 3.00 18.83 -34.74
C VAL C 262 2.30 20.19 -34.64
N THR C 263 0.96 20.21 -34.70
CA THR C 263 0.26 21.49 -34.69
C THR C 263 0.37 22.16 -33.32
N PHE C 264 0.32 21.39 -32.23
CA PHE C 264 0.41 21.99 -30.91
C PHE C 264 1.81 22.55 -30.64
N THR C 265 2.84 21.82 -31.07
CA THR C 265 4.20 22.32 -30.89
C THR C 265 4.41 23.60 -31.69
N THR C 266 4.00 23.61 -32.96
CA THR C 266 4.20 24.82 -33.76
C THR C 266 3.34 25.97 -33.26
N PHE C 267 2.17 25.68 -32.68
CA PHE C 267 1.33 26.73 -32.13
C PHE C 267 1.96 27.35 -30.88
N LEU C 268 2.47 26.50 -29.98
CA LEU C 268 3.11 27.02 -28.78
C LEU C 268 4.37 27.79 -29.11
N LEU C 269 5.10 27.36 -30.14
CA LEU C 269 6.34 28.05 -30.49
C LEU C 269 6.12 29.27 -31.37
N ARG C 270 4.96 29.38 -32.02
CA ARG C 270 4.76 30.43 -33.01
C ARG C 270 3.50 31.26 -32.78
N CYS C 271 2.80 31.06 -31.66
CA CYS C 271 1.63 31.87 -31.35
C CYS C 271 1.62 32.41 -29.93
N VAL C 272 2.28 31.74 -28.98
CA VAL C 272 2.27 32.19 -27.60
C VAL C 272 3.19 33.39 -27.44
N ASP C 273 2.66 34.48 -26.90
CA ASP C 273 3.42 35.69 -26.64
C ASP C 273 3.73 35.76 -25.16
N TYR C 274 5.02 35.61 -24.81
CA TYR C 274 5.42 35.67 -23.41
C TYR C 274 5.34 37.08 -22.84
N ASN C 275 5.38 38.10 -23.70
CA ASN C 275 5.42 39.48 -23.22
C ASN C 275 4.17 39.84 -22.44
N VAL C 276 2.99 39.59 -23.04
CA VAL C 276 1.74 39.94 -22.36
C VAL C 276 1.48 39.00 -21.19
N LEU C 277 1.80 37.71 -21.34
CA LEU C 277 1.50 36.75 -20.29
C LEU C 277 2.34 37.00 -19.04
N PHE C 278 3.61 37.34 -19.21
CA PHE C 278 4.50 37.56 -18.07
C PHE C 278 4.20 38.84 -17.32
N ALA C 279 3.38 39.73 -17.88
CA ALA C 279 2.99 41.01 -17.29
C ALA C 279 4.20 41.90 -17.00
N ASN C 280 5.28 41.75 -17.75
CA ASN C 280 6.48 42.56 -17.53
C ASN C 280 6.45 43.86 -18.33
N VAL C 295 -5.96 38.10 -16.54
CA VAL C 295 -6.09 38.29 -17.98
C VAL C 295 -6.51 36.98 -18.65
N THR C 296 -7.61 37.03 -19.39
CA THR C 296 -8.10 35.86 -20.09
C THR C 296 -7.15 35.45 -21.20
N LEU C 297 -6.98 34.13 -21.36
CA LEU C 297 -6.06 33.62 -22.39
C LEU C 297 -6.49 34.04 -23.79
N SER C 298 -7.81 34.20 -24.00
CA SER C 298 -8.29 34.64 -25.30
C SER C 298 -7.77 36.03 -25.64
N ASP C 299 -7.75 36.94 -24.65
CA ASP C 299 -7.16 38.24 -24.86
C ASP C 299 -5.66 38.13 -25.15
N ALA C 300 -4.99 37.21 -24.47
CA ALA C 300 -3.56 37.00 -24.69
C ALA C 300 -3.26 36.43 -26.08
N ILE C 301 -4.25 35.82 -26.73
CA ILE C 301 -4.04 35.28 -28.06
C ILE C 301 -3.87 36.41 -29.05
N LEU C 302 -2.78 36.39 -29.79
CA LEU C 302 -2.52 37.42 -30.79
C LEU C 302 -3.44 37.22 -32.00
N PRO C 303 -3.72 38.27 -32.76
CA PRO C 303 -4.57 38.13 -33.94
C PRO C 303 -3.96 37.20 -34.97
N SER C 304 -4.82 36.70 -35.86
CA SER C 304 -4.39 35.73 -36.86
C SER C 304 -3.35 36.31 -37.80
N ALA C 305 -3.52 37.57 -38.20
CA ALA C 305 -2.54 38.20 -39.09
C ALA C 305 -1.19 38.31 -38.43
N GLN C 306 -1.16 38.65 -37.13
CA GLN C 306 0.09 38.69 -36.38
C GLN C 306 0.81 37.35 -36.46
N CYS C 307 0.08 36.25 -36.23
CA CYS C 307 0.65 34.93 -36.40
C CYS C 307 1.10 34.71 -37.83
N ALA C 308 0.43 35.33 -38.80
CA ALA C 308 0.83 35.17 -40.20
C ALA C 308 2.23 35.72 -40.44
N GLU C 309 2.49 36.98 -40.05
CA GLU C 309 3.85 37.45 -40.31
C GLU C 309 4.85 36.79 -39.36
N ARG C 310 4.42 36.38 -38.16
CA ARG C 310 5.35 35.74 -37.25
C ARG C 310 5.79 34.37 -37.76
N ILE C 311 4.92 33.66 -38.48
CA ILE C 311 5.35 32.40 -39.09
C ILE C 311 6.07 32.66 -40.40
N ARG C 312 5.78 33.79 -41.05
CA ARG C 312 6.55 34.19 -42.23
C ARG C 312 7.97 34.62 -41.87
N SER C 313 8.21 34.96 -40.60
CA SER C 313 9.48 35.58 -40.22
C SER C 313 10.68 34.68 -40.52
N SER C 314 10.57 33.38 -40.22
CA SER C 314 11.73 32.52 -40.32
C SER C 314 11.48 31.42 -41.35
N PRO C 315 12.50 31.08 -42.17
CA PRO C 315 12.26 30.17 -43.30
C PRO C 315 12.38 28.68 -42.98
N LEU C 316 13.21 28.31 -42.00
CA LEU C 316 13.44 26.88 -41.77
C LEU C 316 12.20 26.20 -41.18
N LEU C 317 11.38 26.96 -40.45
CA LEU C 317 10.13 26.39 -39.94
C LEU C 317 9.23 25.94 -41.06
N VAL C 318 9.25 26.65 -42.20
CA VAL C 318 8.45 26.24 -43.35
C VAL C 318 8.92 24.89 -43.87
N LEU C 319 10.24 24.70 -43.97
CA LEU C 319 10.78 23.42 -44.42
C LEU C 319 10.42 22.31 -43.44
N LEU C 320 10.52 22.58 -42.14
CA LEU C 320 10.14 21.59 -41.15
C LEU C 320 8.67 21.20 -41.29
N LEU C 321 7.80 22.21 -41.47
CA LEU C 321 6.37 21.93 -41.59
C LEU C 321 6.06 21.15 -42.86
N VAL C 322 6.69 21.49 -43.98
CA VAL C 322 6.39 20.78 -45.22
C VAL C 322 6.91 19.35 -45.16
N LEU C 323 8.07 19.14 -44.53
CA LEU C 323 8.57 17.78 -44.36
C LEU C 323 7.62 16.96 -43.47
N ALA C 324 7.14 17.58 -42.38
CA ALA C 324 6.18 16.88 -41.52
C ALA C 324 4.90 16.56 -42.26
N ALA C 325 4.43 17.48 -43.09
CA ALA C 325 3.21 17.24 -43.87
C ALA C 325 3.41 16.10 -44.85
N GLY C 326 4.56 16.06 -45.52
CA GLY C 326 4.83 14.95 -46.43
C GLY C 326 4.90 13.62 -45.70
N PHE C 327 5.55 13.60 -44.52
CA PHE C 327 5.62 12.38 -43.73
C PHE C 327 4.23 11.91 -43.31
N TRP C 328 3.40 12.86 -42.88
CA TRP C 328 2.02 12.54 -42.52
C TRP C 328 1.25 11.99 -43.72
N LEU C 329 1.46 12.57 -44.90
CA LEU C 329 0.78 12.08 -46.10
C LEU C 329 1.22 10.67 -46.44
N VAL C 330 2.51 10.37 -46.31
CA VAL C 330 3.00 9.03 -46.61
C VAL C 330 2.38 8.02 -45.65
N GLN C 331 2.38 8.32 -44.34
CA GLN C 331 1.76 7.40 -43.40
C GLN C 331 0.25 7.29 -43.65
N LEU C 332 -0.41 8.38 -44.03
CA LEU C 332 -1.84 8.31 -44.31
C LEU C 332 -2.13 7.37 -45.47
N LEU C 333 -1.36 7.49 -46.56
CA LEU C 333 -1.56 6.62 -47.71
C LEU C 333 -1.29 5.16 -47.36
N ARG C 334 -0.20 4.90 -46.63
CA ARG C 334 0.09 3.53 -46.22
C ARG C 334 -1.01 2.97 -45.34
N SER C 335 -1.51 3.80 -44.41
CA SER C 335 -2.57 3.36 -43.51
C SER C 335 -3.86 3.08 -44.27
N VAL C 336 -4.17 3.90 -45.28
CA VAL C 336 -5.34 3.63 -46.12
C VAL C 336 -5.18 2.28 -46.81
N CYS C 337 -3.98 1.99 -47.32
CA CYS C 337 -3.74 0.69 -47.94
C CYS C 337 -3.96 -0.44 -46.93
N ASN C 338 -3.43 -0.29 -45.72
CA ASN C 338 -3.57 -1.35 -44.72
C ASN C 338 -5.03 -1.58 -44.35
N LEU C 339 -5.80 -0.51 -44.10
CA LEU C 339 -7.19 -0.69 -43.70
C LEU C 339 -8.02 -1.23 -44.86
N PHE C 340 -7.70 -0.83 -46.10
CA PHE C 340 -8.39 -1.36 -47.26
C PHE C 340 -8.18 -2.86 -47.39
N SER C 341 -6.93 -3.32 -47.16
CA SER C 341 -6.67 -4.75 -47.19
C SER C 341 -7.36 -5.46 -46.03
N TYR C 342 -7.37 -4.83 -44.85
CA TYR C 342 -7.93 -5.48 -43.67
C TYR C 342 -9.43 -5.65 -43.77
N TRP C 343 -10.15 -4.69 -44.37
CA TRP C 343 -11.58 -4.89 -44.57
C TRP C 343 -11.85 -6.07 -45.47
N ASP C 344 -11.05 -6.22 -46.54
CA ASP C 344 -11.21 -7.36 -47.44
C ASP C 344 -10.94 -8.67 -46.72
N ILE C 345 -9.87 -8.73 -45.90
CA ILE C 345 -9.57 -9.98 -45.20
C ILE C 345 -10.65 -10.29 -44.17
N GLN C 346 -11.22 -9.26 -43.54
CA GLN C 346 -12.32 -9.51 -42.60
C GLN C 346 -13.55 -10.03 -43.32
N VAL C 347 -13.83 -9.49 -44.52
CA VAL C 347 -14.96 -9.98 -45.29
C VAL C 347 -14.74 -11.45 -45.67
N PHE C 348 -13.53 -11.79 -46.10
CA PHE C 348 -13.23 -13.20 -46.41
C PHE C 348 -13.35 -14.07 -45.16
N TYR C 349 -12.92 -13.55 -44.02
CA TYR C 349 -13.01 -14.30 -42.76
C TYR C 349 -14.46 -14.60 -42.43
N ARG C 350 -15.34 -13.60 -42.55
CA ARG C 350 -16.76 -13.82 -42.31
C ARG C 350 -17.35 -14.81 -43.30
N GLU C 351 -16.99 -14.69 -44.59
CA GLU C 351 -17.54 -15.56 -45.60
C GLU C 351 -17.12 -17.01 -45.38
N ALA C 352 -15.87 -17.23 -44.97
CA ALA C 352 -15.37 -18.60 -44.90
C ALA C 352 -15.68 -19.27 -43.57
N LEU C 353 -15.71 -18.50 -42.47
CA LEU C 353 -15.88 -19.10 -41.15
C LEU C 353 -17.12 -18.63 -40.40
N HIS C 354 -17.59 -17.41 -40.65
CA HIS C 354 -18.85 -16.89 -40.12
C HIS C 354 -18.84 -16.88 -38.58
N ILE C 355 -17.97 -16.02 -38.05
CA ILE C 355 -17.98 -15.67 -36.63
C ILE C 355 -18.34 -14.19 -36.54
N PRO C 356 -19.38 -13.82 -35.79
CA PRO C 356 -19.76 -12.41 -35.67
C PRO C 356 -18.69 -11.61 -34.95
N PRO C 357 -18.62 -10.30 -35.18
CA PRO C 357 -17.57 -9.49 -34.53
C PRO C 357 -17.63 -9.52 -33.01
N GLU C 358 -18.82 -9.65 -32.43
CA GLU C 358 -18.93 -9.68 -30.97
C GLU C 358 -18.35 -10.97 -30.39
N GLU C 359 -18.33 -12.05 -31.18
CA GLU C 359 -17.83 -13.33 -30.71
C GLU C 359 -16.32 -13.50 -30.90
N LEU C 360 -15.66 -12.54 -31.54
CA LEU C 360 -14.22 -12.67 -31.78
C LEU C 360 -13.43 -12.69 -30.48
N SER C 361 -13.81 -11.86 -29.52
CA SER C 361 -13.11 -11.83 -28.24
C SER C 361 -13.27 -13.12 -27.46
N SER C 362 -14.32 -13.89 -27.73
CA SER C 362 -14.59 -15.10 -26.96
C SER C 362 -13.69 -16.27 -27.36
N VAL C 363 -13.36 -16.39 -28.63
CA VAL C 363 -12.60 -17.57 -29.09
C VAL C 363 -11.16 -17.49 -28.58
N PRO C 364 -10.57 -18.59 -28.15
CA PRO C 364 -9.18 -18.57 -27.68
C PRO C 364 -8.12 -18.75 -28.76
N TRP C 365 -8.48 -18.57 -30.03
CA TRP C 365 -7.60 -18.68 -31.19
C TRP C 365 -7.23 -20.14 -31.49
N ALA C 366 -7.54 -21.05 -30.57
CA ALA C 366 -7.36 -22.47 -30.87
C ALA C 366 -8.46 -22.97 -31.79
N GLU C 367 -9.70 -22.52 -31.55
CA GLU C 367 -10.78 -22.85 -32.47
C GLU C 367 -10.57 -22.21 -33.83
N VAL C 368 -9.83 -21.11 -33.90
CA VAL C 368 -9.48 -20.54 -35.21
C VAL C 368 -8.62 -21.53 -35.97
N GLN C 369 -7.62 -22.10 -35.30
CA GLN C 369 -6.78 -23.12 -35.93
C GLN C 369 -7.61 -24.33 -36.35
N SER C 370 -8.52 -24.78 -35.47
CA SER C 370 -9.33 -25.94 -35.79
C SER C 370 -10.24 -25.70 -37.00
N ARG C 371 -10.84 -24.50 -37.06
CA ARG C 371 -11.70 -24.16 -38.19
C ARG C 371 -10.88 -24.07 -39.47
N LEU C 372 -9.67 -23.50 -39.41
CA LEU C 372 -8.83 -23.47 -40.60
C LEU C 372 -8.47 -24.88 -41.05
N LEU C 373 -8.16 -25.76 -40.10
CA LEU C 373 -7.89 -27.16 -40.44
C LEU C 373 -9.08 -27.78 -41.15
N ALA C 374 -10.27 -27.60 -40.60
CA ALA C 374 -11.48 -28.08 -41.26
C ALA C 374 -11.61 -27.48 -42.65
N LEU C 375 -11.12 -26.25 -42.83
CA LEU C 375 -11.17 -25.64 -44.15
C LEU C 375 -10.28 -26.37 -45.15
N GLN C 376 -9.05 -26.74 -44.75
CA GLN C 376 -8.27 -27.58 -45.67
C GLN C 376 -8.91 -28.95 -45.87
N ARG C 377 -9.53 -29.52 -44.84
CA ARG C 377 -10.19 -30.82 -45.01
C ARG C 377 -11.27 -30.75 -46.07
N SER C 378 -12.03 -29.65 -46.10
CA SER C 378 -13.06 -29.46 -47.10
C SER C 378 -12.52 -28.91 -48.42
N GLY C 379 -11.23 -28.61 -48.51
CA GLY C 379 -10.65 -28.11 -49.73
C GLY C 379 -11.14 -26.72 -50.15
N GLY C 380 -11.22 -25.79 -49.20
CA GLY C 380 -11.63 -24.44 -49.55
C GLY C 380 -10.65 -23.76 -50.50
N LEU C 381 -9.35 -23.94 -50.26
CA LEU C 381 -8.31 -23.40 -51.13
C LEU C 381 -7.30 -24.49 -51.45
N CYS C 382 -6.72 -24.40 -52.64
CA CYS C 382 -5.73 -25.38 -53.09
C CYS C 382 -4.31 -24.92 -52.71
N VAL C 383 -4.08 -24.82 -51.41
CA VAL C 383 -2.79 -24.42 -50.88
C VAL C 383 -1.97 -25.70 -50.72
N GLN C 384 -1.31 -26.11 -51.82
CA GLN C 384 -0.48 -27.30 -51.92
C GLN C 384 -1.32 -28.57 -51.81
N PRO C 385 -0.95 -29.64 -52.51
CA PRO C 385 -1.72 -30.89 -52.40
C PRO C 385 -1.77 -31.45 -50.99
N ARG C 386 -0.69 -31.31 -50.23
CA ARG C 386 -0.63 -31.82 -48.86
C ARG C 386 -1.28 -30.82 -47.91
N PRO C 387 -2.21 -31.27 -47.06
CA PRO C 387 -2.89 -30.33 -46.15
C PRO C 387 -1.91 -29.69 -45.18
N LEU C 388 -2.18 -28.43 -44.86
CA LEU C 388 -1.30 -27.67 -43.97
C LEU C 388 -1.36 -28.21 -42.55
N THR C 389 -0.19 -28.30 -41.92
CA THR C 389 -0.07 -28.76 -40.55
C THR C 389 0.28 -27.59 -39.63
N GLU C 390 0.26 -27.85 -38.32
CA GLU C 390 0.51 -26.80 -37.34
C GLU C 390 1.91 -26.22 -37.49
N LEU C 391 2.92 -27.08 -37.68
CA LEU C 391 4.29 -26.62 -37.79
C LEU C 391 4.47 -25.71 -39.00
N ASP C 392 3.87 -26.07 -40.13
CA ASP C 392 4.00 -25.26 -41.34
C ASP C 392 3.31 -23.91 -41.16
N ILE C 393 2.14 -23.90 -40.52
CA ILE C 393 1.43 -22.65 -40.26
C ILE C 393 2.27 -21.75 -39.36
N HIS C 394 2.89 -22.31 -38.33
CA HIS C 394 3.73 -21.52 -37.45
C HIS C 394 4.95 -20.97 -38.20
N HIS C 395 5.59 -21.81 -39.03
CA HIS C 395 6.77 -21.37 -39.75
C HIS C 395 6.46 -20.23 -40.70
N ARG C 396 5.36 -20.35 -41.47
CA ARG C 396 5.05 -19.35 -42.47
C ARG C 396 4.80 -17.98 -41.86
N ILE C 397 4.55 -17.90 -40.56
CA ILE C 397 4.42 -16.63 -39.88
C ILE C 397 5.70 -16.24 -39.14
N LEU C 398 6.47 -17.21 -38.64
CA LEU C 398 7.55 -16.94 -37.71
C LEU C 398 8.94 -17.20 -38.29
N ARG C 399 9.08 -17.25 -39.61
CA ARG C 399 10.42 -17.47 -40.18
C ARG C 399 11.40 -16.36 -39.75
N TYR C 400 10.95 -15.11 -39.78
CA TYR C 400 11.86 -14.01 -39.44
C TYR C 400 12.20 -14.02 -37.96
N THR C 401 11.23 -14.31 -37.10
CA THR C 401 11.51 -14.43 -35.68
C THR C 401 12.47 -15.58 -35.41
N ASN C 402 12.32 -16.70 -36.14
CA ASN C 402 13.25 -17.81 -35.98
C ASN C 402 14.67 -17.40 -36.34
N TYR C 403 14.85 -16.73 -37.47
CA TYR C 403 16.19 -16.28 -37.83
C TYR C 403 16.75 -15.30 -36.81
N GLN C 404 15.92 -14.37 -36.33
CA GLN C 404 16.42 -13.39 -35.36
C GLN C 404 16.79 -14.06 -34.04
N VAL C 405 16.00 -15.04 -33.60
CA VAL C 405 16.32 -15.76 -32.37
C VAL C 405 17.61 -16.54 -32.53
N ALA C 406 17.80 -17.20 -33.68
CA ALA C 406 19.06 -17.91 -33.91
C ALA C 406 20.23 -16.96 -33.91
N LEU C 407 20.08 -15.79 -34.56
CA LEU C 407 21.16 -14.82 -34.61
C LEU C 407 21.50 -14.30 -33.21
N ALA C 408 20.49 -14.04 -32.38
CA ALA C 408 20.75 -13.57 -31.03
C ALA C 408 21.38 -14.66 -30.17
N ASN C 409 20.97 -15.92 -30.38
CA ASN C 409 21.57 -17.02 -29.63
C ASN C 409 23.03 -17.22 -30.00
N LYS C 410 23.38 -16.97 -31.27
CA LYS C 410 24.78 -17.01 -31.67
C LYS C 410 25.61 -15.98 -30.93
N GLY C 411 24.99 -14.88 -30.51
CA GLY C 411 25.66 -13.83 -29.78
C GLY C 411 26.06 -12.63 -30.61
N LEU C 412 25.84 -12.68 -31.91
CA LEU C 412 26.27 -11.58 -32.78
C LEU C 412 25.37 -10.36 -32.61
N LEU C 413 24.06 -10.56 -32.60
CA LEU C 413 23.08 -9.51 -32.77
C LEU C 413 23.10 -8.42 -31.69
N PRO C 414 23.09 -8.76 -30.40
CA PRO C 414 23.11 -7.70 -29.38
C PRO C 414 24.49 -7.06 -29.30
N ALA C 415 24.53 -5.73 -29.46
CA ALA C 415 25.80 -5.01 -29.38
C ALA C 415 26.41 -5.15 -27.99
N ARG C 416 27.71 -5.39 -27.96
CA ARG C 416 28.45 -5.69 -26.74
C ARG C 416 29.74 -4.88 -26.66
N CYS C 417 29.61 -3.57 -26.85
CA CYS C 417 30.77 -2.69 -26.76
C CYS C 417 31.40 -2.80 -25.37
N PRO C 418 32.73 -2.83 -25.27
CA PRO C 418 33.36 -3.06 -23.97
C PRO C 418 33.48 -1.78 -23.15
N LEU C 419 33.21 -1.92 -21.85
CA LEU C 419 33.36 -0.80 -20.94
C LEU C 419 34.84 -0.47 -20.73
N PRO C 420 35.16 0.79 -20.46
CA PRO C 420 36.58 1.13 -20.20
C PRO C 420 37.14 0.44 -18.97
N TRP C 421 36.44 0.53 -17.83
CA TRP C 421 36.91 -0.15 -16.63
C TRP C 421 36.67 -1.65 -16.68
N GLY C 422 35.69 -2.09 -17.46
CA GLY C 422 35.37 -3.49 -17.59
C GLY C 422 33.88 -3.72 -17.49
N GLY C 423 33.42 -4.79 -18.12
CA GLY C 423 32.02 -5.15 -18.12
C GLY C 423 31.44 -5.24 -19.52
N SER C 424 30.15 -5.57 -19.56
CA SER C 424 29.41 -5.75 -20.80
C SER C 424 28.28 -4.75 -20.89
N ALA C 425 28.08 -4.20 -22.09
CA ALA C 425 27.01 -3.25 -22.35
C ALA C 425 26.05 -3.82 -23.38
N ALA C 426 24.77 -3.49 -23.25
CA ALA C 426 23.73 -3.96 -24.14
C ALA C 426 22.96 -2.77 -24.70
N PHE C 427 22.70 -2.79 -26.00
CA PHE C 427 21.98 -1.70 -26.67
C PHE C 427 21.04 -2.32 -27.70
N LEU C 428 19.74 -2.33 -27.38
CA LEU C 428 18.72 -2.89 -28.25
C LEU C 428 17.54 -1.94 -28.37
N SER C 429 17.83 -0.68 -28.66
CA SER C 429 16.77 0.29 -28.90
C SER C 429 16.04 -0.03 -30.20
N ARG C 430 14.84 0.53 -30.34
CA ARG C 430 14.02 0.25 -31.52
C ARG C 430 14.72 0.70 -32.80
N GLY C 431 15.58 1.71 -32.72
CA GLY C 431 16.27 2.16 -33.92
C GLY C 431 17.17 1.10 -34.51
N LEU C 432 17.97 0.44 -33.66
CA LEU C 432 18.86 -0.61 -34.13
C LEU C 432 18.08 -1.81 -34.67
N ALA C 433 16.98 -2.16 -34.00
CA ALA C 433 16.15 -3.26 -34.47
C ALA C 433 15.54 -2.93 -35.84
N LEU C 434 15.06 -1.70 -36.01
CA LEU C 434 14.52 -1.30 -37.30
C LEU C 434 15.61 -1.33 -38.36
N ASN C 435 16.82 -0.89 -38.02
CA ASN C 435 17.92 -0.91 -38.98
C ASN C 435 18.25 -2.33 -39.42
N VAL C 436 18.36 -3.25 -38.45
CA VAL C 436 18.72 -4.63 -38.81
C VAL C 436 17.60 -5.30 -39.58
N ASP C 437 16.34 -4.97 -39.26
CA ASP C 437 15.22 -5.51 -40.03
C ASP C 437 15.22 -4.97 -41.46
N LEU C 438 15.53 -3.68 -41.62
CA LEU C 438 15.54 -3.09 -42.95
C LEU C 438 16.72 -3.60 -43.77
N LEU C 439 17.79 -4.00 -43.10
CA LEU C 439 18.99 -4.48 -43.76
C LEU C 439 18.99 -5.97 -44.06
N LEU C 440 18.28 -6.77 -43.27
CA LEU C 440 18.36 -8.22 -43.38
C LEU C 440 17.10 -8.85 -43.97
N PHE C 441 15.91 -8.41 -43.59
CA PHE C 441 14.68 -9.10 -43.95
C PHE C 441 13.78 -8.30 -44.88
N ARG C 442 13.36 -7.10 -44.48
CA ARG C 442 12.37 -6.35 -45.23
C ARG C 442 13.01 -5.12 -45.86
N GLY C 443 12.70 -4.90 -47.15
CA GLY C 443 13.19 -3.74 -47.85
C GLY C 443 13.78 -4.08 -49.20
N PRO C 444 13.91 -3.07 -50.07
CA PRO C 444 14.53 -3.32 -51.39
C PRO C 444 15.98 -3.75 -51.30
N PHE C 445 16.73 -3.27 -50.31
CA PHE C 445 18.14 -3.60 -50.16
C PHE C 445 18.38 -4.81 -49.28
N SER C 446 17.30 -5.48 -48.84
CA SER C 446 17.43 -6.65 -47.98
C SER C 446 18.05 -7.82 -48.72
N LEU C 447 18.71 -8.70 -47.96
CA LEU C 447 19.14 -9.98 -48.52
C LEU C 447 17.93 -10.83 -48.89
N PHE C 448 16.90 -10.80 -48.04
CA PHE C 448 15.65 -11.54 -48.28
C PHE C 448 14.66 -10.60 -48.95
N ARG C 449 14.88 -10.35 -50.24
CA ARG C 449 13.98 -9.51 -51.01
C ARG C 449 12.62 -10.21 -51.13
N GLY C 450 11.65 -9.74 -50.36
CA GLY C 450 10.34 -10.35 -50.32
C GLY C 450 10.17 -11.44 -49.28
N GLY C 451 11.27 -11.98 -48.76
CA GLY C 451 11.20 -12.98 -47.72
C GLY C 451 10.53 -14.28 -48.13
N TRP C 452 10.71 -14.72 -49.37
CA TRP C 452 10.17 -16.00 -49.82
C TRP C 452 11.23 -17.09 -49.89
N GLU C 453 12.40 -16.80 -50.44
CA GLU C 453 13.48 -17.78 -50.54
C GLU C 453 14.81 -17.05 -50.51
N LEU C 454 15.85 -17.77 -50.11
CA LEU C 454 17.19 -17.23 -50.12
C LEU C 454 17.77 -17.29 -51.53
N PRO C 455 18.26 -16.18 -52.07
CA PRO C 455 18.81 -16.21 -53.44
C PRO C 455 19.95 -17.21 -53.57
N HIS C 456 20.01 -17.84 -54.75
CA HIS C 456 21.01 -18.88 -54.99
C HIS C 456 22.43 -18.34 -55.00
N ALA C 457 22.60 -17.02 -55.16
CA ALA C 457 23.95 -16.44 -55.21
C ALA C 457 24.70 -16.66 -53.90
N TYR C 458 23.99 -16.57 -52.76
CA TYR C 458 24.64 -16.73 -51.47
C TYR C 458 24.98 -18.18 -51.15
N LYS C 459 24.45 -19.13 -51.91
CA LYS C 459 24.77 -20.54 -51.67
C LYS C 459 26.17 -20.89 -52.15
N ARG C 460 26.66 -20.20 -53.18
CA ARG C 460 27.98 -20.48 -53.71
C ARG C 460 29.06 -20.10 -52.70
N SER C 461 30.04 -20.99 -52.54
CA SER C 461 31.10 -20.76 -51.56
C SER C 461 32.14 -19.76 -52.04
N ASP C 462 32.42 -19.73 -53.34
CA ASP C 462 33.52 -18.91 -53.85
C ASP C 462 33.17 -17.43 -53.92
N GLN C 463 31.89 -17.07 -53.99
CA GLN C 463 31.47 -15.69 -54.15
C GLN C 463 31.31 -14.96 -52.81
N ARG C 464 31.65 -15.61 -51.69
CA ARG C 464 31.35 -15.04 -50.38
C ARG C 464 32.10 -13.73 -50.16
N GLY C 465 33.34 -13.64 -50.63
CA GLY C 465 34.10 -12.41 -50.45
C GLY C 465 33.48 -11.23 -51.17
N ALA C 466 33.09 -11.43 -52.44
CA ALA C 466 32.45 -10.37 -53.19
C ALA C 466 31.11 -9.98 -52.56
N LEU C 467 30.34 -10.97 -52.11
CA LEU C 467 29.05 -10.66 -51.48
C LEU C 467 29.25 -9.90 -50.18
N ALA C 468 30.31 -10.25 -49.42
CA ALA C 468 30.61 -9.52 -48.19
C ALA C 468 31.02 -8.09 -48.49
N ALA C 469 31.79 -7.87 -49.57
CA ALA C 469 32.15 -6.50 -49.95
C ALA C 469 30.92 -5.70 -50.34
N ARG C 470 29.99 -6.34 -51.07
CA ARG C 470 28.73 -5.67 -51.40
C ARG C 470 27.94 -5.32 -50.15
N TRP C 471 27.89 -6.25 -49.18
CA TRP C 471 27.20 -5.97 -47.94
C TRP C 471 27.87 -4.83 -47.18
N GLY C 472 29.21 -4.75 -47.26
CA GLY C 472 29.93 -3.69 -46.59
C GLY C 472 29.63 -2.32 -47.17
N ARG C 473 29.63 -2.22 -48.51
CA ARG C 473 29.26 -0.94 -49.10
C ARG C 473 27.81 -0.60 -48.80
N THR C 474 26.93 -1.61 -48.75
CA THR C 474 25.54 -1.37 -48.40
C THR C 474 25.41 -0.84 -46.98
N VAL C 475 26.15 -1.42 -46.02
CA VAL C 475 26.04 -0.96 -44.64
C VAL C 475 26.63 0.43 -44.52
N LEU C 476 27.67 0.75 -45.28
CA LEU C 476 28.22 2.10 -45.25
C LEU C 476 27.20 3.11 -45.73
N LEU C 477 26.53 2.83 -46.85
CA LEU C 477 25.55 3.78 -47.36
C LEU C 477 24.34 3.88 -46.43
N LEU C 478 23.92 2.75 -45.83
CA LEU C 478 22.82 2.79 -44.87
C LEU C 478 23.18 3.62 -43.65
N ALA C 479 24.40 3.47 -43.14
CA ALA C 479 24.85 4.28 -42.02
C ALA C 479 24.90 5.75 -42.39
N ALA C 480 25.32 6.06 -43.62
CA ALA C 480 25.31 7.44 -44.07
C ALA C 480 23.89 8.01 -44.08
N LEU C 481 22.93 7.23 -44.58
CA LEU C 481 21.54 7.68 -44.60
C LEU C 481 21.02 7.91 -43.19
N ASN C 482 21.30 6.99 -42.28
CA ASN C 482 20.81 7.15 -40.90
C ASN C 482 21.46 8.34 -40.21
N LEU C 483 22.75 8.56 -40.46
CA LEU C 483 23.41 9.73 -39.90
C LEU C 483 22.80 11.01 -40.45
N ALA C 484 22.44 11.02 -41.73
CA ALA C 484 21.78 12.18 -42.31
C ALA C 484 20.42 12.42 -41.65
N LEU C 485 19.67 11.36 -41.38
CA LEU C 485 18.33 11.52 -40.83
C LEU C 485 18.29 11.61 -39.32
N SER C 486 19.43 11.47 -38.63
CA SER C 486 19.43 11.45 -37.17
C SER C 486 18.80 12.66 -36.49
N PRO C 487 19.11 13.91 -36.86
CA PRO C 487 18.63 15.03 -36.02
C PRO C 487 17.13 15.14 -35.92
N LEU C 488 16.39 14.89 -37.00
CA LEU C 488 14.94 15.07 -36.98
C LEU C 488 14.27 14.02 -36.10
N VAL C 489 14.68 12.76 -36.25
CA VAL C 489 14.13 11.71 -35.40
C VAL C 489 14.54 11.94 -33.95
N LEU C 490 15.74 12.50 -33.72
CA LEU C 490 16.15 12.84 -32.38
C LEU C 490 15.20 13.86 -31.77
N ALA C 491 14.88 14.92 -32.51
CA ALA C 491 13.97 15.94 -32.01
C ALA C 491 12.58 15.37 -31.74
N TRP C 492 12.09 14.52 -32.64
CA TRP C 492 10.79 13.90 -32.45
C TRP C 492 10.77 13.04 -31.18
N GLN C 493 11.82 12.24 -30.98
CA GLN C 493 11.90 11.43 -29.77
C GLN C 493 11.98 12.29 -28.52
N VAL C 494 12.70 13.41 -28.60
CA VAL C 494 12.79 14.32 -27.45
C VAL C 494 11.42 14.85 -27.08
N LEU C 495 10.65 15.30 -28.09
CA LEU C 495 9.31 15.81 -27.80
C LEU C 495 8.42 14.73 -27.18
N HIS C 496 8.43 13.53 -27.78
CA HIS C 496 7.56 12.47 -27.30
C HIS C 496 7.91 12.06 -25.88
N VAL C 497 9.20 11.88 -25.60
CA VAL C 497 9.60 11.47 -24.25
C VAL C 497 9.37 12.60 -23.26
N PHE C 498 9.48 13.86 -23.71
CA PHE C 498 9.17 14.98 -22.84
C PHE C 498 7.72 14.90 -22.37
N TYR C 499 6.79 14.70 -23.31
CA TYR C 499 5.38 14.57 -22.93
C TYR C 499 5.18 13.38 -22.01
N SER C 500 5.77 12.23 -22.36
CA SER C 500 5.56 11.02 -21.57
C SER C 500 6.10 11.17 -20.15
N HIS C 501 7.28 11.76 -20.00
CA HIS C 501 7.89 11.91 -18.69
C HIS C 501 7.14 12.94 -17.85
N VAL C 502 6.80 14.09 -18.44
CA VAL C 502 6.10 15.11 -17.66
C VAL C 502 4.69 14.68 -17.31
N GLU C 503 4.13 13.69 -18.02
CA GLU C 503 2.85 13.13 -17.61
C GLU C 503 2.96 12.48 -16.23
N LEU C 504 4.02 11.70 -16.01
CA LEU C 504 4.24 11.01 -14.74
C LEU C 504 4.96 11.86 -13.71
N LEU C 505 5.52 13.01 -14.11
CA LEU C 505 6.32 13.80 -13.18
C LEU C 505 5.48 14.27 -11.99
N ARG C 506 4.24 14.71 -12.23
CA ARG C 506 3.41 15.18 -11.13
C ARG C 506 3.04 14.01 -10.21
N ARG C 507 2.82 12.84 -10.79
CA ARG C 507 2.49 11.67 -10.00
C ARG C 507 3.71 11.20 -9.20
N GLU C 508 3.45 10.34 -8.22
CA GLU C 508 4.51 9.85 -7.36
C GLU C 508 5.50 9.02 -8.16
N PRO C 509 6.78 9.01 -7.77
CA PRO C 509 7.79 8.26 -8.54
C PRO C 509 7.68 6.75 -8.37
N GLY C 510 6.63 6.29 -7.69
CA GLY C 510 6.42 4.85 -7.57
C GLY C 510 6.23 4.20 -8.92
N ALA C 511 5.38 4.79 -9.77
CA ALA C 511 5.28 4.34 -11.15
C ALA C 511 6.57 4.58 -11.90
N LEU C 512 7.21 5.72 -11.65
CA LEU C 512 8.50 6.01 -12.27
C LEU C 512 9.57 5.03 -11.81
N GLY C 513 9.45 4.53 -10.58
CA GLY C 513 10.38 3.55 -10.05
C GLY C 513 10.03 2.10 -10.36
N ALA C 514 8.98 1.86 -11.13
CA ALA C 514 8.57 0.50 -11.43
C ALA C 514 9.56 -0.16 -12.38
N ARG C 515 9.61 -1.49 -12.33
CA ARG C 515 10.49 -2.29 -13.15
C ARG C 515 9.69 -2.97 -14.26
N GLY C 516 10.16 -2.83 -15.50
CA GLY C 516 9.51 -3.44 -16.64
C GLY C 516 10.46 -4.26 -17.48
N TRP C 517 9.92 -5.05 -18.41
CA TRP C 517 10.77 -5.89 -19.25
C TRP C 517 11.50 -5.05 -20.29
N SER C 518 12.55 -5.65 -20.86
CA SER C 518 13.35 -5.02 -21.89
C SER C 518 13.38 -5.90 -23.14
N ARG C 519 13.65 -5.26 -24.28
CA ARG C 519 13.60 -5.98 -25.55
C ARG C 519 14.65 -7.08 -25.62
N LEU C 520 15.76 -6.92 -24.90
CA LEU C 520 16.75 -8.00 -24.84
C LEU C 520 16.14 -9.26 -24.22
N ALA C 521 15.33 -9.09 -23.18
CA ALA C 521 14.62 -10.23 -22.60
C ALA C 521 13.63 -10.80 -23.61
N ARG C 522 12.91 -9.93 -24.33
CA ARG C 522 11.96 -10.41 -25.33
C ARG C 522 12.65 -11.07 -26.51
N LEU C 523 13.97 -10.94 -26.62
CA LEU C 523 14.70 -11.55 -27.72
C LEU C 523 15.35 -12.88 -27.31
N GLN C 524 16.05 -12.89 -26.17
CA GLN C 524 16.79 -14.10 -25.80
C GLN C 524 15.92 -15.16 -25.15
N LEU C 525 14.70 -14.81 -24.72
CA LEU C 525 13.86 -15.74 -23.97
C LEU C 525 12.76 -16.36 -24.81
N ARG C 526 12.83 -16.26 -26.13
CA ARG C 526 11.76 -16.70 -27.01
C ARG C 526 12.11 -18.05 -27.61
N HIS C 527 11.33 -19.07 -27.25
CA HIS C 527 11.53 -20.40 -27.81
C HIS C 527 11.25 -20.40 -29.30
N PHE C 528 11.70 -21.45 -29.97
CA PHE C 528 11.44 -21.60 -31.39
C PHE C 528 9.96 -21.88 -31.63
N ASN C 529 9.41 -21.22 -32.65
CA ASN C 529 8.00 -21.37 -33.03
C ASN C 529 7.07 -20.99 -31.89
N GLU C 530 7.24 -19.78 -31.38
CA GLU C 530 6.37 -19.23 -30.34
C GLU C 530 5.74 -17.93 -30.82
N LEU C 531 4.42 -17.84 -30.69
CA LEU C 531 3.69 -16.65 -31.07
C LEU C 531 3.86 -15.56 -29.99
N PRO C 532 3.66 -14.29 -30.37
CA PRO C 532 3.84 -13.21 -29.37
C PRO C 532 2.95 -13.33 -28.14
N HIS C 533 1.72 -13.81 -28.29
CA HIS C 533 0.82 -13.87 -27.14
C HIS C 533 1.31 -14.87 -26.10
N GLU C 534 1.88 -15.99 -26.54
CA GLU C 534 2.44 -16.96 -25.60
C GLU C 534 3.57 -16.35 -24.81
N LEU C 535 4.47 -15.62 -25.48
CA LEU C 535 5.56 -14.95 -24.78
C LEU C 535 5.04 -13.93 -23.78
N ARG C 536 4.04 -13.14 -24.20
CA ARG C 536 3.47 -12.14 -23.31
C ARG C 536 2.86 -12.78 -22.07
N ALA C 537 2.14 -13.89 -22.25
CA ALA C 537 1.55 -14.58 -21.11
C ALA C 537 2.63 -15.16 -20.19
N ARG C 538 3.69 -15.73 -20.77
CA ARG C 538 4.76 -16.29 -19.96
C ARG C 538 5.41 -15.22 -19.08
N LEU C 539 5.73 -14.07 -19.67
CA LEU C 539 6.33 -13.00 -18.86
C LEU C 539 5.32 -12.39 -17.90
N ALA C 540 4.04 -12.39 -18.27
CA ALA C 540 3.02 -11.90 -17.34
C ALA C 540 2.98 -12.75 -16.08
N ARG C 541 3.06 -14.07 -16.23
CA ARG C 541 3.09 -14.93 -15.06
C ARG C 541 4.43 -14.92 -14.34
N ALA C 542 5.53 -14.65 -15.05
CA ALA C 542 6.85 -14.68 -14.42
C ALA C 542 7.29 -13.33 -13.87
N TYR C 543 6.49 -12.28 -14.03
CA TYR C 543 6.89 -10.96 -13.58
C TYR C 543 7.13 -10.91 -12.07
N ARG C 544 6.21 -11.47 -11.29
CA ARG C 544 6.26 -11.25 -9.84
C ARG C 544 7.40 -12.01 -9.15
N PRO C 545 7.57 -13.32 -9.33
CA PRO C 545 8.69 -13.99 -8.63
C PRO C 545 10.05 -13.45 -9.00
N ALA C 546 10.25 -13.01 -10.23
CA ALA C 546 11.51 -12.40 -10.61
C ALA C 546 11.75 -11.12 -9.82
N ALA C 547 10.70 -10.30 -9.66
CA ALA C 547 10.84 -9.08 -8.88
C ALA C 547 11.15 -9.40 -7.42
N ALA C 548 10.49 -10.41 -6.86
CA ALA C 548 10.76 -10.80 -5.48
C ALA C 548 12.20 -11.26 -5.30
N PHE C 549 12.68 -12.09 -6.23
CA PHE C 549 14.07 -12.54 -6.17
C PHE C 549 15.03 -11.37 -6.31
N LEU C 550 14.68 -10.38 -7.14
CA LEU C 550 15.53 -9.21 -7.29
C LEU C 550 15.61 -8.41 -6.00
N ARG C 551 14.48 -8.24 -5.31
CA ARG C 551 14.50 -7.40 -4.10
C ARG C 551 14.94 -8.15 -2.85
N THR C 552 15.00 -9.48 -2.89
CA THR C 552 15.32 -10.23 -1.67
C THR C 552 16.82 -10.44 -1.47
N ALA C 553 17.52 -10.91 -2.50
CA ALA C 553 18.91 -11.33 -2.38
C ALA C 553 19.87 -10.28 -2.95
N ALA C 554 19.58 -9.01 -2.73
CA ALA C 554 20.48 -7.95 -3.18
C ALA C 554 21.81 -8.04 -2.42
N PRO C 555 22.94 -7.80 -3.10
CA PRO C 555 24.22 -7.86 -2.41
C PRO C 555 24.33 -6.75 -1.39
N PRO C 556 25.00 -6.98 -0.26
CA PRO C 556 25.16 -5.93 0.74
C PRO C 556 26.07 -4.81 0.27
N ALA C 557 25.85 -3.62 0.81
CA ALA C 557 26.65 -2.45 0.49
C ALA C 557 26.86 -1.63 1.76
N PRO C 558 27.95 -1.87 2.48
CA PRO C 558 28.18 -1.15 3.74
C PRO C 558 28.45 0.33 3.56
N LEU C 559 29.40 0.65 2.67
CA LEU C 559 29.78 2.03 2.46
C LEU C 559 28.62 2.86 1.94
N ARG C 560 27.84 2.30 1.01
CA ARG C 560 26.71 3.01 0.45
C ARG C 560 25.68 3.36 1.53
N THR C 561 25.30 2.38 2.35
CA THR C 561 24.28 2.64 3.36
C THR C 561 24.81 3.57 4.46
N LEU C 562 26.09 3.49 4.79
CA LEU C 562 26.65 4.39 5.78
C LEU C 562 26.64 5.84 5.29
N LEU C 563 27.07 6.05 4.03
CA LEU C 563 27.02 7.38 3.46
C LEU C 563 25.59 7.88 3.37
N ALA C 564 24.65 6.99 3.01
CA ALA C 564 23.25 7.38 2.96
C ALA C 564 22.76 7.82 4.33
N ARG C 565 23.13 7.09 5.38
CA ARG C 565 22.73 7.46 6.73
C ARG C 565 23.29 8.83 7.11
N GLN C 566 24.55 9.08 6.81
CA GLN C 566 25.15 10.37 7.16
C GLN C 566 24.47 11.52 6.42
N LEU C 567 24.25 11.35 5.12
CA LEU C 567 23.58 12.39 4.34
C LEU C 567 22.14 12.61 4.81
N VAL C 568 21.41 11.55 5.12
CA VAL C 568 20.03 11.73 5.54
C VAL C 568 19.98 12.42 6.90
N PHE C 569 20.93 12.11 7.79
CA PHE C 569 20.93 12.79 9.08
C PHE C 569 21.24 14.28 8.92
N PHE C 570 22.23 14.62 8.09
CA PHE C 570 22.53 16.04 7.87
C PHE C 570 21.36 16.76 7.22
N ALA C 571 20.73 16.14 6.22
CA ALA C 571 19.58 16.73 5.58
C ALA C 571 18.44 16.92 6.58
N GLY C 572 18.24 15.95 7.47
CA GLY C 572 17.21 16.08 8.48
C GLY C 572 17.49 17.22 9.44
N ALA C 573 18.75 17.41 9.82
CA ALA C 573 19.09 18.52 10.70
C ALA C 573 18.82 19.86 10.04
N LEU C 574 19.24 20.01 8.78
CA LEU C 574 18.96 21.25 8.06
C LEU C 574 17.45 21.46 7.90
N PHE C 575 16.72 20.39 7.61
CA PHE C 575 15.26 20.48 7.50
C PHE C 575 14.64 20.90 8.83
N ALA C 576 15.16 20.38 9.94
CA ALA C 576 14.69 20.78 11.25
C ALA C 576 14.84 22.27 11.46
N ALA C 577 16.05 22.79 11.22
CA ALA C 577 16.29 24.21 11.42
C ALA C 577 15.40 25.05 10.52
N LEU C 578 15.30 24.65 9.24
CA LEU C 578 14.52 25.41 8.28
C LEU C 578 13.06 25.45 8.68
N LEU C 579 12.50 24.31 9.11
CA LEU C 579 11.10 24.26 9.47
C LEU C 579 10.81 25.04 10.74
N VAL C 580 11.66 24.91 11.77
CA VAL C 580 11.37 25.65 12.99
C VAL C 580 11.52 27.15 12.74
N LEU C 581 12.39 27.55 11.81
CA LEU C 581 12.42 28.96 11.43
C LEU C 581 11.14 29.36 10.70
N THR C 582 10.65 28.49 9.82
CA THR C 582 9.51 28.86 8.97
C THR C 582 8.21 28.95 9.78
N VAL C 583 8.02 28.06 10.76
CA VAL C 583 6.74 27.98 11.47
C VAL C 583 6.42 29.30 12.16
N TYR C 584 7.39 29.88 12.85
CA TYR C 584 7.18 31.16 13.52
C TYR C 584 8.39 32.06 13.29
N VAL C 588 6.47 34.37 9.71
CA VAL C 588 6.14 35.35 8.68
C VAL C 588 6.30 34.71 7.30
N LEU C 589 5.33 34.97 6.42
CA LEU C 589 5.31 34.43 5.08
C LEU C 589 6.09 35.27 4.08
N ALA C 590 6.65 36.40 4.51
CA ALA C 590 7.38 37.31 3.63
C ALA C 590 8.89 37.07 3.65
N VAL C 591 9.32 35.85 3.98
CA VAL C 591 10.75 35.57 4.04
C VAL C 591 11.38 35.66 2.65
N GLU C 592 10.76 35.00 1.67
CA GLU C 592 11.11 35.05 0.25
C GLU C 592 12.44 34.38 -0.07
N HIS C 593 13.15 33.80 0.91
CA HIS C 593 14.42 33.16 0.61
C HIS C 593 14.49 31.75 1.18
N VAL C 594 13.90 31.54 2.36
CA VAL C 594 13.85 30.20 2.95
C VAL C 594 13.02 29.26 2.06
N LEU C 595 11.89 29.74 1.56
CA LEU C 595 11.03 28.90 0.73
C LEU C 595 11.73 28.47 -0.55
N THR C 596 12.75 29.20 -0.97
CA THR C 596 13.52 28.80 -2.16
C THR C 596 14.25 27.49 -1.92
N ALA C 597 14.93 27.36 -0.79
CA ALA C 597 15.65 26.15 -0.45
C ALA C 597 14.76 25.10 0.21
N MET C 598 13.53 25.47 0.58
CA MET C 598 12.61 24.52 1.19
C MET C 598 12.41 23.29 0.32
N THR C 599 12.06 23.51 -0.95
CA THR C 599 11.78 22.39 -1.85
C THR C 599 13.02 21.55 -2.12
N ALA C 600 14.17 22.20 -2.31
CA ALA C 600 15.39 21.46 -2.59
C ALA C 600 15.79 20.60 -1.39
N LEU C 601 15.71 21.14 -0.19
CA LEU C 601 16.05 20.38 1.00
C LEU C 601 15.08 19.22 1.20
N GLY C 602 13.79 19.45 0.96
CA GLY C 602 12.83 18.36 1.04
C GLY C 602 13.11 17.27 0.03
N VAL C 603 13.47 17.66 -1.21
CA VAL C 603 13.79 16.67 -2.24
C VAL C 603 15.01 15.85 -1.84
N THR C 604 16.03 16.51 -1.28
CA THR C 604 17.21 15.78 -0.82
C THR C 604 16.84 14.80 0.28
N ALA C 605 16.00 15.23 1.22
CA ALA C 605 15.57 14.33 2.29
C ALA C 605 14.82 13.13 1.73
N THR C 606 13.93 13.36 0.76
CA THR C 606 13.16 12.27 0.18
C THR C 606 14.05 11.28 -0.57
N VAL C 607 14.99 11.78 -1.36
CA VAL C 607 15.87 10.88 -2.11
C VAL C 607 16.77 10.12 -1.15
N ALA C 608 17.19 10.76 -0.05
CA ALA C 608 17.99 10.08 0.94
C ALA C 608 17.20 8.96 1.62
N ARG C 609 15.94 9.22 1.99
CA ARG C 609 15.16 8.20 2.68
C ARG C 609 14.79 7.07 1.72
N SER C 610 14.61 7.37 0.44
CA SER C 610 14.31 6.31 -0.53
C SER C 610 15.55 5.49 -0.86
N PHE C 611 16.73 6.11 -0.81
CA PHE C 611 17.95 5.42 -1.23
C PHE C 611 18.43 4.44 -0.17
N ILE C 612 18.21 4.74 1.10
CA ILE C 612 18.75 3.93 2.19
C ILE C 612 18.10 2.55 2.19
N PRO C 613 18.85 1.48 2.44
CA PRO C 613 18.24 0.16 2.59
C PRO C 613 17.59 0.01 3.97
N GLU C 614 16.72 -1.00 4.07
CA GLU C 614 16.00 -1.29 5.30
C GLU C 614 15.90 -2.80 5.47
N GLU C 615 15.37 -3.20 6.63
CA GLU C 615 15.19 -4.62 6.93
C GLU C 615 14.16 -5.25 6.00
N ALA C 621 13.39 -16.61 1.20
CA ALA C 621 14.41 -17.54 0.75
C ALA C 621 14.77 -17.30 -0.71
N PRO C 622 15.99 -16.84 -0.95
CA PRO C 622 16.41 -16.57 -2.34
C PRO C 622 16.37 -17.79 -3.23
N GLN C 623 16.68 -18.97 -2.69
CA GLN C 623 16.70 -20.17 -3.53
C GLN C 623 15.32 -20.52 -4.05
N LEU C 624 14.29 -20.41 -3.20
CA LEU C 624 12.94 -20.72 -3.64
C LEU C 624 12.47 -19.73 -4.70
N LEU C 625 12.78 -18.45 -4.52
CA LEU C 625 12.41 -17.44 -5.52
C LEU C 625 13.12 -17.71 -6.84
N LEU C 626 14.41 -18.04 -6.78
CA LEU C 626 15.13 -18.35 -8.02
C LEU C 626 14.54 -19.57 -8.71
N GLN C 627 14.19 -20.61 -7.94
CA GLN C 627 13.61 -21.81 -8.54
C GLN C 627 12.28 -21.52 -9.19
N THR C 628 11.40 -20.78 -8.51
CA THR C 628 10.09 -20.50 -9.08
C THR C 628 10.17 -19.50 -10.23
N ALA C 629 11.22 -18.68 -10.28
CA ALA C 629 11.41 -17.81 -11.44
C ALA C 629 11.94 -18.61 -12.62
N LEU C 630 12.89 -19.52 -12.39
CA LEU C 630 13.44 -20.33 -13.46
C LEU C 630 12.45 -21.36 -13.97
N ALA C 631 11.42 -21.69 -13.17
CA ALA C 631 10.38 -22.58 -13.66
C ALA C 631 9.65 -21.98 -14.86
N HIS C 632 9.50 -20.66 -14.89
CA HIS C 632 8.91 -19.95 -16.02
C HIS C 632 9.94 -19.38 -16.98
N MET C 633 11.18 -19.19 -16.54
CA MET C 633 12.20 -18.58 -17.39
C MET C 633 12.66 -19.56 -18.47
N HIS C 634 12.62 -20.86 -18.19
CA HIS C 634 12.95 -21.91 -19.14
C HIS C 634 14.42 -21.85 -19.57
N TYR C 635 14.77 -20.84 -20.36
CA TYR C 635 16.15 -20.60 -20.75
C TYR C 635 16.82 -19.63 -19.80
N LEU C 636 18.12 -19.42 -20.02
CA LEU C 636 18.92 -18.50 -19.25
C LEU C 636 20.11 -18.09 -20.10
N PRO C 637 20.51 -16.81 -20.09
CA PRO C 637 21.66 -16.34 -20.87
C PRO C 637 22.96 -16.99 -20.45
N GLY C 643 31.86 -15.17 -7.61
CA GLY C 643 30.65 -15.40 -6.83
C GLY C 643 29.44 -15.71 -7.69
N GLY C 644 28.85 -16.89 -7.45
CA GLY C 644 27.68 -17.28 -8.22
C GLY C 644 26.48 -16.38 -7.98
N ARG C 645 26.27 -15.97 -6.74
CA ARG C 645 25.15 -15.09 -6.42
C ARG C 645 25.32 -13.73 -7.12
N ASP C 646 26.54 -13.20 -7.14
CA ASP C 646 26.80 -11.94 -7.83
C ASP C 646 26.48 -12.05 -9.31
N ARG C 647 26.93 -13.13 -9.95
CA ARG C 647 26.66 -13.32 -11.36
C ARG C 647 25.16 -13.46 -11.63
N ALA C 648 24.47 -14.24 -10.78
CA ALA C 648 23.03 -14.43 -10.97
C ALA C 648 22.27 -13.13 -10.82
N TYR C 649 22.61 -12.34 -9.80
CA TYR C 649 21.92 -11.06 -9.60
C TYR C 649 22.24 -10.09 -10.73
N ARG C 650 23.49 -10.06 -11.20
CA ARG C 650 23.83 -9.18 -12.31
C ARG C 650 23.07 -9.56 -13.57
N GLN C 651 22.96 -10.87 -13.84
CA GLN C 651 22.20 -11.30 -15.01
C GLN C 651 20.72 -10.96 -14.87
N MET C 652 20.15 -11.14 -13.69
CA MET C 652 18.73 -10.83 -13.50
C MET C 652 18.48 -9.33 -13.58
N ALA C 653 19.48 -8.52 -13.19
CA ALA C 653 19.32 -7.08 -13.30
C ALA C 653 19.44 -6.61 -14.74
N GLN C 654 20.41 -7.16 -15.48
CA GLN C 654 20.56 -6.81 -16.89
C GLN C 654 19.35 -7.24 -17.70
N LEU C 655 18.83 -8.44 -17.42
CA LEU C 655 17.74 -8.99 -18.23
C LEU C 655 16.44 -8.24 -17.99
N LEU C 656 16.33 -7.51 -16.88
CA LEU C 656 15.13 -6.75 -16.54
C LEU C 656 15.58 -5.34 -16.14
N GLN C 657 15.56 -4.42 -17.10
CA GLN C 657 16.09 -3.08 -16.90
C GLN C 657 15.10 -2.21 -16.14
N TYR C 658 15.53 -0.97 -15.85
CA TYR C 658 14.72 0.02 -15.18
C TYR C 658 14.00 0.87 -16.23
N ARG C 659 12.80 1.36 -15.85
CA ARG C 659 11.95 2.03 -16.83
C ARG C 659 12.60 3.29 -17.38
N ALA C 660 13.02 4.19 -16.49
CA ALA C 660 13.65 5.43 -16.95
C ALA C 660 14.95 5.15 -17.67
N VAL C 661 15.64 4.07 -17.30
CA VAL C 661 16.84 3.67 -18.02
C VAL C 661 16.50 3.31 -19.46
N SER C 662 15.42 2.58 -19.67
CA SER C 662 15.01 2.22 -21.03
C SER C 662 14.59 3.46 -21.81
N LEU C 663 13.88 4.39 -21.17
CA LEU C 663 13.51 5.62 -21.88
C LEU C 663 14.73 6.45 -22.24
N LEU C 664 15.73 6.51 -21.35
CA LEU C 664 16.97 7.20 -21.68
C LEU C 664 17.71 6.52 -22.82
N GLU C 665 17.67 5.18 -22.85
CA GLU C 665 18.23 4.45 -23.98
C GLU C 665 17.54 4.82 -25.28
N GLU C 666 16.20 4.92 -25.25
CA GLU C 666 15.45 5.32 -26.44
C GLU C 666 15.82 6.74 -26.86
N LEU C 667 15.98 7.64 -25.88
CA LEU C 667 16.38 9.02 -26.19
C LEU C 667 17.75 9.08 -26.82
N LEU C 668 18.70 8.27 -26.33
CA LEU C 668 20.06 8.31 -26.82
C LEU C 668 20.25 7.49 -28.09
N SER C 669 19.26 6.69 -28.47
CA SER C 669 19.36 5.88 -29.68
C SER C 669 19.70 6.63 -30.97
N PRO C 670 19.10 7.80 -31.27
CA PRO C 670 19.43 8.44 -32.56
C PRO C 670 20.90 8.78 -32.73
N LEU C 671 21.57 9.24 -31.66
CA LEU C 671 22.98 9.56 -31.78
C LEU C 671 23.83 8.32 -31.97
N LEU C 672 23.46 7.22 -31.30
CA LEU C 672 24.19 5.97 -31.38
C LEU C 672 23.80 5.14 -32.58
N THR C 673 22.82 5.59 -33.38
CA THR C 673 22.32 4.78 -34.48
C THR C 673 23.39 4.45 -35.52
N PRO C 674 24.18 5.40 -36.05
CA PRO C 674 25.17 5.03 -37.06
C PRO C 674 26.46 4.47 -36.46
N LEU C 675 26.76 4.85 -35.22
CA LEU C 675 28.05 4.52 -34.63
C LEU C 675 28.23 3.02 -34.46
N PHE C 676 27.27 2.36 -33.82
CA PHE C 676 27.35 0.91 -33.65
C PHE C 676 27.27 0.18 -35.00
N LEU C 677 26.44 0.66 -35.92
CA LEU C 677 26.36 0.02 -37.23
C LEU C 677 27.70 0.08 -37.94
N LEU C 678 28.42 1.20 -37.79
CA LEU C 678 29.74 1.32 -38.40
C LEU C 678 30.77 0.46 -37.71
N PHE C 679 30.77 0.45 -36.38
CA PHE C 679 31.89 -0.10 -35.62
C PHE C 679 31.74 -1.58 -35.27
N TRP C 680 30.52 -2.12 -35.24
CA TRP C 680 30.29 -3.45 -34.71
C TRP C 680 29.90 -4.48 -35.78
N PHE C 681 29.28 -4.06 -36.88
CA PHE C 681 28.80 -5.01 -37.88
C PHE C 681 29.77 -5.18 -39.05
N ARG C 682 30.33 -4.09 -39.56
CA ARG C 682 31.12 -4.16 -40.78
C ARG C 682 32.34 -5.08 -40.66
N PRO C 683 33.19 -4.97 -39.64
CA PRO C 683 34.37 -5.87 -39.59
C PRO C 683 34.01 -7.34 -39.59
N ARG C 684 32.94 -7.72 -38.91
CA ARG C 684 32.50 -9.11 -38.85
C ARG C 684 31.38 -9.36 -39.87
N ALA C 685 31.78 -9.37 -41.14
CA ALA C 685 30.83 -9.60 -42.23
C ALA C 685 30.91 -11.04 -42.75
N LEU C 686 32.12 -11.54 -42.95
CA LEU C 686 32.30 -12.90 -43.47
C LEU C 686 31.67 -13.92 -42.54
N GLU C 687 31.80 -13.71 -41.23
CA GLU C 687 31.27 -14.67 -40.27
C GLU C 687 29.74 -14.71 -40.33
N ILE C 688 29.09 -13.56 -40.49
CA ILE C 688 27.63 -13.53 -40.60
C ILE C 688 27.17 -14.15 -41.92
N ILE C 689 27.90 -13.90 -43.01
CA ILE C 689 27.56 -14.56 -44.27
C ILE C 689 27.66 -16.06 -44.13
N ASP C 690 28.71 -16.54 -43.45
CA ASP C 690 28.84 -17.98 -43.20
C ASP C 690 27.71 -18.48 -42.30
N PHE C 691 27.26 -17.65 -41.35
CA PHE C 691 26.16 -18.04 -40.49
C PHE C 691 24.88 -18.29 -41.27
N PHE C 692 24.56 -17.38 -42.20
CA PHE C 692 23.43 -17.66 -43.10
C PHE C 692 23.70 -18.87 -43.99
N HIS C 693 24.94 -19.02 -44.46
CA HIS C 693 25.23 -20.06 -45.44
C HIS C 693 25.07 -21.47 -44.84
N HIS C 694 25.61 -21.70 -43.65
CA HIS C 694 25.73 -23.04 -43.12
C HIS C 694 24.53 -23.50 -42.29
N PHE C 695 23.60 -22.61 -41.96
CA PHE C 695 22.48 -22.96 -41.09
C PHE C 695 21.15 -22.65 -41.75
N THR C 696 21.07 -22.82 -43.07
CA THR C 696 19.83 -22.66 -43.81
C THR C 696 19.44 -24.00 -44.39
N VAL C 697 18.22 -24.44 -44.08
CA VAL C 697 17.70 -25.73 -44.53
C VAL C 697 16.48 -25.48 -45.43
N ASP C 698 16.49 -26.09 -46.61
CA ASP C 698 15.40 -25.97 -47.56
C ASP C 698 14.47 -27.17 -47.43
N VAL C 699 13.17 -26.90 -47.35
CA VAL C 699 12.16 -27.95 -47.25
C VAL C 699 11.10 -27.71 -48.30
N ALA C 700 10.40 -28.78 -48.68
CA ALA C 700 9.36 -28.69 -49.69
C ALA C 700 8.17 -27.91 -49.17
N GLY C 701 7.61 -27.06 -50.03
CA GLY C 701 6.44 -26.27 -49.68
C GLY C 701 6.77 -25.00 -48.92
N VAL C 702 7.18 -25.14 -47.66
CA VAL C 702 7.47 -23.97 -46.83
C VAL C 702 8.68 -23.22 -47.37
N GLY C 703 9.74 -23.94 -47.69
CA GLY C 703 10.92 -23.32 -48.26
C GLY C 703 12.11 -23.28 -47.32
N ASP C 704 12.49 -22.08 -46.90
CA ASP C 704 13.70 -21.86 -46.12
C ASP C 704 13.40 -21.78 -44.63
N ILE C 705 14.02 -22.67 -43.85
CA ILE C 705 13.88 -22.69 -42.40
C ILE C 705 15.25 -22.90 -41.79
N CYS C 706 15.53 -22.19 -40.70
CA CYS C 706 16.83 -22.29 -40.05
C CYS C 706 17.03 -23.67 -39.43
N SER C 707 18.30 -24.07 -39.34
CA SER C 707 18.64 -25.37 -38.77
C SER C 707 18.23 -25.48 -37.30
N PHE C 708 18.12 -24.36 -36.59
CA PHE C 708 17.81 -24.38 -35.17
C PHE C 708 16.32 -24.45 -34.88
N ALA C 709 15.47 -24.31 -35.90
CA ALA C 709 14.03 -24.43 -35.67
C ALA C 709 13.62 -25.89 -35.46
N LEU C 710 14.19 -26.79 -36.24
CA LEU C 710 13.85 -28.21 -36.13
C LEU C 710 14.46 -28.81 -34.87
#